data_3EAZ
# 
_entry.id   3EAZ 
# 
_audit_conform.dict_name       mmcif_pdbx.dic 
_audit_conform.dict_version    5.377 
_audit_conform.dict_location   http://mmcif.pdb.org/dictionaries/ascii/mmcif_pdbx.dic 
# 
loop_
_database_2.database_id 
_database_2.database_code 
_database_2.pdbx_database_accession 
_database_2.pdbx_DOI 
PDB   3EAZ         pdb_00003eaz 10.2210/pdb3eaz/pdb 
RCSB  RCSB049097   ?            ?                   
WWPDB D_1000049097 ?            ?                   
# 
loop_
_pdbx_database_related.db_name 
_pdbx_database_related.db_id 
_pdbx_database_related.details 
_pdbx_database_related.content_type 
PDB 3EAC 'Crystal structure of SH2 domain of Human Csk (carboxyl-terminal src kinase), Oxidized form.' unspecified 
PDB 1K9A .                                                                                             unspecified 
# 
_pdbx_database_status.status_code                     REL 
_pdbx_database_status.entry_id                        3EAZ 
_pdbx_database_status.recvd_initial_deposition_date   2008-08-26 
_pdbx_database_status.deposit_site                    RCSB 
_pdbx_database_status.process_site                    RCSB 
_pdbx_database_status.status_code_sf                  REL 
_pdbx_database_status.status_code_mr                  ? 
_pdbx_database_status.SG_entry                        ? 
_pdbx_database_status.status_code_cs                  ? 
_pdbx_database_status.pdb_format_compatible           Y 
_pdbx_database_status.status_code_nmr_data            ? 
_pdbx_database_status.methods_development_category    ? 
# 
loop_
_audit_author.name 
_audit_author.pdbx_ordinal 
'Liu, D.'      1 
'Seidel, R.D.' 2 
'Cowburn, D.'  3 
# 
_citation.id                        primary 
_citation.title                     
'Combining biophysical methods to analyze the disulfide bond in SH2 domain of C-terminal Src kinase.' 
_citation.journal_abbrev            'Biophys Rep' 
_citation.journal_volume            2 
_citation.page_first                33 
_citation.page_last                 43 
_citation.year                      2016 
_citation.journal_id_ASTM           ? 
_citation.country                   DE 
_citation.journal_id_ISSN           2364-3439 
_citation.journal_id_CSD            ? 
_citation.book_publisher            ? 
_citation.pdbx_database_id_PubMed   27819029 
_citation.pdbx_database_id_DOI      10.1007/s41048-016-0025-4 
# 
loop_
_citation_author.citation_id 
_citation_author.name 
_citation_author.ordinal 
_citation_author.identifier_ORCID 
primary 'Liu, D.'     1 ? 
primary 'Cowburn, D.' 2 ? 
# 
_cell.entry_id           3EAZ 
_cell.length_a           37.506 
_cell.length_b           48.148 
_cell.length_c           49.928 
_cell.angle_alpha        90.00 
_cell.angle_beta         90.00 
_cell.angle_gamma        90.00 
_cell.Z_PDB              4 
_cell.pdbx_unique_axis   ? 
_cell.length_a_esd       ? 
_cell.length_b_esd       ? 
_cell.length_c_esd       ? 
_cell.angle_alpha_esd    ? 
_cell.angle_beta_esd     ? 
_cell.angle_gamma_esd    ? 
# 
_symmetry.entry_id                         3EAZ 
_symmetry.space_group_name_H-M             'P 21 21 21' 
_symmetry.pdbx_full_space_group_name_H-M   ? 
_symmetry.cell_setting                     ? 
_symmetry.Int_Tables_number                19 
_symmetry.space_group_name_Hall            ? 
# 
loop_
_entity.id 
_entity.type 
_entity.src_method 
_entity.pdbx_description 
_entity.formula_weight 
_entity.pdbx_number_of_molecules 
_entity.pdbx_ec 
_entity.pdbx_mutation 
_entity.pdbx_fragment 
_entity.details 
1 polymer man 'Tyrosine-protein kinase CSK' 12146.848 1   2.7.10.2 C122S 'Csk, SH2 domain (UNP residues 73 to 178)' ? 
2 water   nat water                         18.015    118 ?        ?     ?                                          ? 
# 
_entity_name_com.entity_id   1 
_entity_name_com.name        'C-SRC kinase, Protein-tyrosine kinase CYL' 
# 
_entity_poly.entity_id                      1 
_entity_poly.type                           'polypeptide(L)' 
_entity_poly.nstd_linkage                   no 
_entity_poly.nstd_monomer                   no 
_entity_poly.pdbx_seq_one_letter_code       
;AGTKLSLMPWFHGKITREQAERLLYPPETGLFLVRESTNYPGDYTLCVSSDGKVEHYRIMYHASKLSIDEEVYFENLMQL
VEHYTSDADGLCTRLIKPKVMEGTVA
;
_entity_poly.pdbx_seq_one_letter_code_can   
;AGTKLSLMPWFHGKITREQAERLLYPPETGLFLVRESTNYPGDYTLCVSSDGKVEHYRIMYHASKLSIDEEVYFENLMQL
VEHYTSDADGLCTRLIKPKVMEGTVA
;
_entity_poly.pdbx_strand_id                 A 
_entity_poly.pdbx_target_identifier         ? 
# 
loop_
_entity_poly_seq.entity_id 
_entity_poly_seq.num 
_entity_poly_seq.mon_id 
_entity_poly_seq.hetero 
1 1   ALA n 
1 2   GLY n 
1 3   THR n 
1 4   LYS n 
1 5   LEU n 
1 6   SER n 
1 7   LEU n 
1 8   MET n 
1 9   PRO n 
1 10  TRP n 
1 11  PHE n 
1 12  HIS n 
1 13  GLY n 
1 14  LYS n 
1 15  ILE n 
1 16  THR n 
1 17  ARG n 
1 18  GLU n 
1 19  GLN n 
1 20  ALA n 
1 21  GLU n 
1 22  ARG n 
1 23  LEU n 
1 24  LEU n 
1 25  TYR n 
1 26  PRO n 
1 27  PRO n 
1 28  GLU n 
1 29  THR n 
1 30  GLY n 
1 31  LEU n 
1 32  PHE n 
1 33  LEU n 
1 34  VAL n 
1 35  ARG n 
1 36  GLU n 
1 37  SER n 
1 38  THR n 
1 39  ASN n 
1 40  TYR n 
1 41  PRO n 
1 42  GLY n 
1 43  ASP n 
1 44  TYR n 
1 45  THR n 
1 46  LEU n 
1 47  CYS n 
1 48  VAL n 
1 49  SER n 
1 50  SER n 
1 51  ASP n 
1 52  GLY n 
1 53  LYS n 
1 54  VAL n 
1 55  GLU n 
1 56  HIS n 
1 57  TYR n 
1 58  ARG n 
1 59  ILE n 
1 60  MET n 
1 61  TYR n 
1 62  HIS n 
1 63  ALA n 
1 64  SER n 
1 65  LYS n 
1 66  LEU n 
1 67  SER n 
1 68  ILE n 
1 69  ASP n 
1 70  GLU n 
1 71  GLU n 
1 72  VAL n 
1 73  TYR n 
1 74  PHE n 
1 75  GLU n 
1 76  ASN n 
1 77  LEU n 
1 78  MET n 
1 79  GLN n 
1 80  LEU n 
1 81  VAL n 
1 82  GLU n 
1 83  HIS n 
1 84  TYR n 
1 85  THR n 
1 86  SER n 
1 87  ASP n 
1 88  ALA n 
1 89  ASP n 
1 90  GLY n 
1 91  LEU n 
1 92  CYS n 
1 93  THR n 
1 94  ARG n 
1 95  LEU n 
1 96  ILE n 
1 97  LYS n 
1 98  PRO n 
1 99  LYS n 
1 100 VAL n 
1 101 MET n 
1 102 GLU n 
1 103 GLY n 
1 104 THR n 
1 105 VAL n 
1 106 ALA n 
# 
_entity_src_gen.entity_id                          1 
_entity_src_gen.pdbx_src_id                        1 
_entity_src_gen.pdbx_alt_source_flag               sample 
_entity_src_gen.pdbx_seq_type                      ? 
_entity_src_gen.pdbx_beg_seq_num                   ? 
_entity_src_gen.pdbx_end_seq_num                   ? 
_entity_src_gen.gene_src_common_name               human 
_entity_src_gen.gene_src_genus                     ? 
_entity_src_gen.pdbx_gene_src_gene                 CSK 
_entity_src_gen.gene_src_species                   ? 
_entity_src_gen.gene_src_strain                    'BL21(DE3)' 
_entity_src_gen.gene_src_tissue                    ? 
_entity_src_gen.gene_src_tissue_fraction           ? 
_entity_src_gen.gene_src_details                   ? 
_entity_src_gen.pdbx_gene_src_fragment             ? 
_entity_src_gen.pdbx_gene_src_scientific_name      'Homo sapiens' 
_entity_src_gen.pdbx_gene_src_ncbi_taxonomy_id     9606 
_entity_src_gen.pdbx_gene_src_variant              ? 
_entity_src_gen.pdbx_gene_src_cell_line            ? 
_entity_src_gen.pdbx_gene_src_atcc                 ? 
_entity_src_gen.pdbx_gene_src_organ                ? 
_entity_src_gen.pdbx_gene_src_organelle            ? 
_entity_src_gen.pdbx_gene_src_cell                 ? 
_entity_src_gen.pdbx_gene_src_cellular_location    ? 
_entity_src_gen.host_org_common_name               ? 
_entity_src_gen.pdbx_host_org_scientific_name      'Escherichia coli' 
_entity_src_gen.pdbx_host_org_ncbi_taxonomy_id     562 
_entity_src_gen.host_org_genus                     ? 
_entity_src_gen.pdbx_host_org_gene                 ? 
_entity_src_gen.pdbx_host_org_organ                ? 
_entity_src_gen.host_org_species                   ? 
_entity_src_gen.pdbx_host_org_tissue               ? 
_entity_src_gen.pdbx_host_org_tissue_fraction      ? 
_entity_src_gen.pdbx_host_org_strain               'BL21(DE3)' 
_entity_src_gen.pdbx_host_org_variant              ? 
_entity_src_gen.pdbx_host_org_cell_line            ? 
_entity_src_gen.pdbx_host_org_atcc                 ? 
_entity_src_gen.pdbx_host_org_culture_collection   ? 
_entity_src_gen.pdbx_host_org_cell                 ? 
_entity_src_gen.pdbx_host_org_organelle            ? 
_entity_src_gen.pdbx_host_org_cellular_location    ? 
_entity_src_gen.pdbx_host_org_vector_type          plasmid 
_entity_src_gen.pdbx_host_org_vector               ? 
_entity_src_gen.host_org_details                   ? 
_entity_src_gen.expression_system_id               ? 
_entity_src_gen.plasmid_name                       pTWIN1 
_entity_src_gen.plasmid_details                    ? 
_entity_src_gen.pdbx_description                   ? 
# 
_struct_ref.id                         1 
_struct_ref.db_name                    UNP 
_struct_ref.db_code                    CSK_HUMAN 
_struct_ref.pdbx_db_accession          P41240 
_struct_ref.entity_id                  1 
_struct_ref.pdbx_seq_one_letter_code   
;AGTKLSLMPWFHGKITREQAERLLYPPETGLFLVRESTNYPGDYTLCVSCDGKVEHYRIMYHASKLSIDEEVYFENLMQL
VEHYTSDADGLCTRLIKPKVMEGTVA
;
_struct_ref.pdbx_align_begin           73 
_struct_ref.pdbx_db_isoform            ? 
# 
_struct_ref_seq.align_id                      1 
_struct_ref_seq.ref_id                        1 
_struct_ref_seq.pdbx_PDB_id_code              3EAZ 
_struct_ref_seq.pdbx_strand_id                A 
_struct_ref_seq.seq_align_beg                 1 
_struct_ref_seq.pdbx_seq_align_beg_ins_code   ? 
_struct_ref_seq.seq_align_end                 106 
_struct_ref_seq.pdbx_seq_align_end_ins_code   ? 
_struct_ref_seq.pdbx_db_accession             P41240 
_struct_ref_seq.db_align_beg                  73 
_struct_ref_seq.pdbx_db_align_beg_ins_code    ? 
_struct_ref_seq.db_align_end                  178 
_struct_ref_seq.pdbx_db_align_end_ins_code    ? 
_struct_ref_seq.pdbx_auth_seq_align_beg       73 
_struct_ref_seq.pdbx_auth_seq_align_end       178 
# 
_struct_ref_seq_dif.align_id                     1 
_struct_ref_seq_dif.pdbx_pdb_id_code             3EAZ 
_struct_ref_seq_dif.mon_id                       SER 
_struct_ref_seq_dif.pdbx_pdb_strand_id           A 
_struct_ref_seq_dif.seq_num                      50 
_struct_ref_seq_dif.pdbx_pdb_ins_code            ? 
_struct_ref_seq_dif.pdbx_seq_db_name             UNP 
_struct_ref_seq_dif.pdbx_seq_db_accession_code   P41240 
_struct_ref_seq_dif.db_mon_id                    CYS 
_struct_ref_seq_dif.pdbx_seq_db_seq_num          122 
_struct_ref_seq_dif.details                      'engineered mutation' 
_struct_ref_seq_dif.pdbx_auth_seq_num            122 
_struct_ref_seq_dif.pdbx_ordinal                 1 
# 
loop_
_chem_comp.id 
_chem_comp.type 
_chem_comp.mon_nstd_flag 
_chem_comp.name 
_chem_comp.pdbx_synonyms 
_chem_comp.formula 
_chem_comp.formula_weight 
ALA 'L-peptide linking' y ALANINE         ? 'C3 H7 N O2'     89.093  
ARG 'L-peptide linking' y ARGININE        ? 'C6 H15 N4 O2 1' 175.209 
ASN 'L-peptide linking' y ASPARAGINE      ? 'C4 H8 N2 O3'    132.118 
ASP 'L-peptide linking' y 'ASPARTIC ACID' ? 'C4 H7 N O4'     133.103 
CYS 'L-peptide linking' y CYSTEINE        ? 'C3 H7 N O2 S'   121.158 
GLN 'L-peptide linking' y GLUTAMINE       ? 'C5 H10 N2 O3'   146.144 
GLU 'L-peptide linking' y 'GLUTAMIC ACID' ? 'C5 H9 N O4'     147.129 
GLY 'peptide linking'   y GLYCINE         ? 'C2 H5 N O2'     75.067  
HIS 'L-peptide linking' y HISTIDINE       ? 'C6 H10 N3 O2 1' 156.162 
HOH non-polymer         . WATER           ? 'H2 O'           18.015  
ILE 'L-peptide linking' y ISOLEUCINE      ? 'C6 H13 N O2'    131.173 
LEU 'L-peptide linking' y LEUCINE         ? 'C6 H13 N O2'    131.173 
LYS 'L-peptide linking' y LYSINE          ? 'C6 H15 N2 O2 1' 147.195 
MET 'L-peptide linking' y METHIONINE      ? 'C5 H11 N O2 S'  149.211 
PHE 'L-peptide linking' y PHENYLALANINE   ? 'C9 H11 N O2'    165.189 
PRO 'L-peptide linking' y PROLINE         ? 'C5 H9 N O2'     115.130 
SER 'L-peptide linking' y SERINE          ? 'C3 H7 N O3'     105.093 
THR 'L-peptide linking' y THREONINE       ? 'C4 H9 N O3'     119.119 
TRP 'L-peptide linking' y TRYPTOPHAN      ? 'C11 H12 N2 O2'  204.225 
TYR 'L-peptide linking' y TYROSINE        ? 'C9 H11 N O3'    181.189 
VAL 'L-peptide linking' y VALINE          ? 'C5 H11 N O2'    117.146 
# 
_exptl.entry_id          3EAZ 
_exptl.method            'X-RAY DIFFRACTION' 
_exptl.crystals_number   1 
# 
_exptl_crystal.id                    1 
_exptl_crystal.density_meas          ? 
_exptl_crystal.density_Matthews      1.86 
_exptl_crystal.density_percent_sol   33.72 
_exptl_crystal.description           ? 
_exptl_crystal.F_000                 ? 
_exptl_crystal.preparation           ? 
# 
_exptl_crystal_grow.crystal_id      1 
_exptl_crystal_grow.method          'VAPOR DIFFUSION, HANGING DROP' 
_exptl_crystal_grow.temp            298 
_exptl_crystal_grow.temp_details    ? 
_exptl_crystal_grow.pH              7.3 
_exptl_crystal_grow.pdbx_details    '22% PEG 4000, 100 mM Bis-Tris, pH 7.3., VAPOR DIFFUSION, HANGING DROP, temperature 298K' 
_exptl_crystal_grow.pdbx_pH_range   ? 
# 
_diffrn.id                     1 
_diffrn.ambient_temp           80 
_diffrn.ambient_temp_details   ? 
_diffrn.crystal_id             1 
# 
_diffrn_detector.diffrn_id              1 
_diffrn_detector.detector               'IMAGE PLATE' 
_diffrn_detector.type                   'MAR scanner 345 mm plate' 
_diffrn_detector.pdbx_collection_date   2008-03-26 
_diffrn_detector.details                mirrors 
# 
_diffrn_radiation.diffrn_id                        1 
_diffrn_radiation.wavelength_id                    1 
_diffrn_radiation.pdbx_monochromatic_or_laue_m_l   M 
_diffrn_radiation.monochromator                    ? 
_diffrn_radiation.pdbx_diffrn_protocol             'SINGLE WAVELENGTH' 
_diffrn_radiation.pdbx_scattering_type             x-ray 
# 
_diffrn_radiation_wavelength.id           1 
_diffrn_radiation_wavelength.wavelength   . 
_diffrn_radiation_wavelength.wt           1.0 
# 
_diffrn_source.diffrn_id                   1 
_diffrn_source.source                      SYNCHROTRON 
_diffrn_source.type                        'NSLS BEAMLINE X4C' 
_diffrn_source.pdbx_synchrotron_site       NSLS 
_diffrn_source.pdbx_synchrotron_beamline   X4C 
_diffrn_source.pdbx_wavelength             ? 
_diffrn_source.pdbx_wavelength_list        ? 
# 
_reflns.entry_id                     3EAZ 
_reflns.observed_criterion_sigma_I   2 
_reflns.observed_criterion_sigma_F   2 
_reflns.d_resolution_low             50 
_reflns.d_resolution_high            1.31 
_reflns.number_obs                   22354 
_reflns.number_all                   ? 
_reflns.percent_possible_obs         99.8 
_reflns.pdbx_Rmerge_I_obs            ? 
_reflns.pdbx_Rsym_value              ? 
_reflns.pdbx_netI_over_sigmaI        ? 
_reflns.B_iso_Wilson_estimate        ? 
_reflns.pdbx_redundancy              14 
_reflns.R_free_details               ? 
_reflns.limit_h_max                  ? 
_reflns.limit_h_min                  ? 
_reflns.limit_k_max                  ? 
_reflns.limit_k_min                  ? 
_reflns.limit_l_max                  ? 
_reflns.limit_l_min                  ? 
_reflns.observed_criterion_F_max     ? 
_reflns.observed_criterion_F_min     ? 
_reflns.pdbx_chi_squared             ? 
_reflns.pdbx_scaling_rejects         ? 
_reflns.pdbx_ordinal                 1 
_reflns.pdbx_diffrn_id               1 
# 
_reflns_shell.d_res_high             1.31 
_reflns_shell.d_res_low              ? 
_reflns_shell.percent_possible_all   ? 
_reflns_shell.Rmerge_I_obs           ? 
_reflns_shell.pdbx_Rsym_value        ? 
_reflns_shell.meanI_over_sigI_obs    ? 
_reflns_shell.pdbx_redundancy        ? 
_reflns_shell.percent_possible_obs   ? 
_reflns_shell.number_unique_all      21175 
_reflns_shell.number_measured_all    ? 
_reflns_shell.number_measured_obs    ? 
_reflns_shell.number_unique_obs      ? 
_reflns_shell.pdbx_chi_squared       ? 
_reflns_shell.pdbx_ordinal           1 
_reflns_shell.pdbx_diffrn_id         1 
# 
_refine.entry_id                                 3EAZ 
_refine.ls_number_reflns_obs                     21175 
_refine.ls_number_reflns_all                     ? 
_refine.pdbx_ls_sigma_I                          ? 
_refine.pdbx_ls_sigma_F                          ? 
_refine.pdbx_data_cutoff_high_absF               ? 
_refine.pdbx_data_cutoff_low_absF                ? 
_refine.pdbx_data_cutoff_high_rms_absF           ? 
_refine.ls_d_res_low                             25.46 
_refine.ls_d_res_high                            1.31 
_refine.ls_percent_reflns_obs                    99.83 
_refine.ls_R_factor_obs                          0.19556 
_refine.ls_R_factor_all                          ? 
_refine.ls_R_factor_R_work                       0.19403 
_refine.ls_R_factor_R_free                       0.22567 
_refine.ls_R_factor_R_free_error                 ? 
_refine.ls_R_factor_R_free_error_details         ? 
_refine.ls_percent_reflns_R_free                 5.1 
_refine.ls_number_reflns_R_free                  1140 
_refine.ls_number_parameters                     ? 
_refine.ls_number_restraints                     ? 
_refine.occupancy_min                            ? 
_refine.occupancy_max                            ? 
_refine.correlation_coeff_Fo_to_Fc               0.954 
_refine.correlation_coeff_Fo_to_Fc_free          0.936 
_refine.B_iso_mean                               10.507 
_refine.aniso_B[1][1]                            0.03 
_refine.aniso_B[2][2]                            0.02 
_refine.aniso_B[3][3]                            -0.05 
_refine.aniso_B[1][2]                            0.00 
_refine.aniso_B[1][3]                            0.00 
_refine.aniso_B[2][3]                            0.00 
_refine.solvent_model_details                    MASK 
_refine.solvent_model_param_ksol                 ? 
_refine.solvent_model_param_bsol                 ? 
_refine.pdbx_solvent_vdw_probe_radii             1.20 
_refine.pdbx_solvent_ion_probe_radii             0.80 
_refine.pdbx_solvent_shrinkage_radii             0.80 
_refine.pdbx_ls_cross_valid_method               THROUGHOUT 
_refine.details                                  'HYDROGENS HAVE BEEN ADDED IN THE RIDING POSITIONS' 
_refine.pdbx_starting_model                      3EAC 
_refine.pdbx_method_to_determine_struct          'MOLECULAR REPLACEMENT' 
_refine.pdbx_isotropic_thermal_model             ? 
_refine.pdbx_stereochemistry_target_values       'MAXIMUM LIKELIHOOD' 
_refine.pdbx_stereochem_target_val_spec_case     ? 
_refine.pdbx_R_Free_selection_details            RANDOM 
_refine.pdbx_overall_ESU_R                       0.055 
_refine.pdbx_overall_ESU_R_Free                  0.064 
_refine.overall_SU_ML                            0.034 
_refine.overall_SU_B                             0.776 
_refine.ls_redundancy_reflns_obs                 ? 
_refine.B_iso_min                                ? 
_refine.B_iso_max                                ? 
_refine.overall_SU_R_Cruickshank_DPI             ? 
_refine.overall_SU_R_free                        ? 
_refine.ls_wR_factor_R_free                      ? 
_refine.ls_wR_factor_R_work                      ? 
_refine.overall_FOM_free_R_set                   ? 
_refine.overall_FOM_work_R_set                   ? 
_refine.pdbx_overall_phase_error                 ? 
_refine.pdbx_refine_id                           'X-RAY DIFFRACTION' 
_refine.pdbx_diffrn_id                           1 
_refine.pdbx_TLS_residual_ADP_flag               ? 
_refine.pdbx_overall_SU_R_free_Cruickshank_DPI   ? 
_refine.pdbx_overall_SU_R_Blow_DPI               ? 
_refine.pdbx_overall_SU_R_free_Blow_DPI          ? 
# 
_refine_hist.pdbx_refine_id                   'X-RAY DIFFRACTION' 
_refine_hist.cycle_id                         LAST 
_refine_hist.pdbx_number_atoms_protein        828 
_refine_hist.pdbx_number_atoms_nucleic_acid   0 
_refine_hist.pdbx_number_atoms_ligand         0 
_refine_hist.number_atoms_solvent             118 
_refine_hist.number_atoms_total               946 
_refine_hist.d_res_high                       1.31 
_refine_hist.d_res_low                        25.46 
# 
_refine_ls_shell.pdbx_total_number_of_bins_used   20 
_refine_ls_shell.d_res_high                       1.310 
_refine_ls_shell.d_res_low                        1.344 
_refine_ls_shell.number_reflns_R_work             1514 
_refine_ls_shell.R_factor_R_work                  0.245 
_refine_ls_shell.percent_reflns_obs               98.96 
_refine_ls_shell.R_factor_R_free                  0.236 
_refine_ls_shell.R_factor_R_free_error            ? 
_refine_ls_shell.percent_reflns_R_free            ? 
_refine_ls_shell.number_reflns_R_free             97 
_refine_ls_shell.number_reflns_all                ? 
_refine_ls_shell.R_factor_all                     ? 
_refine_ls_shell.number_reflns_obs                ? 
_refine_ls_shell.redundancy_reflns_obs            ? 
_refine_ls_shell.pdbx_refine_id                   'X-RAY DIFFRACTION' 
# 
_struct.entry_id                  3EAZ 
_struct.title                     'Crystal structure of SH2 domain of Human Csk (carboxyl-terminal src kinase), C122S mutant.' 
_struct.pdbx_model_details        ? 
_struct.pdbx_CASP_flag            ? 
_struct.pdbx_model_type_details   ? 
# 
_struct_keywords.entry_id        3EAZ 
_struct_keywords.pdbx_keywords   TRANSFERASE 
_struct_keywords.text            
;SH2, CSK, DISULFIDE, OXIDIZED Reduced, ATP-binding, Cell membrane, Kinase, Membrane, Nucleotide-binding, Phosphoprotein, SH2 domain, SH3 domain, Transferase, Tyrosine-protein kinase
;
# 
loop_
_struct_asym.id 
_struct_asym.pdbx_blank_PDB_chainid_flag 
_struct_asym.pdbx_modified 
_struct_asym.entity_id 
_struct_asym.details 
A N N 1 ? 
B N N 2 ? 
# 
_struct_biol.id        1 
_struct_biol.details   ? 
# 
loop_
_struct_conf.conf_type_id 
_struct_conf.id 
_struct_conf.pdbx_PDB_helix_id 
_struct_conf.beg_label_comp_id 
_struct_conf.beg_label_asym_id 
_struct_conf.beg_label_seq_id 
_struct_conf.pdbx_beg_PDB_ins_code 
_struct_conf.end_label_comp_id 
_struct_conf.end_label_asym_id 
_struct_conf.end_label_seq_id 
_struct_conf.pdbx_end_PDB_ins_code 
_struct_conf.beg_auth_comp_id 
_struct_conf.beg_auth_asym_id 
_struct_conf.beg_auth_seq_id 
_struct_conf.end_auth_comp_id 
_struct_conf.end_auth_asym_id 
_struct_conf.end_auth_seq_id 
_struct_conf.pdbx_PDB_helix_class 
_struct_conf.details 
_struct_conf.pdbx_PDB_helix_length 
HELX_P HELX_P1 1 LYS A 4  ? MET A 8  ? LYS A 76  MET A 80  5 ? 5  
HELX_P HELX_P2 2 THR A 16 ? LEU A 24 ? THR A 88  LEU A 96  1 ? 9  
HELX_P HELX_P3 3 ASN A 76 ? ASP A 87 ? ASN A 148 ASP A 159 1 ? 12 
# 
_struct_conf_type.id          HELX_P 
_struct_conf_type.criteria    ? 
_struct_conf_type.reference   ? 
# 
_struct_mon_prot_cis.pdbx_id                1 
_struct_mon_prot_cis.label_comp_id          TYR 
_struct_mon_prot_cis.label_seq_id           25 
_struct_mon_prot_cis.label_asym_id          A 
_struct_mon_prot_cis.label_alt_id           . 
_struct_mon_prot_cis.pdbx_PDB_ins_code      ? 
_struct_mon_prot_cis.auth_comp_id           TYR 
_struct_mon_prot_cis.auth_seq_id            97 
_struct_mon_prot_cis.auth_asym_id           A 
_struct_mon_prot_cis.pdbx_label_comp_id_2   PRO 
_struct_mon_prot_cis.pdbx_label_seq_id_2    26 
_struct_mon_prot_cis.pdbx_label_asym_id_2   A 
_struct_mon_prot_cis.pdbx_PDB_ins_code_2    ? 
_struct_mon_prot_cis.pdbx_auth_comp_id_2    PRO 
_struct_mon_prot_cis.pdbx_auth_seq_id_2     98 
_struct_mon_prot_cis.pdbx_auth_asym_id_2    A 
_struct_mon_prot_cis.pdbx_PDB_model_num     1 
_struct_mon_prot_cis.pdbx_omega_angle       1.77 
# 
loop_
_struct_sheet.id 
_struct_sheet.type 
_struct_sheet.number_strands 
_struct_sheet.details 
A ? 4 ? 
B ? 2 ? 
# 
loop_
_struct_sheet_order.sheet_id 
_struct_sheet_order.range_id_1 
_struct_sheet_order.range_id_2 
_struct_sheet_order.offset 
_struct_sheet_order.sense 
A 1 2 ? anti-parallel 
A 2 3 ? anti-parallel 
A 3 4 ? parallel      
B 1 2 ? anti-parallel 
# 
loop_
_struct_sheet_range.sheet_id 
_struct_sheet_range.id 
_struct_sheet_range.beg_label_comp_id 
_struct_sheet_range.beg_label_asym_id 
_struct_sheet_range.beg_label_seq_id 
_struct_sheet_range.pdbx_beg_PDB_ins_code 
_struct_sheet_range.end_label_comp_id 
_struct_sheet_range.end_label_asym_id 
_struct_sheet_range.end_label_seq_id 
_struct_sheet_range.pdbx_end_PDB_ins_code 
_struct_sheet_range.beg_auth_comp_id 
_struct_sheet_range.beg_auth_asym_id 
_struct_sheet_range.beg_auth_seq_id 
_struct_sheet_range.end_auth_comp_id 
_struct_sheet_range.end_auth_asym_id 
_struct_sheet_range.end_auth_seq_id 
A 1 LYS A 53 ? ARG A 58 ? LYS A 125 ARG A 130 
A 2 TYR A 44 ? SER A 50 ? TYR A 116 SER A 122 
A 3 LEU A 31 ? GLU A 36 ? LEU A 103 GLU A 108 
A 4 LYS A 97 ? PRO A 98 ? LYS A 169 PRO A 170 
B 1 MET A 60 ? HIS A 62 ? MET A 132 HIS A 134 
B 2 LYS A 65 ? SER A 67 ? LYS A 137 SER A 139 
# 
loop_
_pdbx_struct_sheet_hbond.sheet_id 
_pdbx_struct_sheet_hbond.range_id_1 
_pdbx_struct_sheet_hbond.range_id_2 
_pdbx_struct_sheet_hbond.range_1_label_atom_id 
_pdbx_struct_sheet_hbond.range_1_label_comp_id 
_pdbx_struct_sheet_hbond.range_1_label_asym_id 
_pdbx_struct_sheet_hbond.range_1_label_seq_id 
_pdbx_struct_sheet_hbond.range_1_PDB_ins_code 
_pdbx_struct_sheet_hbond.range_1_auth_atom_id 
_pdbx_struct_sheet_hbond.range_1_auth_comp_id 
_pdbx_struct_sheet_hbond.range_1_auth_asym_id 
_pdbx_struct_sheet_hbond.range_1_auth_seq_id 
_pdbx_struct_sheet_hbond.range_2_label_atom_id 
_pdbx_struct_sheet_hbond.range_2_label_comp_id 
_pdbx_struct_sheet_hbond.range_2_label_asym_id 
_pdbx_struct_sheet_hbond.range_2_label_seq_id 
_pdbx_struct_sheet_hbond.range_2_PDB_ins_code 
_pdbx_struct_sheet_hbond.range_2_auth_atom_id 
_pdbx_struct_sheet_hbond.range_2_auth_comp_id 
_pdbx_struct_sheet_hbond.range_2_auth_asym_id 
_pdbx_struct_sheet_hbond.range_2_auth_seq_id 
A 1 2 O TYR A 57 ? O TYR A 129 N LEU A 46 ? N LEU A 118 
A 2 3 O CYS A 47 ? O CYS A 119 N LEU A 33 ? N LEU A 105 
A 3 4 N PHE A 32 ? N PHE A 104 O LYS A 97 ? O LYS A 169 
B 1 2 N HIS A 62 ? N HIS A 134 O LYS A 65 ? O LYS A 137 
# 
_atom_sites.entry_id                    3EAZ 
_atom_sites.fract_transf_matrix[1][1]   0.02087976 
_atom_sites.fract_transf_matrix[1][2]   0.00384524 
_atom_sites.fract_transf_matrix[1][3]   -0.01612799 
_atom_sites.fract_transf_matrix[2][1]   -0.01010513 
_atom_sites.fract_transf_matrix[2][2]   -0.00963024 
_atom_sites.fract_transf_matrix[2][3]   -0.01537843 
_atom_sites.fract_transf_matrix[3][1]   -0.00775671 
_atom_sites.fract_transf_matrix[3][2]   0.01750903 
_atom_sites.fract_transf_matrix[3][3]   -0.00586754 
_atom_sites.fract_transf_vector[1]      0.007282 
_atom_sites.fract_transf_vector[2]      0.036955 
_atom_sites.fract_transf_vector[3]      0.001908 
# 
loop_
_atom_type.symbol 
C 
N 
O 
S 
# 
loop_
_atom_site.group_PDB 
_atom_site.id 
_atom_site.type_symbol 
_atom_site.label_atom_id 
_atom_site.label_alt_id 
_atom_site.label_comp_id 
_atom_site.label_asym_id 
_atom_site.label_entity_id 
_atom_site.label_seq_id 
_atom_site.pdbx_PDB_ins_code 
_atom_site.Cartn_x 
_atom_site.Cartn_y 
_atom_site.Cartn_z 
_atom_site.occupancy 
_atom_site.B_iso_or_equiv 
_atom_site.pdbx_formal_charge 
_atom_site.auth_seq_id 
_atom_site.auth_comp_id 
_atom_site.auth_asym_id 
_atom_site.auth_atom_id 
_atom_site.pdbx_PDB_model_num 
ATOM   1   N N   . ALA A 1 1   ? 9.664   20.331  5.308   1.00 14.77 ? 73  ALA A N   1 
ATOM   2   C CA  . ALA A 1 1   ? 8.603   20.457  4.269   1.00 14.47 ? 73  ALA A CA  1 
ATOM   3   C C   . ALA A 1 1   ? 8.516   19.177  3.450   1.00 14.34 ? 73  ALA A C   1 
ATOM   4   O O   . ALA A 1 1   ? 9.535   18.546  3.157   1.00 15.02 ? 73  ALA A O   1 
ATOM   5   C CB  . ALA A 1 1   ? 8.895   21.631  3.355   1.00 15.06 ? 73  ALA A CB  1 
ATOM   6   N N   . GLY A 1 2   ? 7.284   18.725  3.153   1.00 13.44 ? 74  GLY A N   1 
ATOM   7   C CA  . GLY A 1 2   ? 7.066   17.682  2.165   1.00 12.16 ? 74  GLY A CA  1 
ATOM   8   C C   . GLY A 1 2   ? 5.664   17.660  1.630   1.00 10.46 ? 74  GLY A C   1 
ATOM   9   O O   . GLY A 1 2   ? 4.827   18.363  2.042   1.00 10.36 ? 74  GLY A O   1 
ATOM   10  N N   . THR A 1 3   ? 5.469   16.760  0.697   1.00 9.40  ? 75  THR A N   1 
ATOM   11  C CA  . THR A 1 3   ? 4.138   16.448  0.245   1.00 8.54  ? 75  THR A CA  1 
ATOM   12  C C   . THR A 1 3   ? 3.374   15.685  1.323   1.00 8.00  ? 75  THR A C   1 
ATOM   13  O O   . THR A 1 3   ? 3.913   15.119  2.159   1.00 7.47  ? 75  THR A O   1 
ATOM   14  C CB  . THR A 1 3   ? 4.122   15.575  -1.046  1.00 8.47  ? 75  THR A CB  1 
ATOM   15  O OG1 . THR A 1 3   ? 4.672   14.299  -0.724  1.00 8.78  ? 75  THR A OG1 1 
ATOM   16  C CG2 . THR A 1 3   ? 4.951   16.217  -2.153  1.00 9.76  ? 75  THR A CG2 1 
ATOM   17  N N   . LYS A 1 4   ? 2.074   15.741  1.204   1.00 8.28  ? 76  LYS A N   1 
ATOM   18  C CA  . LYS A 1 4   ? 1.186   15.009  2.107   1.00 9.19  ? 76  LYS A CA  1 
ATOM   19  C C   . LYS A 1 4   ? 1.564   13.512  2.108   1.00 8.61  ? 76  LYS A C   1 
ATOM   20  O O   . LYS A 1 4   ? 1.697   12.953  3.117   1.00 8.49  ? 76  LYS A O   1 
ATOM   21  C CB  . LYS A 1 4   ? -0.259  15.203  1.633   1.00 10.36 ? 76  LYS A CB  1 
ATOM   22  C CG  . LYS A 1 4   ? -1.230  14.730  2.671   1.00 13.44 ? 76  LYS A CG  1 
ATOM   23  C CD  . LYS A 1 4   ? -2.654  14.936  2.118   1.00 16.80 ? 76  LYS A CD  1 
ATOM   24  C CE  . LYS A 1 4   ? -3.596  15.587  3.008   1.00 18.50 ? 76  LYS A CE  1 
ATOM   25  N NZ  . LYS A 1 4   ? -4.905  15.691  2.253   1.00 18.46 ? 76  LYS A NZ  1 
ATOM   26  N N   . LEU A 1 5   ? 1.721   12.940  0.918   1.00 7.94  ? 77  LEU A N   1 
ATOM   27  C CA  . LEU A 1 5   ? 2.032   11.526  0.775   1.00 8.11  ? 77  LEU A CA  1 
ATOM   28  C C   . LEU A 1 5   ? 3.338   11.175  1.477   1.00 7.95  ? 77  LEU A C   1 
ATOM   29  O O   . LEU A 1 5   ? 3.438   10.141  2.136   1.00 7.98  ? 77  LEU A O   1 
ATOM   30  C CB  . LEU A 1 5   ? 2.112   11.142  -0.703  1.00 8.56  ? 77  LEU A CB  1 
ATOM   31  C CG  . LEU A 1 5   ? 2.525   9.701   -1.008  1.00 8.63  ? 77  LEU A CG  1 
ATOM   32  C CD1 . LEU A 1 5   ? 1.646   8.717   -0.248  1.00 9.07  ? 77  LEU A CD1 1 
ATOM   33  C CD2 . LEU A 1 5   ? 2.469   9.430   -2.504  1.00 9.63  ? 77  LEU A CD2 1 
ATOM   34  N N   . SER A 1 6   ? 4.339   12.039  1.335   1.00 7.86  ? 78  SER A N   1 
ATOM   35  C CA  . SER A 1 6   ? 5.627   11.793  1.965   1.00 8.68  ? 78  SER A CA  1 
ATOM   36  C C   . SER A 1 6   ? 5.596   11.655  3.492   1.00 8.64  ? 78  SER A C   1 
ATOM   37  O O   . SER A 1 6   ? 6.423   11.011  4.035   1.00 9.52  ? 78  SER A O   1 
ATOM   38  C CB  . SER A 1 6   ? 6.677   12.858  1.539   1.00 9.04  ? 78  SER A CB  1 
ATOM   39  O OG  . SER A 1 6   ? 6.499   14.055  2.235   1.00 9.46  ? 78  SER A OG  1 
ATOM   40  N N   . LEU A 1 7   ? 4.623   12.297  4.113   1.00 8.14  ? 79  LEU A N   1 
ATOM   41  C CA  . LEU A 1 7   ? 4.487   12.277  5.578   1.00 8.96  ? 79  LEU A CA  1 
ATOM   42  C C   . LEU A 1 7   ? 3.557   11.180  6.119   1.00 9.06  ? 79  LEU A C   1 
ATOM   43  O O   . LEU A 1 7   ? 3.386   11.034  7.280   1.00 9.83  ? 79  LEU A O   1 
ATOM   44  C CB  . LEU A 1 7   ? 4.100   13.663  6.129   1.00 8.69  ? 79  LEU A CB  1 
ATOM   45  C CG  . LEU A 1 7   ? 5.044   14.804  5.718   1.00 8.99  ? 79  LEU A CG  1 
ATOM   46  C CD1 . LEU A 1 7   ? 4.523   16.119  6.316   1.00 10.42 ? 79  LEU A CD1 1 
ATOM   47  C CD2 . LEU A 1 7   ? 6.468   14.521  6.149   1.00 12.26 ? 79  LEU A CD2 1 
ATOM   48  N N   . MET A 1 8   ? 2.965   10.391  5.229   1.00 8.95  ? 80  MET A N   1 
ATOM   49  C CA  . MET A 1 8   ? 2.042   9.340   5.665   1.00 8.91  ? 80  MET A CA  1 
ATOM   50  C C   . MET A 1 8   ? 2.780   8.140   6.267   1.00 8.54  ? 80  MET A C   1 
ATOM   51  O O   . MET A 1 8   ? 3.660   7.568   5.624   1.00 8.06  ? 80  MET A O   1 
ATOM   52  C CB  . MET A 1 8   ? 1.160   8.884   4.500   1.00 9.85  ? 80  MET A CB  1 
ATOM   53  C CG  . MET A 1 8   ? 0.415   10.014  3.809   1.00 11.87 ? 80  MET A CG  1 
ATOM   54  S SD  . MET A 1 8   ? -0.915  10.693  4.820   1.00 18.79 ? 80  MET A SD  1 
ATOM   55  C CE  . MET A 1 8   ? -1.823  9.204   5.229   1.00 20.36 ? 80  MET A CE  1 
ATOM   56  N N   . PRO A 1 9   ? 2.426   7.759   7.493   1.00 8.64  ? 81  PRO A N   1 
ATOM   57  C CA  . PRO A 1 9   ? 3.228   6.791   8.226   1.00 8.95  ? 81  PRO A CA  1 
ATOM   58  C C   . PRO A 1 9   ? 3.421   5.455   7.519   1.00 8.25  ? 81  PRO A C   1 
ATOM   59  O O   . PRO A 1 9   ? 4.388   4.858   7.711   1.00 9.04  ? 81  PRO A O   1 
ATOM   60  C CB  . PRO A 1 9   ? 2.467   6.617   9.539   1.00 9.72  ? 81  PRO A CB  1 
ATOM   61  C CG  . PRO A 1 9   ? 1.199   7.105   9.313   1.00 10.88 ? 81  PRO A CG  1 
ATOM   62  C CD  . PRO A 1 9   ? 1.275   8.196   8.302   1.00 9.33  ? 81  PRO A CD  1 
ATOM   63  N N   . TRP A 1 10  ? 2.476   5.104   6.685   1.00 7.41  ? 82  TRP A N   1 
ATOM   64  C CA  . TRP A 1 10  ? 2.534   3.876   5.893   1.00 6.85  ? 82  TRP A CA  1 
ATOM   65  C C   . TRP A 1 10  ? 3.335   3.969   4.610   1.00 6.61  ? 82  TRP A C   1 
ATOM   66  O O   . TRP A 1 10  ? 3.554   2.970   3.975   1.00 6.71  ? 82  TRP A O   1 
ATOM   67  C CB  . TRP A 1 10  ? 1.127   3.350   5.594   1.00 6.86  ? 82  TRP A CB  1 
ATOM   68  C CG  . TRP A 1 10  ? 0.156   4.442   5.136   1.00 6.35  ? 82  TRP A CG  1 
ATOM   69  C CD1 . TRP A 1 10  ? -0.775  5.020   5.885   1.00 7.01  ? 82  TRP A CD1 1 
ATOM   70  C CD2 . TRP A 1 10  ? 0.054   5.036   3.843   1.00 5.88  ? 82  TRP A CD2 1 
ATOM   71  N NE1 . TRP A 1 10  ? -1.466  5.931   5.157   1.00 6.68  ? 82  TRP A NE1 1 
ATOM   72  C CE2 . TRP A 1 10  ? -0.978  5.959   3.895   1.00 6.51  ? 82  TRP A CE2 1 
ATOM   73  C CE3 . TRP A 1 10  ? 0.698   4.817   2.618   1.00 5.79  ? 82  TRP A CE3 1 
ATOM   74  C CZ2 . TRP A 1 10  ? -1.384  6.696   2.794   1.00 6.91  ? 82  TRP A CZ2 1 
ATOM   75  C CZ3 . TRP A 1 10  ? 0.336   5.565   1.562   1.00 6.59  ? 82  TRP A CZ3 1 
ATOM   76  C CH2 . TRP A 1 10  ? -0.697  6.485   1.651   1.00 6.52  ? 82  TRP A CH2 1 
ATOM   77  N N   . PHE A 1 11  ? 3.749   5.182   4.243   1.00 6.48  ? 83  PHE A N   1 
ATOM   78  C CA  . PHE A 1 11  ? 4.452   5.343   2.972   1.00 6.76  ? 83  PHE A CA  1 
ATOM   79  C C   . PHE A 1 11  ? 5.959   5.238   3.148   1.00 6.91  ? 83  PHE A C   1 
ATOM   80  O O   . PHE A 1 11  ? 6.524   6.028   3.797   1.00 7.85  ? 83  PHE A O   1 
ATOM   81  C CB  . PHE A 1 11  ? 4.071   6.667   2.284   1.00 7.46  ? 83  PHE A CB  1 
ATOM   82  C CG  . PHE A 1 11  ? 4.653   6.778   0.912   1.00 7.43  ? 83  PHE A CG  1 
ATOM   83  C CD1 . PHE A 1 11  ? 4.274   5.900   -0.093  1.00 8.16  ? 83  PHE A CD1 1 
ATOM   84  C CD2 . PHE A 1 11  ? 5.648   7.707   0.643   1.00 7.47  ? 83  PHE A CD2 1 
ATOM   85  C CE1 . PHE A 1 11  ? 4.874   5.964   -1.385  1.00 8.69  ? 83  PHE A CE1 1 
ATOM   86  C CE2 . PHE A 1 11  ? 6.204   7.762   -0.639  1.00 8.12  ? 83  PHE A CE2 1 
ATOM   87  C CZ  . PHE A 1 11  ? 5.799   6.933   -1.630  1.00 8.11  ? 83  PHE A CZ  1 
ATOM   88  N N   . HIS A 1 12  ? 6.562   4.228   2.575   1.00 6.77  ? 84  HIS A N   1 
ATOM   89  C CA  . HIS A 1 12  ? 8.002   3.983   2.733   1.00 7.70  ? 84  HIS A CA  1 
ATOM   90  C C   . HIS A 1 12  ? 8.842   4.441   1.548   1.00 7.74  ? 84  HIS A C   1 
ATOM   91  O O   . HIS A 1 12  ? 9.992   4.237   1.539   1.00 8.89  ? 84  HIS A O   1 
ATOM   92  C CB  . HIS A 1 12  ? 8.230   2.488   3.006   1.00 7.91  ? 84  HIS A CB  1 
ATOM   93  C CG  . HIS A 1 12  ? 7.858   2.081   4.398   1.00 7.86  ? 84  HIS A CG  1 
ATOM   94  N ND1 . HIS A 1 12  ? 8.733   1.502   5.268   1.00 8.01  ? 84  HIS A ND1 1 
ATOM   95  C CD2 . HIS A 1 12  ? 6.680   2.179   5.041   1.00 7.66  ? 84  HIS A CD2 1 
ATOM   96  C CE1 . HIS A 1 12  ? 8.105   1.282   6.405   1.00 8.29  ? 84  HIS A CE1 1 
ATOM   97  N NE2 . HIS A 1 12  ? 6.859   1.690   6.298   1.00 8.34  ? 84  HIS A NE2 1 
ATOM   98  N N   . GLY A 1 13  ? 8.230   5.040   0.556   1.00 7.81  ? 85  GLY A N   1 
ATOM   99  C CA  . GLY A 1 13  ? 9.018   5.412   -0.604  1.00 8.05  ? 85  GLY A CA  1 
ATOM   100 C C   . GLY A 1 13  ? 9.637   4.243   -1.349  1.00 8.00  ? 85  GLY A C   1 
ATOM   101 O O   . GLY A 1 13  ? 9.093   3.173   -1.437  1.00 7.54  ? 85  GLY A O   1 
ATOM   102 N N   A LYS A 1 14  ? 10.836  4.508   -1.828  0.50 8.45  ? 86  LYS A N   1 
ATOM   103 N N   B LYS A 1 14  ? 10.849  4.497   -1.814  0.50 8.45  ? 86  LYS A N   1 
ATOM   104 C CA  A LYS A 1 14  ? 11.472  3.598   -2.742  0.50 9.40  ? 86  LYS A CA  1 
ATOM   105 C CA  B LYS A 1 14  ? 11.517  3.594   -2.738  0.50 9.40  ? 86  LYS A CA  1 
ATOM   106 C C   A LYS A 1 14  ? 12.243  2.602   -1.941  0.50 9.92  ? 86  LYS A C   1 
ATOM   107 C C   B LYS A 1 14  ? 12.247  2.337   -2.236  0.50 9.92  ? 86  LYS A C   1 
ATOM   108 O O   A LYS A 1 14  ? 13.325  2.872   -1.563  0.50 11.48 ? 86  LYS A O   1 
ATOM   109 O O   B LYS A 1 14  ? 13.272  1.904   -2.712  0.50 11.48 ? 86  LYS A O   1 
ATOM   110 C CB  A LYS A 1 14  ? 12.371  4.354   -3.741  0.50 9.76  ? 86  LYS A CB  1 
ATOM   111 C CB  B LYS A 1 14  ? 12.378  4.363   -3.748  0.50 9.76  ? 86  LYS A CB  1 
ATOM   112 C CG  A LYS A 1 14  ? 11.597  5.343   -4.619  0.50 10.18 ? 86  LYS A CG  1 
ATOM   113 C CG  B LYS A 1 14  ? 11.595  5.343   -4.619  0.50 10.18 ? 86  LYS A CG  1 
ATOM   114 C CD  A LYS A 1 14  ? 12.539  6.227   -5.457  0.50 12.98 ? 86  LYS A CD  1 
ATOM   115 C CD  B LYS A 1 14  ? 12.536  6.228   -5.458  0.50 12.98 ? 86  LYS A CD  1 
ATOM   116 C CE  A LYS A 1 14  ? 11.726  7.212   -6.215  0.50 14.74 ? 86  LYS A CE  1 
ATOM   117 C CE  B LYS A 1 14  ? 11.725  7.212   -6.216  0.50 14.74 ? 86  LYS A CE  1 
ATOM   118 N NZ  . LYS A 1 14  ? 12.566  8.003   -7.023  0.50 18.33 ? 86  LYS A NZ  1 
ATOM   119 N N   . ILE A 1 15  ? 11.597  1.536   -1.588  1.00 9.16  ? 87  ILE A N   1 
ATOM   120 C CA  . ILE A 1 15  ? 12.222  0.359   -0.991  1.00 8.44  ? 87  ILE A CA  1 
ATOM   121 C C   . ILE A 1 15  ? 11.856  -0.815  -1.884  1.00 7.90  ? 87  ILE A C   1 
ATOM   122 O O   . ILE A 1 15  ? 10.894  -0.732  -2.658  1.00 8.01  ? 87  ILE A O   1 
ATOM   123 C CB  . ILE A 1 15  ? 11.762  0.114   0.467   1.00 8.41  ? 87  ILE A CB  1 
ATOM   124 C CG1 . ILE A 1 15  ? 10.248  -0.183  0.555   1.00 7.79  ? 87  ILE A CG1 1 
ATOM   125 C CG2 . ILE A 1 15  ? 12.172  1.297   1.351   1.00 9.83  ? 87  ILE A CG2 1 
ATOM   126 C CD1 . ILE A 1 15  ? 9.797   -0.804  1.876   1.00 8.74  ? 87  ILE A CD1 1 
ATOM   127 N N   . THR A 1 16  ? 12.604  -1.878  -1.801  1.00 7.11  ? 88  THR A N   1 
ATOM   128 C CA  . THR A 1 16  ? 12.370  -3.036  -2.649  1.00 7.03  ? 88  THR A CA  1 
ATOM   129 C C   . THR A 1 16  ? 11.301  -3.953  -2.041  1.00 6.71  ? 88  THR A C   1 
ATOM   130 O O   . THR A 1 16  ? 10.964  -3.849  -0.911  1.00 6.54  ? 88  THR A O   1 
ATOM   131 C CB  . THR A 1 16  ? 13.663  -3.868  -2.887  1.00 6.88  ? 88  THR A CB  1 
ATOM   132 O OG1 . THR A 1 16  ? 14.038  -4.434  -1.639  1.00 7.80  ? 88  THR A OG1 1 
ATOM   133 C CG2 . THR A 1 16  ? 14.808  -2.996  -3.449  1.00 8.42  ? 88  THR A CG2 1 
ATOM   134 N N   . ARG A 1 17  ? 10.841  -4.890  -2.855  1.00 6.88  ? 89  ARG A N   1 
ATOM   135 C CA  . ARG A 1 17  ? 9.948   -5.968  -2.421  1.00 6.91  ? 89  ARG A CA  1 
ATOM   136 C C   . ARG A 1 17  ? 10.560  -6.740  -1.266  1.00 6.81  ? 89  ARG A C   1 
ATOM   137 O O   . ARG A 1 17  ? 9.914   -6.969  -0.304  1.00 6.74  ? 89  ARG A O   1 
ATOM   138 C CB  . ARG A 1 17  ? 9.681   -6.928  -3.588  1.00 7.46  ? 89  ARG A CB  1 
ATOM   139 C CG  . ARG A 1 17  ? 8.816   -8.064  -3.178  1.00 7.84  ? 89  ARG A CG  1 
ATOM   140 C CD  . ARG A 1 17  ? 8.801   -9.077  -4.354  1.00 11.43 ? 89  ARG A CD  1 
ATOM   141 N NE  . ARG A 1 17  ? 8.028   -10.260 -3.979  1.00 13.59 ? 89  ARG A NE  1 
ATOM   142 C CZ  . ARG A 1 17  ? 6.810   -10.474 -4.365  1.00 15.30 ? 89  ARG A CZ  1 
ATOM   143 N NH1 . ARG A 1 17  ? 6.217   -11.614 -4.013  1.00 16.82 ? 89  ARG A NH1 1 
ATOM   144 N NH2 . ARG A 1 17  ? 6.191   -9.607  -5.058  1.00 15.63 ? 89  ARG A NH2 1 
ATOM   145 N N   . GLU A 1 18  ? 11.828  -7.086  -1.380  1.00 6.77  ? 90  GLU A N   1 
ATOM   146 C CA  . GLU A 1 18  ? 12.507  -7.861  -0.324  1.00 6.80  ? 90  GLU A CA  1 
ATOM   147 C C   . GLU A 1 18  ? 12.623  -7.063  0.957   1.00 6.60  ? 90  GLU A C   1 
ATOM   148 O O   . GLU A 1 18  ? 12.482  -7.638  2.004   1.00 6.59  ? 90  GLU A O   1 
ATOM   149 C CB  . GLU A 1 18  ? 13.900  -8.363  -0.836  1.00 6.99  ? 90  GLU A CB  1 
ATOM   150 C CG  . GLU A 1 18  ? 13.837  -9.382  -1.982  1.00 8.92  ? 90  GLU A CG  1 
ATOM   151 C CD  . GLU A 1 18  ? 13.633  -8.783  -3.396  1.00 11.31 ? 90  GLU A CD  1 
ATOM   152 O OE1 . GLU A 1 18  ? 13.644  -7.588  -3.554  1.00 9.21  ? 90  GLU A OE1 1 
ATOM   153 O OE2 . GLU A 1 18  ? 13.516  -9.616  -4.291  1.00 14.13 ? 90  GLU A OE2 1 
ATOM   154 N N   . GLN A 1 19  ? 12.859  -5.762  0.877   1.00 6.53  ? 91  GLN A N   1 
ATOM   155 C CA  . GLN A 1 19  ? 12.917  -4.914  2.057   1.00 6.63  ? 91  GLN A CA  1 
ATOM   156 C C   . GLN A 1 19  ? 11.507  -4.818  2.696   1.00 6.66  ? 91  GLN A C   1 
ATOM   157 O O   . GLN A 1 19  ? 11.384  -4.832  3.861   1.00 7.06  ? 91  GLN A O   1 
ATOM   158 C CB  . GLN A 1 19  ? 13.417  -3.543  1.690   1.00 6.38  ? 91  GLN A CB  1 
ATOM   159 C CG  . GLN A 1 19  ? 14.927  -3.581  1.440   1.00 7.51  ? 91  GLN A CG  1 
ATOM   160 C CD  . GLN A 1 19  ? 15.565  -2.348  0.799   1.00 8.31  ? 91  GLN A CD  1 
ATOM   161 O OE1 . GLN A 1 19  ? 16.761  -2.180  0.914   1.00 11.43 ? 91  GLN A OE1 1 
ATOM   162 N NE2 . GLN A 1 19  ? 14.820  -1.562  0.103   1.00 6.73  ? 91  GLN A NE2 1 
ATOM   163 N N   . ALA A 1 20  ? 10.467  -4.729  1.909   1.00 6.79  ? 92  ALA A N   1 
ATOM   164 C CA  . ALA A 1 20  ? 9.085   -4.765  2.448   1.00 6.84  ? 92  ALA A CA  1 
ATOM   165 C C   . ALA A 1 20  ? 8.785   -6.065  3.196   1.00 7.22  ? 92  ALA A C   1 
ATOM   166 O O   . ALA A 1 20  ? 8.187   -6.031  4.235   1.00 7.52  ? 92  ALA A O   1 
ATOM   167 C CB  . ALA A 1 20  ? 8.066   -4.524  1.339   1.00 7.33  ? 92  ALA A CB  1 
ATOM   168 N N   . GLU A 1 21  ? 9.205   -7.168  2.615   1.00 7.70  ? 93  GLU A N   1 
ATOM   169 C CA  A GLU A 1 21  ? 9.062   -8.449  3.302   0.50 8.19  ? 93  GLU A CA  1 
ATOM   170 C CA  B GLU A 1 21  ? 9.221   -8.416  3.180   0.50 8.19  ? 93  GLU A CA  1 
ATOM   171 C C   . GLU A 1 21  ? 9.711   -8.491  4.691   1.00 8.48  ? 93  GLU A C   1 
ATOM   172 O O   . GLU A 1 21  ? 9.128   -8.986  5.564   1.00 9.16  ? 93  GLU A O   1 
ATOM   173 C CB  A GLU A 1 21  ? 9.587   -9.587  2.458   0.50 8.26  ? 93  GLU A CB  1 
ATOM   174 C CB  B GLU A 1 21  ? 9.752   -9.536  2.334   0.50 8.26  ? 93  GLU A CB  1 
ATOM   175 C CG  A GLU A 1 21  ? 8.807   -9.896  1.114   0.50 10.81 ? 93  GLU A CG  1 
ATOM   176 C CG  B GLU A 1 21  ? 8.964   -9.800  1.012   0.50 10.81 ? 93  GLU A CG  1 
ATOM   177 C CD  A GLU A 1 21  ? 7.618   -10.817 1.255   0.50 15.70 ? 93  GLU A CD  1 
ATOM   178 C CD  B GLU A 1 21  ? 9.548   -10.882 0.265   0.50 15.70 ? 93  GLU A CD  1 
ATOM   179 O OE1 A GLU A 1 21  ? 6.984   -11.072 0.246   0.50 17.56 ? 93  GLU A OE1 1 
ATOM   180 O OE1 B GLU A 1 21  ? 8.864   -11.855 0.382   0.50 17.56 ? 93  GLU A OE1 1 
ATOM   181 O OE2 A GLU A 1 21  ? 7.414   -11.322 2.366   0.50 16.95 ? 93  GLU A OE2 1 
ATOM   182 O OE2 B GLU A 1 21  ? 10.693  -10.827 -0.277  0.50 16.95 ? 93  GLU A OE2 1 
ATOM   183 N N   . ARG A 1 22  ? 10.858  -7.897  4.850   1.00 8.24  ? 94  ARG A N   1 
ATOM   184 C CA  . ARG A 1 22  ? 11.512  -7.826  6.126   1.00 8.96  ? 94  ARG A CA  1 
ATOM   185 C C   . ARG A 1 22  ? 10.848  -6.858  7.079   1.00 9.46  ? 94  ARG A C   1 
ATOM   186 O O   . ARG A 1 22  ? 10.827  -7.099  8.238   1.00 10.85 ? 94  ARG A O   1 
ATOM   187 C CB  . ARG A 1 22  ? 13.017  -7.487  5.900   1.00 8.97  ? 94  ARG A CB  1 
ATOM   188 C CG  . ARG A 1 22  ? 13.823  -8.674  5.303   1.00 8.77  ? 94  ARG A CG  1 
ATOM   189 C CD  . ARG A 1 22  ? 15.274  -8.315  4.861   1.00 9.69  ? 94  ARG A CD  1 
ATOM   190 N NE  . ARG A 1 22  ? 16.067  -7.771  5.959   1.00 9.85  ? 94  ARG A NE  1 
ATOM   191 C CZ  . ARG A 1 22  ? 16.579  -8.474  6.952   1.00 9.85  ? 94  ARG A CZ  1 
ATOM   192 N NH1 . ARG A 1 22  ? 16.413  -9.770  7.052   1.00 9.87  ? 94  ARG A NH1 1 
ATOM   193 N NH2 . ARG A 1 22  ? 17.313  -7.850  7.886   1.00 11.32 ? 94  ARG A NH2 1 
ATOM   194 N N   . LEU A 1 23  ? 10.288  -5.790  6.581   1.00 8.80  ? 95  LEU A N   1 
ATOM   195 C CA  . LEU A 1 23  ? 9.575   -4.833  7.402   1.00 8.88  ? 95  LEU A CA  1 
ATOM   196 C C   . LEU A 1 23  ? 8.265   -5.378  7.926   1.00 9.07  ? 95  LEU A C   1 
ATOM   197 O O   . LEU A 1 23  ? 7.852   -4.997  9.007   1.00 10.31 ? 95  LEU A O   1 
ATOM   198 C CB  . LEU A 1 23  ? 9.361   -3.545  6.615   1.00 9.36  ? 95  LEU A CB  1 
ATOM   199 C CG  . LEU A 1 23  ? 10.616  -2.719  6.443   1.00 9.16  ? 95  LEU A CG  1 
ATOM   200 C CD1 . LEU A 1 23  ? 10.405  -1.706  5.338   1.00 9.90  ? 95  LEU A CD1 1 
ATOM   201 C CD2 . LEU A 1 23  ? 11.102  -2.049  7.806   1.00 11.70 ? 95  LEU A CD2 1 
ATOM   202 N N   . LEU A 1 24  ? 7.620   -6.264  7.181   1.00 8.42  ? 96  LEU A N   1 
ATOM   203 C CA  . LEU A 1 24  ? 6.306   -6.796  7.562   1.00 8.54  ? 96  LEU A CA  1 
ATOM   204 C C   . LEU A 1 24  ? 6.460   -8.171  8.248   1.00 9.50  ? 96  LEU A C   1 
ATOM   205 O O   . LEU A 1 24  ? 5.697   -9.045  8.097   1.00 11.49 ? 96  LEU A O   1 
ATOM   206 C CB  . LEU A 1 24  ? 5.402   -6.895  6.297   1.00 8.25  ? 96  LEU A CB  1 
ATOM   207 C CG  . LEU A 1 24  ? 5.094   -5.521  5.683   1.00 7.05  ? 96  LEU A CG  1 
ATOM   208 C CD1 . LEU A 1 24  ? 4.369   -5.748  4.377   1.00 8.73  ? 96  LEU A CD1 1 
ATOM   209 C CD2 . LEU A 1 24  ? 4.236   -4.616  6.645   1.00 8.12  ? 96  LEU A CD2 1 
ATOM   210 N N   . TYR A 1 25  ? 7.455   -8.311  9.087   1.00 10.44 ? 97  TYR A N   1 
ATOM   211 C CA  . TYR A 1 25  ? 7.704   -9.579  9.745   1.00 11.26 ? 97  TYR A CA  1 
ATOM   212 C C   . TYR A 1 25  ? 7.982   -9.270  11.216  1.00 11.81 ? 97  TYR A C   1 
ATOM   213 O O   . TYR A 1 25  ? 8.579   -8.295  11.468  1.00 12.80 ? 97  TYR A O   1 
ATOM   214 C CB  . TYR A 1 25  ? 8.925   -10.255 9.115   1.00 11.54 ? 97  TYR A CB  1 
ATOM   215 C CG  . TYR A 1 25  ? 9.051   -11.712 9.551   1.00 11.68 ? 97  TYR A CG  1 
ATOM   216 C CD1 . TYR A 1 25  ? 8.426   -12.697 8.892   1.00 10.87 ? 97  TYR A CD1 1 
ATOM   217 C CD2 . TYR A 1 25  ? 9.737   -12.037 10.691  1.00 12.08 ? 97  TYR A CD2 1 
ATOM   218 C CE1 . TYR A 1 25  ? 8.498   -14.015 9.350   1.00 11.78 ? 97  TYR A CE1 1 
ATOM   219 C CE2 . TYR A 1 25  ? 9.810   -13.306 11.130  1.00 13.50 ? 97  TYR A CE2 1 
ATOM   220 C CZ  . TYR A 1 25  ? 9.250   -14.271 10.451  1.00 11.77 ? 97  TYR A CZ  1 
ATOM   221 O OH  . TYR A 1 25  ? 9.357   -15.515 10.982  1.00 14.18 ? 97  TYR A OH  1 
ATOM   222 N N   . PRO A 1 26  ? 7.458   -10.065 12.150  1.00 11.81 ? 98  PRO A N   1 
ATOM   223 C CA  . PRO A 1 26  ? 6.653   -11.254 11.915  1.00 11.50 ? 98  PRO A CA  1 
ATOM   224 C C   . PRO A 1 26  ? 5.234   -10.945 11.408  1.00 11.03 ? 98  PRO A C   1 
ATOM   225 O O   . PRO A 1 26  ? 4.828   -9.832  11.582  1.00 10.45 ? 98  PRO A O   1 
ATOM   226 C CB  . PRO A 1 26  ? 6.529   -11.873 13.331  1.00 11.98 ? 98  PRO A CB  1 
ATOM   227 C CG  . PRO A 1 26  ? 6.753   -10.828 14.237  1.00 13.52 ? 98  PRO A CG  1 
ATOM   228 C CD  . PRO A 1 26  ? 7.736   -9.875  13.600  1.00 12.37 ? 98  PRO A CD  1 
ATOM   229 N N   . PRO A 1 27  ? 4.600   -11.891 10.823  1.00 11.33 ? 99  PRO A N   1 
ATOM   230 C CA  . PRO A 1 27  ? 3.284   -11.586 10.288  1.00 11.00 ? 99  PRO A CA  1 
ATOM   231 C C   . PRO A 1 27  ? 2.312   -11.166 11.355  1.00 10.44 ? 99  PRO A C   1 
ATOM   232 O O   . PRO A 1 27  ? 2.303   -11.655 12.440  1.00 10.38 ? 99  PRO A O   1 
ATOM   233 C CB  . PRO A 1 27  ? 2.857   -12.865 9.611   1.00 11.92 ? 99  PRO A CB  1 
ATOM   234 C CG  . PRO A 1 27  ? 4.012   -13.748 9.559   1.00 12.32 ? 99  PRO A CG  1 
ATOM   235 C CD  . PRO A 1 27  ? 4.987   -13.282 10.558  1.00 12.11 ? 99  PRO A CD  1 
ATOM   236 N N   . GLU A 1 28  ? 1.479   -10.229 10.981  1.00 9.39  ? 100 GLU A N   1 
ATOM   237 C CA  . GLU A 1 28  ? 0.412   -9.722  11.816  1.00 9.43  ? 100 GLU A CA  1 
ATOM   238 C C   . GLU A 1 28  ? -0.653  -9.231  10.864  1.00 8.42  ? 100 GLU A C   1 
ATOM   239 O O   . GLU A 1 28  ? -0.444  -8.306  10.163  1.00 8.16  ? 100 GLU A O   1 
ATOM   240 C CB  . GLU A 1 28  ? 0.955   -8.568  12.594  1.00 10.36 ? 100 GLU A CB  1 
ATOM   241 C CG  . GLU A 1 28  ? 0.046   -7.867  13.408  1.00 14.07 ? 100 GLU A CG  1 
ATOM   242 C CD  . GLU A 1 28  ? 0.828   -6.741  14.142  1.00 18.26 ? 100 GLU A CD  1 
ATOM   243 O OE1 . GLU A 1 28  ? 0.255   -6.142  14.941  1.00 22.65 ? 100 GLU A OE1 1 
ATOM   244 O OE2 . GLU A 1 28  ? 2.008   -6.498  13.854  1.00 20.92 ? 100 GLU A OE2 1 
ATOM   245 N N   . THR A 1 29  ? -1.769  -9.936  10.809  1.00 8.18  ? 101 THR A N   1 
ATOM   246 C CA  . THR A 1 29  ? -2.772  -9.651  9.789   1.00 8.49  ? 101 THR A CA  1 
ATOM   247 C C   . THR A 1 29  ? -3.223  -8.186  9.836   1.00 8.33  ? 101 THR A C   1 
ATOM   248 O O   . THR A 1 29  ? -3.541  -7.678  10.843  1.00 8.87  ? 101 THR A O   1 
ATOM   249 C CB  . THR A 1 29  ? -3.951  -10.648 9.832   1.00 8.75  ? 101 THR A CB  1 
ATOM   250 O OG1 . THR A 1 29  ? -3.504  -11.928 9.361   1.00 9.95  ? 101 THR A OG1 1 
ATOM   251 C CG2 . THR A 1 29  ? -5.072  -10.231 8.887   1.00 9.67  ? 101 THR A CG2 1 
ATOM   252 N N   . GLY A 1 30  ? -3.195  -7.547  8.691   1.00 7.64  ? 102 GLY A N   1 
ATOM   253 C CA  . GLY A 1 30  ? -3.539  -6.115  8.578   1.00 7.62  ? 102 GLY A CA  1 
ATOM   254 C C   . GLY A 1 30  ? -2.390  -5.101  8.767   1.00 7.26  ? 102 GLY A C   1 
ATOM   255 O O   . GLY A 1 30  ? -2.595  -4.005  8.514   1.00 7.88  ? 102 GLY A O   1 
ATOM   256 N N   . LEU A 1 31  ? -1.221  -5.564  9.108   1.00 7.35  ? 103 LEU A N   1 
ATOM   257 C CA  . LEU A 1 31  ? -0.018  -4.720  9.083   1.00 7.14  ? 103 LEU A CA  1 
ATOM   258 C C   . LEU A 1 31  ? 0.367   -4.428  7.641   1.00 6.94  ? 103 LEU A C   1 
ATOM   259 O O   . LEU A 1 31  ? 0.427   -5.291  6.848   1.00 7.59  ? 103 LEU A O   1 
ATOM   260 C CB  . LEU A 1 31  ? 1.114   -5.454  9.777   1.00 7.53  ? 103 LEU A CB  1 
ATOM   261 C CG  . LEU A 1 31  ? 2.408   -4.661  9.996   1.00 7.29  ? 103 LEU A CG  1 
ATOM   262 C CD1 . LEU A 1 31  ? 2.265   -3.541  11.081  1.00 9.58  ? 103 LEU A CD1 1 
ATOM   263 C CD2 . LEU A 1 31  ? 3.574   -5.587  10.313  1.00 7.51  ? 103 LEU A CD2 1 
ATOM   264 N N   . PHE A 1 32  ? 0.564   -3.147  7.334   1.00 6.22  ? 104 PHE A N   1 
ATOM   265 C CA  . PHE A 1 32  ? 0.768   -2.790  5.916   1.00 6.07  ? 104 PHE A CA  1 
ATOM   266 C C   . PHE A 1 32  ? 1.732   -1.613  5.711   1.00 5.63  ? 104 PHE A C   1 
ATOM   267 O O   . PHE A 1 32  ? 1.933   -0.822  6.573   1.00 5.93  ? 104 PHE A O   1 
ATOM   268 C CB  . PHE A 1 32  ? -0.563  -2.489  5.213   1.00 5.97  ? 104 PHE A CB  1 
ATOM   269 C CG  . PHE A 1 32  ? -1.130  -1.122  5.574   1.00 5.57  ? 104 PHE A CG  1 
ATOM   270 C CD1 . PHE A 1 32  ? -1.740  -0.893  6.828   1.00 7.24  ? 104 PHE A CD1 1 
ATOM   271 C CD2 . PHE A 1 32  ? -0.994  -0.049  4.701   1.00 6.53  ? 104 PHE A CD2 1 
ATOM   272 C CE1 . PHE A 1 32  ? -2.286  0.356   7.138   1.00 7.03  ? 104 PHE A CE1 1 
ATOM   273 C CE2 . PHE A 1 32  ? -1.500  1.177   5.030   1.00 7.02  ? 104 PHE A CE2 1 
ATOM   274 C CZ  . PHE A 1 32  ? -2.147  1.376   6.226   1.00 7.12  ? 104 PHE A CZ  1 
ATOM   275 N N   . LEU A 1 33  ? 2.193   -1.512  4.458   1.00 5.72  ? 105 LEU A N   1 
ATOM   276 C CA  . LEU A 1 33  ? 2.916   -0.338  3.967   1.00 5.91  ? 105 LEU A CA  1 
ATOM   277 C C   . LEU A 1 33  ? 2.633   -0.167  2.491   1.00 5.29  ? 105 LEU A C   1 
ATOM   278 O O   . LEU A 1 33  ? 2.184   -1.061  1.824   1.00 4.89  ? 105 LEU A O   1 
ATOM   279 C CB  . LEU A 1 33  ? 4.445   -0.427  4.325   1.00 6.07  ? 105 LEU A CB  1 
ATOM   280 C CG  . LEU A 1 33  ? 5.196   -1.622  3.695   1.00 6.16  ? 105 LEU A CG  1 
ATOM   281 C CD1 . LEU A 1 33  ? 5.565   -1.292  2.251   1.00 7.26  ? 105 LEU A CD1 1 
ATOM   282 C CD2 . LEU A 1 33  ? 6.452   -1.893  4.553   1.00 6.86  ? 105 LEU A CD2 1 
ATOM   283 N N   . VAL A 1 34  ? 3.015   0.984   2.008   1.00 5.71  ? 106 VAL A N   1 
ATOM   284 C CA  . VAL A 1 34  ? 3.124   1.149   0.576   1.00 5.89  ? 106 VAL A CA  1 
ATOM   285 C C   . VAL A 1 34  ? 4.555   1.509   0.208   1.00 5.96  ? 106 VAL A C   1 
ATOM   286 O O   . VAL A 1 34  ? 5.184   2.334   0.809   1.00 6.13  ? 106 VAL A O   1 
ATOM   287 C CB  . VAL A 1 34  ? 2.132   2.269   0.043   1.00 6.05  ? 106 VAL A CB  1 
ATOM   288 C CG1 . VAL A 1 34  ? 2.236   2.399   -1.503  1.00 7.50  ? 106 VAL A CG1 1 
ATOM   289 C CG2 . VAL A 1 34  ? 0.663   1.867   0.377   1.00 6.85  ? 106 VAL A CG2 1 
ATOM   290 N N   . ARG A 1 35  ? 5.043   0.826   -0.822  1.00 5.48  ? 107 ARG A N   1 
ATOM   291 C CA  . ARG A 1 35  ? 6.352   1.102   -1.388  1.00 6.01  ? 107 ARG A CA  1 
ATOM   292 C C   . ARG A 1 35  ? 6.247   1.508   -2.853  1.00 6.28  ? 107 ARG A C   1 
ATOM   293 O O   . ARG A 1 35  ? 5.282   1.179   -3.542  1.00 6.32  ? 107 ARG A O   1 
ATOM   294 C CB  . ARG A 1 35  ? 7.266   -0.117  -1.245  1.00 5.80  ? 107 ARG A CB  1 
ATOM   295 C CG  . ARG A 1 35  ? 6.762   -1.359  -1.961  1.00 6.34  ? 107 ARG A CG  1 
ATOM   296 C CD  . ARG A 1 35  ? 7.869   -2.387  -2.129  1.00 6.98  ? 107 ARG A CD  1 
ATOM   297 N NE  . ARG A 1 35  ? 8.800   -2.018  -3.192  1.00 8.18  ? 107 ARG A NE  1 
ATOM   298 C CZ  . ARG A 1 35  ? 8.728   -2.472  -4.439  1.00 7.48  ? 107 ARG A CZ  1 
ATOM   299 N NH1 . ARG A 1 35  ? 9.619   -2.083  -5.341  1.00 8.99  ? 107 ARG A NH1 1 
ATOM   300 N NH2 . ARG A 1 35  ? 7.764   -3.315  -4.785  1.00 9.64  ? 107 ARG A NH2 1 
ATOM   301 N N   . GLU A 1 36  ? 7.256   2.225   -3.303  1.00 6.56  ? 108 GLU A N   1 
ATOM   302 C CA  . GLU A 1 36  ? 7.358   2.714   -4.702  1.00 7.07  ? 108 GLU A CA  1 
ATOM   303 C C   . GLU A 1 36  ? 8.519   2.035   -5.425  1.00 7.85  ? 108 GLU A C   1 
ATOM   304 O O   . GLU A 1 36  ? 9.558   1.901   -4.886  1.00 8.74  ? 108 GLU A O   1 
ATOM   305 C CB  . GLU A 1 36  ? 7.592   4.234   -4.644  1.00 6.97  ? 108 GLU A CB  1 
ATOM   306 C CG  . GLU A 1 36  ? 7.542   4.910   -6.040  1.00 7.87  ? 108 GLU A CG  1 
ATOM   307 C CD  . GLU A 1 36  ? 7.662   6.422   -6.001  1.00 7.70  ? 108 GLU A CD  1 
ATOM   308 O OE1 . GLU A 1 36  ? 7.527   6.985   -4.955  1.00 8.76  ? 108 GLU A OE1 1 
ATOM   309 O OE2 . GLU A 1 36  ? 7.865   6.947   -7.037  1.00 8.68  ? 108 GLU A OE2 1 
ATOM   310 N N   . SER A 1 37  ? 8.261   1.588   -6.649  1.00 9.62  ? 109 SER A N   1 
ATOM   311 C CA  . SER A 1 37  ? 9.337   1.047   -7.467  1.00 11.11 ? 109 SER A CA  1 
ATOM   312 C C   . SER A 1 37  ? 10.116  2.151   -8.101  1.00 12.18 ? 109 SER A C   1 
ATOM   313 O O   . SER A 1 37  ? 9.550   3.056   -8.590  1.00 12.35 ? 109 SER A O   1 
ATOM   314 C CB  . SER A 1 37  ? 8.693   0.200   -8.597  1.00 11.08 ? 109 SER A CB  1 
ATOM   315 O OG  . SER A 1 37  ? 9.701   -0.350  -9.475  1.00 12.64 ? 109 SER A OG  1 
ATOM   316 N N   . THR A 1 38  ? 11.432  1.978   -8.169  1.00 13.34 ? 110 THR A N   1 
ATOM   317 C CA  . THR A 1 38  ? 12.328  2.860   -8.950  1.00 15.17 ? 110 THR A CA  1 
ATOM   318 C C   . THR A 1 38  ? 12.122  2.775   -10.434 1.00 15.29 ? 110 THR A C   1 
ATOM   319 O O   . THR A 1 38  ? 12.508  3.613   -11.149 1.00 15.84 ? 110 THR A O   1 
ATOM   320 C CB  . THR A 1 38  ? 13.792  2.595   -8.611  1.00 15.61 ? 110 THR A CB  1 
ATOM   321 O OG1 . THR A 1 38  ? 14.127  1.270   -8.968  1.00 17.51 ? 110 THR A OG1 1 
ATOM   322 C CG2 . THR A 1 38  ? 14.030  2.722   -7.258  1.00 16.68 ? 110 THR A CG2 1 
ATOM   323 N N   . ASN A 1 39  ? 11.412  1.810   -10.898 1.00 15.27 ? 111 ASN A N   1 
ATOM   324 C CA  . ASN A 1 39  ? 11.112  1.734   -12.337 1.00 15.52 ? 111 ASN A CA  1 
ATOM   325 C C   . ASN A 1 39  ? 10.492  2.995   -12.930 1.00 15.16 ? 111 ASN A C   1 
ATOM   326 O O   . ASN A 1 39  ? 10.859  3.411   -13.983 1.00 15.65 ? 111 ASN A O   1 
ATOM   327 C CB  . ASN A 1 39  ? 10.234  0.537   -12.722 1.00 15.96 ? 111 ASN A CB  1 
ATOM   328 C CG  . ASN A 1 39  ? 10.222  0.297   -14.299 1.00 16.33 ? 111 ASN A CG  1 
ATOM   329 O OD1 . ASN A 1 39  ? 9.218   0.301   -14.854 1.00 17.27 ? 111 ASN A OD1 1 
ATOM   330 N ND2 . ASN A 1 39  ? 11.359  0.179   -14.908 1.00 17.73 ? 111 ASN A ND2 1 
ATOM   331 N N   . TYR A 1 40  ? 9.517   3.577   -12.238 1.00 14.17 ? 112 TYR A N   1 
ATOM   332 C CA  . TYR A 1 40  ? 8.754   4.648   -12.791 1.00 13.21 ? 112 TYR A CA  1 
ATOM   333 C C   . TYR A 1 40  ? 8.122   5.425   -11.602 1.00 12.20 ? 112 TYR A C   1 
ATOM   334 O O   . TYR A 1 40  ? 7.689   4.857   -10.658 1.00 11.36 ? 112 TYR A O   1 
ATOM   335 C CB  . TYR A 1 40  ? 7.651   4.089   -13.717 1.00 13.97 ? 112 TYR A CB  1 
ATOM   336 C CG  . TYR A 1 40  ? 7.101   5.075   -14.706 1.00 14.49 ? 112 TYR A CG  1 
ATOM   337 C CD1 . TYR A 1 40  ? 7.550   5.144   -16.024 1.00 14.93 ? 112 TYR A CD1 1 
ATOM   338 C CD2 . TYR A 1 40  ? 6.116   5.898   -14.361 1.00 15.33 ? 112 TYR A CD2 1 
ATOM   339 C CE1 . TYR A 1 40  ? 6.988   6.025   -16.865 1.00 16.64 ? 112 TYR A CE1 1 
ATOM   340 C CE2 . TYR A 1 40  ? 5.632   6.760   -15.170 1.00 17.01 ? 112 TYR A CE2 1 
ATOM   341 C CZ  . TYR A 1 40  ? 6.047   6.838   -16.416 1.00 16.48 ? 112 TYR A CZ  1 
ATOM   342 O OH  . TYR A 1 40  ? 5.514   7.742   -17.226 1.00 18.50 ? 112 TYR A OH  1 
ATOM   343 N N   . PRO A 1 41  ? 8.118   6.723   -11.689 1.00 11.23 ? 113 PRO A N   1 
ATOM   344 C CA  . PRO A 1 41  ? 7.529   7.528   -10.602 1.00 11.00 ? 113 PRO A CA  1 
ATOM   345 C C   . PRO A 1 41  ? 6.061   7.191   -10.341 1.00 10.20 ? 113 PRO A C   1 
ATOM   346 O O   . PRO A 1 41  ? 5.274   7.056   -11.200 1.00 10.48 ? 113 PRO A O   1 
ATOM   347 C CB  . PRO A 1 41  ? 7.630   8.979   -11.126 1.00 10.93 ? 113 PRO A CB  1 
ATOM   348 C CG  . PRO A 1 41  ? 7.986   8.855   -12.480 1.00 12.16 ? 113 PRO A CG  1 
ATOM   349 C CD  . PRO A 1 41  ? 8.689   7.581   -12.736 1.00 11.33 ? 113 PRO A CD  1 
ATOM   350 N N   . GLY A 1 42  ? 5.726   7.026   -9.086  1.00 11.58 ? 114 GLY A N   1 
ATOM   351 C CA  . GLY A 1 42  ? 4.377   6.634   -8.741  1.00 8.30  ? 114 GLY A CA  1 
ATOM   352 C C   . GLY A 1 42  ? 3.935   5.203   -9.046  1.00 7.09  ? 114 GLY A C   1 
ATOM   353 O O   . GLY A 1 42  ? 2.815   4.901   -8.952  1.00 6.84  ? 114 GLY A O   1 
ATOM   354 N N   . ASP A 1 43  ? 4.893   4.350   -9.334  1.00 6.12  ? 115 ASP A N   1 
ATOM   355 C CA  . ASP A 1 43  ? 4.622   2.920   -9.414  1.00 6.14  ? 115 ASP A CA  1 
ATOM   356 C C   . ASP A 1 43  ? 4.615   2.337   -7.997  1.00 5.82  ? 115 ASP A C   1 
ATOM   357 O O   . ASP A 1 43  ? 5.620   2.094   -7.421  1.00 6.72  ? 115 ASP A O   1 
ATOM   358 C CB  . ASP A 1 43  ? 5.657   2.249   -10.325 1.00 6.54  ? 115 ASP A CB  1 
ATOM   359 C CG  . ASP A 1 43  ? 5.415   0.753   -10.515 1.00 7.91  ? 115 ASP A CG  1 
ATOM   360 O OD1 . ASP A 1 43  ? 4.537   0.139   -9.930  1.00 6.92  ? 115 ASP A OD1 1 
ATOM   361 O OD2 . ASP A 1 43  ? 6.165   0.219   -11.324 1.00 8.68  ? 115 ASP A OD2 1 
ATOM   362 N N   . TYR A 1 44  ? 3.406   2.149   -7.507  1.00 5.41  ? 116 TYR A N   1 
ATOM   363 C CA  . TYR A 1 44  ? 3.231   1.778   -6.094  1.00 5.46  ? 116 TYR A CA  1 
ATOM   364 C C   . TYR A 1 44  ? 2.785   0.322   -5.980  1.00 5.54  ? 116 TYR A C   1 
ATOM   365 O O   . TYR A 1 44  ? 2.051   -0.189  -6.796  1.00 6.04  ? 116 TYR A O   1 
ATOM   366 C CB  . TYR A 1 44  ? 2.164   2.668   -5.452  1.00 6.13  ? 116 TYR A CB  1 
ATOM   367 C CG  . TYR A 1 44  ? 2.494   4.129   -5.453  1.00 5.97  ? 116 TYR A CG  1 
ATOM   368 C CD1 . TYR A 1 44  ? 1.588   5.039   -5.959  1.00 6.12  ? 116 TYR A CD1 1 
ATOM   369 C CD2 . TYR A 1 44  ? 3.658   4.623   -4.923  1.00 5.69  ? 116 TYR A CD2 1 
ATOM   370 C CE1 . TYR A 1 44  ? 1.862   6.386   -5.977  1.00 6.68  ? 116 TYR A CE1 1 
ATOM   371 C CE2 . TYR A 1 44  ? 3.927   5.991   -4.934  1.00 6.03  ? 116 TYR A CE2 1 
ATOM   372 C CZ  . TYR A 1 44  ? 3.032   6.847   -5.476  1.00 6.21  ? 116 TYR A CZ  1 
ATOM   373 O OH  . TYR A 1 44  ? 3.322   8.204   -5.477  1.00 7.58  ? 116 TYR A OH  1 
ATOM   374 N N   . THR A 1 45  ? 3.205   -0.257  -4.850  1.00 5.27  ? 117 THR A N   1 
ATOM   375 C CA  . THR A 1 45  ? 2.647   -1.536  -4.405  1.00 5.28  ? 117 THR A CA  1 
ATOM   376 C C   . THR A 1 45  ? 2.228   -1.405  -2.941  1.00 5.39  ? 117 THR A C   1 
ATOM   377 O O   . THR A 1 45  ? 2.994   -0.922  -2.118  1.00 5.19  ? 117 THR A O   1 
ATOM   378 C CB  . THR A 1 45  ? 3.684   -2.682  -4.591  1.00 5.36  ? 117 THR A CB  1 
ATOM   379 O OG1 . THR A 1 45  ? 4.001   -2.824  -5.984  1.00 6.32  ? 117 THR A OG1 1 
ATOM   380 C CG2 . THR A 1 45  ? 3.097   -4.010  -4.102  1.00 6.51  ? 117 THR A CG2 1 
ATOM   381 N N   . LEU A 1 46  ? 1.008   -1.821  -2.683  1.00 5.16  ? 118 LEU A N   1 
ATOM   382 C CA  . LEU A 1 46  ? 0.480   -1.952  -1.342  1.00 5.61  ? 118 LEU A CA  1 
ATOM   383 C C   . LEU A 1 46  ? 0.863   -3.350  -0.883  1.00 5.61  ? 118 LEU A C   1 
ATOM   384 O O   . LEU A 1 46  ? 0.470   -4.326  -1.477  1.00 6.24  ? 118 LEU A O   1 
ATOM   385 C CB  . LEU A 1 46  ? -1.060  -1.860  -1.445  1.00 5.49  ? 118 LEU A CB  1 
ATOM   386 C CG  . LEU A 1 46  ? -1.810  -2.246  -0.169  1.00 6.04  ? 118 LEU A CG  1 
ATOM   387 C CD1 . LEU A 1 46  ? -1.365  -1.274  1.028   1.00 7.90  ? 118 LEU A CD1 1 
ATOM   388 C CD2 . LEU A 1 46  ? -3.336  -2.145  -0.486  1.00 7.55  ? 118 LEU A CD2 1 
ATOM   389 N N   . CYS A 1 47  ? 1.541   -3.386  0.225   1.00 5.28  ? 119 CYS A N   1 
ATOM   390 C CA  . CYS A 1 47  ? 2.059   -4.625  0.805   1.00 5.70  ? 119 CYS A CA  1 
ATOM   391 C C   . CYS A 1 47  ? 1.395   -4.832  2.162   1.00 5.45  ? 119 CYS A C   1 
ATOM   392 O O   . CYS A 1 47  ? 1.496   -4.028  2.996   1.00 6.31  ? 119 CYS A O   1 
ATOM   393 C CB  . CYS A 1 47  ? 3.541   -4.490  1.085   1.00 5.93  ? 119 CYS A CB  1 
ATOM   394 S SG  . CYS A 1 47  ? 4.575   -4.177  -0.436  1.00 6.62  ? 119 CYS A SG  1 
ATOM   395 N N   . VAL A 1 48  ? 0.696   -5.948  2.286   1.00 5.55  ? 120 VAL A N   1 
ATOM   396 C CA  . VAL A 1 48  ? -0.069  -6.188  3.486   1.00 6.59  ? 120 VAL A CA  1 
ATOM   397 C C   . VAL A 1 48  ? 0.130   -7.622  3.993   1.00 6.07  ? 120 VAL A C   1 
ATOM   398 O O   . VAL A 1 48  ? 0.087   -8.532  3.242   1.00 6.54  ? 120 VAL A O   1 
ATOM   399 C CB  . VAL A 1 48  ? -1.530  -5.823  3.298   1.00 7.29  ? 120 VAL A CB  1 
ATOM   400 C CG1 . VAL A 1 48  ? -2.168  -6.628  2.186   1.00 9.12  ? 120 VAL A CG1 1 
ATOM   401 C CG2 . VAL A 1 48  ? -2.365  -5.896  4.640   1.00 7.71  ? 120 VAL A CG2 1 
ATOM   402 N N   . SER A 1 49  ? 0.312   -7.728  5.300   1.00 6.16  ? 121 SER A N   1 
ATOM   403 C CA  . SER A 1 49  ? 0.410   -9.009  5.934   1.00 6.52  ? 121 SER A CA  1 
ATOM   404 C C   . SER A 1 49  ? -0.976  -9.576  6.143   1.00 6.67  ? 121 SER A C   1 
ATOM   405 O O   . SER A 1 49  ? -1.817  -8.942  6.653   1.00 7.04  ? 121 SER A O   1 
ATOM   406 C CB  . SER A 1 49  ? 1.094   -8.829  7.291   1.00 6.88  ? 121 SER A CB  1 
ATOM   407 O OG  . SER A 1 49  ? 1.366   -10.100 7.912   1.00 6.82  ? 121 SER A OG  1 
ATOM   408 N N   . SER A 1 50  ? -1.130  -10.817 5.733   1.00 7.03  ? 122 SER A N   1 
ATOM   409 C CA  . SER A 1 50  ? -2.425  -11.503 5.897   1.00 7.96  ? 122 SER A CA  1 
ATOM   410 C C   . SER A 1 50  ? -2.222  -12.994 5.901   1.00 7.97  ? 122 SER A C   1 
ATOM   411 O O   . SER A 1 50  ? -1.629  -13.520 5.036   1.00 7.56  ? 122 SER A O   1 
ATOM   412 C CB  . SER A 1 50  ? -3.342  -11.121 4.688   1.00 8.31  ? 122 SER A CB  1 
ATOM   413 O OG  . SER A 1 50  ? -4.661  -11.584 4.979   1.00 10.15 ? 122 SER A OG  1 
ATOM   414 N N   . ASP A 1 51  ? -2.789  -13.659 6.928   1.00 8.46  ? 123 ASP A N   1 
ATOM   415 C CA  . ASP A 1 51  ? -2.782  -15.131 7.024   1.00 9.58  ? 123 ASP A CA  1 
ATOM   416 C C   . ASP A 1 51  ? -1.372  -15.729 6.958   1.00 10.16 ? 123 ASP A C   1 
ATOM   417 O O   . ASP A 1 51  ? -1.195  -16.772 6.498   1.00 11.27 ? 123 ASP A O   1 
ATOM   418 C CB  . ASP A 1 51  ? -3.696  -15.787 5.976   1.00 9.88  ? 123 ASP A CB  1 
ATOM   419 C CG  . ASP A 1 51  ? -5.169  -15.514 6.209   1.00 10.68 ? 123 ASP A CG  1 
ATOM   420 O OD1 . ASP A 1 51  ? -5.909  -15.354 5.266   1.00 12.22 ? 123 ASP A OD1 1 
ATOM   421 O OD2 . ASP A 1 51  ? -5.568  -15.372 7.331   1.00 12.00 ? 123 ASP A OD2 1 
ATOM   422 N N   . GLY A 1 52  ? -0.411  -14.992 7.498   1.00 10.02 ? 124 GLY A N   1 
ATOM   423 C CA  . GLY A 1 52  ? 0.939   -15.480 7.704   1.00 10.72 ? 124 GLY A CA  1 
ATOM   424 C C   . GLY A 1 52  ? 1.919   -15.153 6.604   1.00 10.55 ? 124 GLY A C   1 
ATOM   425 O O   . GLY A 1 52  ? 3.018   -15.626 6.622   1.00 11.11 ? 124 GLY A O   1 
ATOM   426 N N   . LYS A 1 53  ? 1.546   -14.346 5.648   1.00 10.33 ? 125 LYS A N   1 
ATOM   427 C CA  . LYS A 1 53  ? 2.480   -13.975 4.595   1.00 10.91 ? 125 LYS A CA  1 
ATOM   428 C C   . LYS A 1 53  ? 2.152   -12.529 4.114   1.00 9.78  ? 125 LYS A C   1 
ATOM   429 O O   . LYS A 1 53  ? 1.150   -11.973 4.439   1.00 10.01 ? 125 LYS A O   1 
ATOM   430 C CB  . LYS A 1 53  ? 2.391   -14.949 3.421   1.00 11.38 ? 125 LYS A CB  1 
ATOM   431 C CG  . LYS A 1 53  ? 1.032   -14.999 2.785   1.00 12.62 ? 125 LYS A CG  1 
ATOM   432 C CD  . LYS A 1 53  ? 1.024   -16.158 1.772   1.00 13.52 ? 125 LYS A CD  1 
ATOM   433 C CE  . LYS A 1 53  ? 1.795   -15.735 0.583   1.00 16.87 ? 125 LYS A CE  1 
ATOM   434 N NZ  . LYS A 1 53  ? 1.709   -16.538 -0.632  1.00 19.78 ? 125 LYS A NZ  1 
ATOM   435 N N   . VAL A 1 54  ? 2.990   -12.003 3.255   1.00 8.70  ? 126 VAL A N   1 
ATOM   436 C CA  . VAL A 1 54  ? 2.758   -10.717 2.631   1.00 7.97  ? 126 VAL A CA  1 
ATOM   437 C C   . VAL A 1 54  ? 2.113   -10.914 1.288   1.00 7.53  ? 126 VAL A C   1 
ATOM   438 O O   . VAL A 1 54  ? 2.536   -11.666 0.490   1.00 8.63  ? 126 VAL A O   1 
ATOM   439 C CB  . VAL A 1 54  ? 4.106   -9.937  2.456   1.00 7.51  ? 126 VAL A CB  1 
ATOM   440 C CG1 . VAL A 1 54  ? 3.867   -8.607  1.780   1.00 7.42  ? 126 VAL A CG1 1 
ATOM   441 C CG2 . VAL A 1 54  ? 4.786   -9.713  3.794   1.00 8.56  ? 126 VAL A CG2 1 
ATOM   442 N N   . GLU A 1 55  ? 1.029   -10.185 1.109   1.00 7.48  ? 127 GLU A N   1 
ATOM   443 C CA  . GLU A 1 55  ? 0.337   -10.009 -0.171  1.00 7.55  ? 127 GLU A CA  1 
ATOM   444 C C   . GLU A 1 55  ? 0.711   -8.654  -0.772  1.00 7.27  ? 127 GLU A C   1 
ATOM   445 O O   . GLU A 1 55  ? 0.831   -7.668  -0.102  1.00 8.19  ? 127 GLU A O   1 
ATOM   446 C CB  . GLU A 1 55  ? -1.180  -10.098 0.081   1.00 7.86  ? 127 GLU A CB  1 
ATOM   447 C CG  . GLU A 1 55  ? -1.644  -11.477 0.662   1.00 9.37  ? 127 GLU A CG  1 
ATOM   448 C CD  . GLU A 1 55  ? -1.476  -12.648 -0.287  1.00 11.51 ? 127 GLU A CD  1 
ATOM   449 O OE1 . GLU A 1 55  ? -1.192  -12.487 -1.475  1.00 13.23 ? 127 GLU A OE1 1 
ATOM   450 O OE2 . GLU A 1 55  ? -1.603  -13.737 0.200   1.00 13.44 ? 127 GLU A OE2 1 
ATOM   451 N N   . HIS A 1 56  ? 0.931   -8.660  -2.076  1.00 7.24  ? 128 HIS A N   1 
ATOM   452 C CA  . HIS A 1 56  ? 1.462   -7.494  -2.793  1.00 7.19  ? 128 HIS A CA  1 
ATOM   453 C C   . HIS A 1 56  ? 0.433   -7.088  -3.854  1.00 7.05  ? 128 HIS A C   1 
ATOM   454 O O   . HIS A 1 56  ? 0.181   -7.824  -4.743  1.00 8.41  ? 128 HIS A O   1 
ATOM   455 C CB  . HIS A 1 56  ? 2.783   -7.861  -3.525  1.00 7.53  ? 128 HIS A CB  1 
ATOM   456 C CG  . HIS A 1 56  ? 3.911   -8.151  -2.583  1.00 7.96  ? 128 HIS A CG  1 
ATOM   457 N ND1 . HIS A 1 56  ? 4.211   -9.386  -2.073  1.00 10.17 ? 128 HIS A ND1 1 
ATOM   458 C CD2 . HIS A 1 56  ? 4.817   -7.305  -2.082  1.00 7.07  ? 128 HIS A CD2 1 
ATOM   459 C CE1 . HIS A 1 56  ? 5.256   -9.273  -1.290  1.00 7.25  ? 128 HIS A CE1 1 
ATOM   460 N NE2 . HIS A 1 56  ? 5.638   -8.025  -1.285  1.00 9.99  ? 128 HIS A NE2 1 
ATOM   461 N N   . TYR A 1 57  ? -0.135  -5.926  -3.692  1.00 6.51  ? 129 TYR A N   1 
ATOM   462 C CA  . TYR A 1 57  ? -1.145  -5.406  -4.622  1.00 6.59  ? 129 TYR A CA  1 
ATOM   463 C C   . TYR A 1 57  ? -0.573  -4.200  -5.384  1.00 6.30  ? 129 TYR A C   1 
ATOM   464 O O   . TYR A 1 57  ? -0.466  -3.122  -4.836  1.00 6.10  ? 129 TYR A O   1 
ATOM   465 C CB  . TYR A 1 57  ? -2.387  -4.939  -3.876  1.00 7.24  ? 129 TYR A CB  1 
ATOM   466 C CG  . TYR A 1 57  ? -3.188  -6.068  -3.232  1.00 7.28  ? 129 TYR A CG  1 
ATOM   467 C CD1 . TYR A 1 57  ? -2.962  -6.445  -1.924  1.00 8.26  ? 129 TYR A CD1 1 
ATOM   468 C CD2 . TYR A 1 57  ? -4.178  -6.726  -3.936  1.00 7.84  ? 129 TYR A CD2 1 
ATOM   469 C CE1 . TYR A 1 57  ? -3.723  -7.432  -1.314  1.00 7.76  ? 129 TYR A CE1 1 
ATOM   470 C CE2 . TYR A 1 57  ? -4.945  -7.754  -3.340  1.00 8.21  ? 129 TYR A CE2 1 
ATOM   471 C CZ  . TYR A 1 57  ? -4.696  -8.085  -2.021  1.00 7.89  ? 129 TYR A CZ  1 
ATOM   472 O OH  . TYR A 1 57  ? -5.412  -9.024  -1.329  1.00 10.43 ? 129 TYR A OH  1 
ATOM   473 N N   . ARG A 1 58  ? -0.175  -4.430  -6.622  1.00 5.84  ? 130 ARG A N   1 
ATOM   474 C CA  . ARG A 1 58  ? 0.423   -3.382  -7.454  1.00 6.42  ? 130 ARG A CA  1 
ATOM   475 C C   . ARG A 1 58  ? -0.668  -2.438  -8.001  1.00 6.33  ? 130 ARG A C   1 
ATOM   476 O O   . ARG A 1 58  ? -1.661  -2.843  -8.545  1.00 6.07  ? 130 ARG A O   1 
ATOM   477 C CB  . ARG A 1 58  ? 1.211   -4.024  -8.591  1.00 7.83  ? 130 ARG A CB  1 
ATOM   478 C CG  . ARG A 1 58  ? 2.075   -2.974  -9.272  1.00 9.76  ? 130 ARG A CG  1 
ATOM   479 C CD  . ARG A 1 58  ? 3.372   -3.481  -9.428  1.00 10.34 ? 130 ARG A CD  1 
ATOM   480 N NE  . ARG A 1 58  ? 4.302   -2.695  -10.244 1.00 7.91  ? 130 ARG A NE  1 
ATOM   481 C CZ  . ARG A 1 58  ? 5.258   -3.280  -10.931 1.00 7.88  ? 130 ARG A CZ  1 
ATOM   482 N NH1 . ARG A 1 58  ? 5.281   -4.574  -11.023 1.00 9.99  ? 130 ARG A NH1 1 
ATOM   483 N NH2 . ARG A 1 58  ? 6.119   -2.585  -11.574 1.00 7.96  ? 130 ARG A NH2 1 
ATOM   484 N N   . ILE A 1 59  ? -0.465  -1.167  -7.786  1.00 5.70  ? 131 ILE A N   1 
ATOM   485 C CA  . ILE A 1 59  ? -1.364  -0.151  -8.329  1.00 6.14  ? 131 ILE A CA  1 
ATOM   486 C C   . ILE A 1 59  ? -1.318  -0.156  -9.879  1.00 5.96  ? 131 ILE A C   1 
ATOM   487 O O   . ILE A 1 59  ? -0.304  -0.360  -10.441 1.00 6.17  ? 131 ILE A O   1 
ATOM   488 C CB  . ILE A 1 59  ? -0.975  1.246   -7.731  1.00 5.60  ? 131 ILE A CB  1 
ATOM   489 C CG1 . ILE A 1 59  ? -1.594  1.460   -6.334  1.00 7.05  ? 131 ILE A CG1 1 
ATOM   490 C CG2 . ILE A 1 59  ? -1.425  2.401   -8.651  1.00 6.35  ? 131 ILE A CG2 1 
ATOM   491 C CD1 . ILE A 1 59  ? -1.037  0.531   -5.231  1.00 8.00  ? 131 ILE A CD1 1 
ATOM   492 N N   . MET A 1 60  ? -2.457  0.075   -10.484 1.00 6.16  ? 132 MET A N   1 
ATOM   493 C CA  . MET A 1 60  ? -2.480  0.469   -11.879 1.00 7.74  ? 132 MET A CA  1 
ATOM   494 C C   . MET A 1 60  ? -3.143  1.836   -11.988 1.00 7.23  ? 132 MET A C   1 
ATOM   495 O O   . MET A 1 60  ? -3.898  2.219   -11.189 1.00 7.21  ? 132 MET A O   1 
ATOM   496 C CB  . MET A 1 60  ? -3.250  -0.575  -12.714 1.00 7.81  ? 132 MET A CB  1 
ATOM   497 C CG  . MET A 1 60  ? -4.765  -0.557  -12.443 1.00 9.07  ? 132 MET A CG  1 
ATOM   498 S SD  . MET A 1 60  ? -5.544  -2.070  -12.982 1.00 12.94 ? 132 MET A SD  1 
ATOM   499 C CE  . MET A 1 60  ? -5.415  -2.996  -11.374 1.00 14.14 ? 132 MET A CE  1 
ATOM   500 N N   . TYR A 1 61  ? -2.783  2.504   -13.057 1.00 6.58  ? 133 TYR A N   1 
ATOM   501 C CA  . TYR A 1 61  ? -3.356  3.786   -13.480 1.00 6.86  ? 133 TYR A CA  1 
ATOM   502 C C   . TYR A 1 61  ? -4.121  3.587   -14.787 1.00 6.88  ? 133 TYR A C   1 
ATOM   503 O O   . TYR A 1 61  ? -3.585  3.109   -15.755 1.00 7.71  ? 133 TYR A O   1 
ATOM   504 C CB  . TYR A 1 61  ? -2.263  4.813   -13.719 1.00 6.99  ? 133 TYR A CB  1 
ATOM   505 C CG  . TYR A 1 61  ? -1.479  5.255   -12.485 1.00 6.61  ? 133 TYR A CG  1 
ATOM   506 C CD1 . TYR A 1 61  ? -1.728  6.458   -11.850 1.00 6.80  ? 133 TYR A CD1 1 
ATOM   507 C CD2 . TYR A 1 61  ? -0.460  4.465   -11.981 1.00 6.99  ? 133 TYR A CD2 1 
ATOM   508 C CE1 . TYR A 1 61  ? -0.967  6.868   -10.734 1.00 7.14  ? 133 TYR A CE1 1 
ATOM   509 C CE2 . TYR A 1 61  ? 0.291   4.903   -10.855 1.00 6.22  ? 133 TYR A CE2 1 
ATOM   510 C CZ  . TYR A 1 61  ? 0.013   6.078   -10.273 1.00 6.54  ? 133 TYR A CZ  1 
ATOM   511 O OH  . TYR A 1 61  ? 0.727   6.508   -9.192  1.00 6.80  ? 133 TYR A OH  1 
ATOM   512 N N   . HIS A 1 62  ? -5.388  3.939   -14.723 1.00 6.86  ? 134 HIS A N   1 
ATOM   513 C CA  . HIS A 1 62  ? -6.261  3.979   -15.912 1.00 7.17  ? 134 HIS A CA  1 
ATOM   514 C C   . HIS A 1 62  ? -6.776  5.381   -16.051 1.00 7.64  ? 134 HIS A C   1 
ATOM   515 O O   . HIS A 1 62  ? -7.499  5.825   -15.242 1.00 7.30  ? 134 HIS A O   1 
ATOM   516 C CB  . HIS A 1 62  ? -7.447  2.984   -15.798 1.00 7.54  ? 134 HIS A CB  1 
ATOM   517 C CG  . HIS A 1 62  ? -7.011  1.549   -15.794 1.00 7.67  ? 134 HIS A CG  1 
ATOM   518 N ND1 . HIS A 1 62  ? -7.860  0.536   -15.439 1.00 9.68  ? 134 HIS A ND1 1 
ATOM   519 C CD2 . HIS A 1 62  ? -5.835  0.961   -16.148 1.00 8.95  ? 134 HIS A CD2 1 
ATOM   520 C CE1 . HIS A 1 62  ? -7.243  -0.617  -15.604 1.00 8.71  ? 134 HIS A CE1 1 
ATOM   521 N NE2 . HIS A 1 62  ? -6.007  -0.395  -16.008 1.00 9.21  ? 134 HIS A NE2 1 
ATOM   522 N N   . ALA A 1 63  ? -6.339  6.052   -17.112 1.00 8.43  ? 135 ALA A N   1 
ATOM   523 C CA  . ALA A 1 63  ? -6.681  7.446   -17.359 1.00 9.01  ? 135 ALA A CA  1 
ATOM   524 C C   . ALA A 1 63  ? -6.421  8.286   -16.106 1.00 8.77  ? 135 ALA A C   1 
ATOM   525 O O   . ALA A 1 63  ? -7.235  9.061   -15.726 1.00 9.66  ? 135 ALA A O   1 
ATOM   526 C CB  . ALA A 1 63  ? -8.123  7.596   -17.876 1.00 9.92  ? 135 ALA A CB  1 
ATOM   527 N N   . SER A 1 64  ? -5.270  8.060   -15.521 1.00 8.70  ? 136 SER A N   1 
ATOM   528 C CA  A SER A 1 64  ? -4.764  8.707   -14.323 0.50 8.87  ? 136 SER A CA  1 
ATOM   529 C CA  B SER A 1 64  ? -4.737  8.713   -14.329 0.50 8.47  ? 136 SER A CA  1 
ATOM   530 C C   . SER A 1 64  ? -5.412  8.327   -13.000 1.00 8.28  ? 136 SER A C   1 
ATOM   531 O O   . SER A 1 64  ? -4.997  8.782   -12.015 1.00 8.26  ? 136 SER A O   1 
ATOM   532 C CB  A SER A 1 64  ? -4.743  10.230  -14.385 0.50 9.09  ? 136 SER A CB  1 
ATOM   533 C CB  B SER A 1 64  ? -4.721  10.237  -14.498 0.50 8.68  ? 136 SER A CB  1 
ATOM   534 O OG  A SER A 1 64  ? -6.056  10.671  -14.297 0.50 11.38 ? 136 SER A OG  1 
ATOM   535 O OG  B SER A 1 64  ? -3.794  10.615  -15.502 0.50 8.42  ? 136 SER A OG  1 
ATOM   536 N N   . LYS A 1 65  ? -6.417  7.488   -13.050 1.00 7.84  ? 137 LYS A N   1 
ATOM   537 C CA  . LYS A 1 65  ? -7.090  7.029   -11.831 1.00 7.56  ? 137 LYS A CA  1 
ATOM   538 C C   . LYS A 1 65  ? -6.441  5.734   -11.318 1.00 7.37  ? 137 LYS A C   1 
ATOM   539 O O   . LYS A 1 65  ? -6.094  4.902   -12.084 1.00 7.43  ? 137 LYS A O   1 
ATOM   540 C CB  . LYS A 1 65  ? -8.598  6.820   -12.063 1.00 7.94  ? 137 LYS A CB  1 
ATOM   541 C CG  . LYS A 1 65  ? -9.297  7.949   -12.838 1.00 9.45  ? 137 LYS A CG  1 
ATOM   542 C CD  . LYS A 1 65  ? -9.097  9.312   -12.169 1.00 12.14 ? 137 LYS A CD  1 
ATOM   543 C CE  . LYS A 1 65  ? -9.800  10.428  -12.974 1.00 14.48 ? 137 LYS A CE  1 
ATOM   544 N NZ  . LYS A 1 65  ? -9.699  11.703  -12.252 1.00 17.37 ? 137 LYS A NZ  1 
ATOM   545 N N   . LEU A 1 66  ? -6.269  5.627   -10.021 1.00 6.92  ? 138 LEU A N   1 
ATOM   546 C CA  . LEU A 1 66  ? -5.623  4.477   -9.378  1.00 6.71  ? 138 LEU A CA  1 
ATOM   547 C C   . LEU A 1 66  ? -6.602  3.384   -8.953  1.00 6.62  ? 138 LEU A C   1 
ATOM   548 O O   . LEU A 1 66  ? -7.671  3.612   -8.583  1.00 6.95  ? 138 LEU A O   1 
ATOM   549 C CB  . LEU A 1 66  ? -4.876  4.979   -8.099  1.00 6.61  ? 138 LEU A CB  1 
ATOM   550 C CG  . LEU A 1 66  ? -3.587  5.794   -8.322  1.00 6.60  ? 138 LEU A CG  1 
ATOM   551 C CD1 . LEU A 1 66  ? -3.988  7.212   -8.740  1.00 7.85  ? 138 LEU A CD1 1 
ATOM   552 C CD2 . LEU A 1 66  ? -2.836  5.787   -7.007  1.00 8.18  ? 138 LEU A CD2 1 
ATOM   553 N N   . SER A 1 67  ? -6.189  2.144   -9.140  1.00 6.65  ? 139 SER A N   1 
ATOM   554 C CA  . SER A 1 67  ? -6.929  0.976   -8.678  1.00 6.92  ? 139 SER A CA  1 
ATOM   555 C C   . SER A 1 67  ? -5.934  -0.181  -8.365  1.00 7.12  ? 139 SER A C   1 
ATOM   556 O O   . SER A 1 67  ? -4.871  -0.226  -8.855  1.00 7.64  ? 139 SER A O   1 
ATOM   557 C CB  . SER A 1 67  ? -7.928  0.592   -9.753  1.00 7.14  ? 139 SER A CB  1 
ATOM   558 O OG  . SER A 1 67  ? -8.737  -0.533  -9.380  1.00 6.99  ? 139 SER A OG  1 
ATOM   559 N N   . ILE A 1 68  ? -6.371  -1.071  -7.489  1.00 7.26  ? 140 ILE A N   1 
ATOM   560 C CA  . ILE A 1 68  ? -5.692  -2.326  -7.393  1.00 8.01  ? 140 ILE A CA  1 
ATOM   561 C C   . ILE A 1 68  ? -6.510  -3.513  -7.843  1.00 8.24  ? 140 ILE A C   1 
ATOM   562 O O   . ILE A 1 68  ? -6.025  -4.561  -7.766  1.00 9.28  ? 140 ILE A O   1 
ATOM   563 C CB  . ILE A 1 68  ? -5.147  -2.593  -5.929  1.00 7.72  ? 140 ILE A CB  1 
ATOM   564 C CG1 . ILE A 1 68  ? -6.183  -2.307  -4.828  1.00 8.90  ? 140 ILE A CG1 1 
ATOM   565 C CG2 . ILE A 1 68  ? -3.905  -1.674  -5.609  1.00 7.85  ? 140 ILE A CG2 1 
ATOM   566 C CD1 . ILE A 1 68  ? -5.642  -2.524  -3.425  1.00 10.69 ? 140 ILE A CD1 1 
ATOM   567 N N   . ASP A 1 69  ? -7.726  -3.328  -8.295  1.00 7.94  ? 141 ASP A N   1 
ATOM   568 C CA  . ASP A 1 69  ? -8.642  -4.432  -8.702  1.00 8.15  ? 141 ASP A CA  1 
ATOM   569 C C   . ASP A 1 69  ? -9.430  -4.249  -9.971  1.00 8.79  ? 141 ASP A C   1 
ATOM   570 O O   . ASP A 1 69  ? -10.205 -5.128  -10.283 1.00 9.27  ? 141 ASP A O   1 
ATOM   571 C CB  . ASP A 1 69  ? -9.582  -4.808  -7.532  1.00 7.75  ? 141 ASP A CB  1 
ATOM   572 C CG  . ASP A 1 69  ? -10.628 -3.744  -7.245  1.00 8.06  ? 141 ASP A CG  1 
ATOM   573 O OD1 . ASP A 1 69  ? -10.601 -2.694  -7.899  1.00 6.83  ? 141 ASP A OD1 1 
ATOM   574 O OD2 . ASP A 1 69  ? -11.421 -3.974  -6.338  1.00 8.61  ? 141 ASP A OD2 1 
ATOM   575 N N   . GLU A 1 70  ? -9.267  -3.141  -10.684 1.00 9.16  ? 142 GLU A N   1 
ATOM   576 C CA  . GLU A 1 70  ? -10.075 -2.797  -11.895 1.00 10.18 ? 142 GLU A CA  1 
ATOM   577 C C   . GLU A 1 70  ? -11.572 -2.664  -11.597 1.00 9.85  ? 142 GLU A C   1 
ATOM   578 O O   . GLU A 1 70  ? -12.384 -2.652  -12.466 1.00 10.91 ? 142 GLU A O   1 
ATOM   579 C CB  . GLU A 1 70  ? -9.857  -3.774  -13.066 1.00 11.17 ? 142 GLU A CB  1 
ATOM   580 C CG  . GLU A 1 70  ? -8.404  -3.944  -13.407 1.00 13.33 ? 142 GLU A CG  1 
ATOM   581 C CD  . GLU A 1 70  ? -8.178  -4.294  -14.915 1.00 15.81 ? 142 GLU A CD  1 
ATOM   582 O OE1 . GLU A 1 70  ? -8.909  -3.853  -15.784 1.00 17.79 ? 142 GLU A OE1 1 
ATOM   583 O OE2 . GLU A 1 70  ? -7.224  -4.978  -15.183 1.00 16.84 ? 142 GLU A OE2 1 
ATOM   584 N N   . GLU A 1 71  ? -11.903 -2.517  -10.344 1.00 9.19  ? 143 GLU A N   1 
ATOM   585 C CA  . GLU A 1 71  ? -13.305 -2.334  -9.947  1.00 8.69  ? 143 GLU A CA  1 
ATOM   586 C C   . GLU A 1 71  ? -13.451 -0.968  -9.278  1.00 7.99  ? 143 GLU A C   1 
ATOM   587 O O   . GLU A 1 71  ? -14.293 -0.196  -9.655  1.00 8.35  ? 143 GLU A O   1 
ATOM   588 C CB  . GLU A 1 71  ? -13.795 -3.483  -9.004  1.00 9.20  ? 143 GLU A CB  1 
ATOM   589 C CG  . GLU A 1 71  ? -13.858 -4.902  -9.609  1.00 10.13 ? 143 GLU A CG  1 
ATOM   590 C CD  . GLU A 1 71  ? -15.109 -5.180  -10.399 1.00 11.40 ? 143 GLU A CD  1 
ATOM   591 O OE1 . GLU A 1 71  ? -16.001 -4.377  -10.463 1.00 11.64 ? 143 GLU A OE1 1 
ATOM   592 O OE2 . GLU A 1 71  ? -15.170 -6.231  -11.000 1.00 11.85 ? 143 GLU A OE2 1 
ATOM   593 N N   . VAL A 1 72  ? -12.672 -0.733  -8.248  1.00 7.14  ? 144 VAL A N   1 
ATOM   594 C CA  . VAL A 1 72  ? -12.799 0.468   -7.455  1.00 7.19  ? 144 VAL A CA  1 
ATOM   595 C C   . VAL A 1 72  ? -11.597 1.378   -7.747  1.00 6.39  ? 144 VAL A C   1 
ATOM   596 O O   . VAL A 1 72  ? -10.471 0.930   -7.747  1.00 6.41  ? 144 VAL A O   1 
ATOM   597 C CB  . VAL A 1 72  ? -12.877 0.128   -5.958  1.00 7.78  ? 144 VAL A CB  1 
ATOM   598 C CG1 . VAL A 1 72  ? -13.182 1.351   -5.207  1.00 9.43  ? 144 VAL A CG1 1 
ATOM   599 C CG2 . VAL A 1 72  ? -13.928 -1.033  -5.714  1.00 9.49  ? 144 VAL A CG2 1 
ATOM   600 N N   . TYR A 1 73  ? -11.886 2.627   -7.987  1.00 6.27  ? 145 TYR A N   1 
ATOM   601 C CA  . TYR A 1 73  ? -10.871 3.604   -8.462  1.00 6.46  ? 145 TYR A CA  1 
ATOM   602 C C   . TYR A 1 73  ? -10.854 4.839   -7.584  1.00 6.77  ? 145 TYR A C   1 
ATOM   603 O O   . TYR A 1 73  ? -11.813 5.158   -6.957  1.00 6.57  ? 145 TYR A O   1 
ATOM   604 C CB  . TYR A 1 73  ? -11.193 4.026   -9.912  1.00 6.42  ? 145 TYR A CB  1 
ATOM   605 C CG  . TYR A 1 73  ? -10.865 2.955   -10.948 1.00 6.48  ? 145 TYR A CG  1 
ATOM   606 C CD1 . TYR A 1 73  ? -11.764 1.870   -11.213 1.00 6.66  ? 145 TYR A CD1 1 
ATOM   607 C CD2 . TYR A 1 73  ? -9.684  3.032   -11.688 1.00 6.58  ? 145 TYR A CD2 1 
ATOM   608 C CE1 . TYR A 1 73  ? -11.407 0.882   -12.138 1.00 7.23  ? 145 TYR A CE1 1 
ATOM   609 C CE2 . TYR A 1 73  ? -9.365  2.040   -12.587 1.00 7.94  ? 145 TYR A CE2 1 
ATOM   610 C CZ  . TYR A 1 73  ? -10.251 1.013   -12.809 1.00 7.42  ? 145 TYR A CZ  1 
ATOM   611 O OH  . TYR A 1 73  ? -9.962  0.046   -13.741 1.00 7.93  ? 145 TYR A OH  1 
ATOM   612 N N   . PHE A 1 74  ? -9.705  5.483   -7.577  1.00 7.03  ? 146 PHE A N   1 
ATOM   613 C CA  . PHE A 1 74  ? -9.374  6.625   -6.719  1.00 7.70  ? 146 PHE A CA  1 
ATOM   614 C C   . PHE A 1 74  ? -8.615  7.663   -7.517  1.00 8.10  ? 146 PHE A C   1 
ATOM   615 O O   . PHE A 1 74  ? -8.037  7.361   -8.484  1.00 8.54  ? 146 PHE A O   1 
ATOM   616 C CB  . PHE A 1 74  ? -8.506  6.148   -5.529  1.00 7.75  ? 146 PHE A CB  1 
ATOM   617 C CG  . PHE A 1 74  ? -9.108  4.982   -4.786  1.00 8.16  ? 146 PHE A CG  1 
ATOM   618 C CD1 . PHE A 1 74  ? -8.801  3.682   -5.159  1.00 8.64  ? 146 PHE A CD1 1 
ATOM   619 C CD2 . PHE A 1 74  ? -10.014 5.189   -3.781  1.00 9.00  ? 146 PHE A CD2 1 
ATOM   620 C CE1 . PHE A 1 74  ? -9.399  2.605   -4.482  1.00 9.10  ? 146 PHE A CE1 1 
ATOM   621 C CE2 . PHE A 1 74  ? -10.583 4.128   -3.130  1.00 9.84  ? 146 PHE A CE2 1 
ATOM   622 C CZ  . PHE A 1 74  ? -10.269 2.852   -3.508  1.00 9.51  ? 146 PHE A CZ  1 
ATOM   623 N N   . GLU A 1 75  ? -8.668  8.908   -7.055  1.00 8.93  ? 147 GLU A N   1 
ATOM   624 C CA  . GLU A 1 75  ? -7.876  9.981   -7.640  1.00 9.49  ? 147 GLU A CA  1 
ATOM   625 C C   . GLU A 1 75  ? -6.412  9.859   -7.237  1.00 9.16  ? 147 GLU A C   1 
ATOM   626 O O   . GLU A 1 75  ? -5.516  10.143  -8.031  1.00 9.58  ? 147 GLU A O   1 
ATOM   627 C CB  . GLU A 1 75  ? -8.426  11.345  -7.216  1.00 10.71 ? 147 GLU A CB  1 
ATOM   628 C CG  . GLU A 1 75  ? -9.490  11.901  -8.148  1.00 13.86 ? 147 GLU A CG  1 
ATOM   629 C CD  . GLU A 1 75  ? -10.507 12.762  -7.424  1.00 18.04 ? 147 GLU A CD  1 
ATOM   630 O OE1 . GLU A 1 75  ? -10.364 12.947  -6.196  1.00 19.73 ? 147 GLU A OE1 1 
ATOM   631 O OE2 . GLU A 1 75  ? -11.449 13.252  -8.080  1.00 20.29 ? 147 GLU A OE2 1 
ATOM   632 N N   . ASN A 1 76  ? -6.172  9.436   -5.999  1.00 8.73  ? 148 ASN A N   1 
ATOM   633 C CA  . ASN A 1 76  ? -4.818  9.353   -5.490  1.00 8.42  ? 148 ASN A CA  1 
ATOM   634 C C   . ASN A 1 76  ? -4.604  8.213   -4.515  1.00 8.06  ? 148 ASN A C   1 
ATOM   635 O O   . ASN A 1 76  ? -5.516  7.583   -4.089  1.00 7.90  ? 148 ASN A O   1 
ATOM   636 C CB  . ASN A 1 76  ? -4.359  10.695  -4.905  1.00 8.98  ? 148 ASN A CB  1 
ATOM   637 C CG  . ASN A 1 76  ? -5.144  11.131  -3.642  1.00 9.44  ? 148 ASN A CG  1 
ATOM   638 O OD1 . ASN A 1 76  ? -5.705  12.209  -3.614  1.00 13.21 ? 148 ASN A OD1 1 
ATOM   639 N ND2 . ASN A 1 76  ? -5.124  10.359  -2.663  1.00 7.82  ? 148 ASN A ND2 1 
ATOM   640 N N   . LEU A 1 77  ? -3.386  7.972   -4.151  1.00 8.02  ? 149 LEU A N   1 
ATOM   641 C CA  . LEU A 1 77  ? -3.017  6.857   -3.327  1.00 7.62  ? 149 LEU A CA  1 
ATOM   642 C C   . LEU A 1 77  ? -3.546  6.958   -1.873  1.00 6.81  ? 149 LEU A C   1 
ATOM   643 O O   . LEU A 1 77  ? -3.860  5.994   -1.236  1.00 7.07  ? 149 LEU A O   1 
ATOM   644 C CB  . LEU A 1 77  ? -1.468  6.749   -3.303  1.00 8.30  ? 149 LEU A CB  1 
ATOM   645 C CG  . LEU A 1 77  ? -0.876  5.635   -2.493  1.00 7.63  ? 149 LEU A CG  1 
ATOM   646 C CD1 . LEU A 1 77  ? -1.341  4.239   -2.951  1.00 8.49  ? 149 LEU A CD1 1 
ATOM   647 C CD2 . LEU A 1 77  ? 0.623   5.745   -2.463  1.00 7.54  ? 149 LEU A CD2 1 
ATOM   648 N N   . MET A 1 78  ? -3.626  8.176   -1.378  1.00 6.64  ? 150 MET A N   1 
ATOM   649 C CA  . MET A 1 78  ? -4.131  8.371   -0.037  1.00 7.88  ? 150 MET A CA  1 
ATOM   650 C C   . MET A 1 78  ? -5.598  8.013   0.097   1.00 7.17  ? 150 MET A C   1 
ATOM   651 O O   . MET A 1 78  ? -5.960  7.452   1.030   1.00 6.52  ? 150 MET A O   1 
ATOM   652 C CB  . MET A 1 78  ? -3.846  9.810   0.424   1.00 8.03  ? 150 MET A CB  1 
ATOM   653 C CG  . MET A 1 78  ? -2.305  10.035  0.540   1.00 9.73  ? 150 MET A CG  1 
ATOM   654 S SD  . MET A 1 78  ? -1.865  11.758  0.797   1.00 12.95 ? 150 MET A SD  1 
ATOM   655 C CE  . MET A 1 78  ? -2.268  12.389  -0.937  1.00 15.15 ? 150 MET A CE  1 
ATOM   656 N N   . GLN A 1 79  ? -6.358  8.315   -0.924  1.00 6.86  ? 151 GLN A N   1 
ATOM   657 C CA  . GLN A 1 79  ? -7.769  7.926   -0.968  1.00 7.32  ? 151 GLN A CA  1 
ATOM   658 C C   . GLN A 1 79  ? -7.905  6.395   -0.997  1.00 7.06  ? 151 GLN A C   1 
ATOM   659 O O   . GLN A 1 79  ? -8.704  5.867   -0.322  1.00 7.06  ? 151 GLN A O   1 
ATOM   660 C CB  . GLN A 1 79  ? -8.479  8.503   -2.181  1.00 8.04  ? 151 GLN A CB  1 
ATOM   661 C CG  . GLN A 1 79  ? -8.608  10.033  -2.201  1.00 10.43 ? 151 GLN A CG  1 
ATOM   662 C CD  . GLN A 1 79  ? -9.172  10.507  -3.492  1.00 13.35 ? 151 GLN A CD  1 
ATOM   663 O OE1 . GLN A 1 79  ? -9.395  9.745   -4.435  1.00 14.71 ? 151 GLN A OE1 1 
ATOM   664 N NE2 . GLN A 1 79  ? -9.396  11.789  -3.550  1.00 14.13 ? 151 GLN A NE2 1 
ATOM   665 N N   . LEU A 1 80  ? -7.045  5.719   -1.753  1.00 8.26  ? 152 LEU A N   1 
ATOM   666 C CA  . LEU A 1 80  ? -7.007  4.256   -1.850  1.00 8.68  ? 152 LEU A CA  1 
ATOM   667 C C   . LEU A 1 80  ? -6.745  3.615   -0.479  1.00 8.08  ? 152 LEU A C   1 
ATOM   668 O O   . LEU A 1 80  ? -7.450  2.815   -0.029  1.00 8.24  ? 152 LEU A O   1 
ATOM   669 C CB  . LEU A 1 80  ? -5.949  3.863   -2.914  1.00 9.94  ? 152 LEU A CB  1 
ATOM   670 C CG  . LEU A 1 80  ? -5.928  2.361   -3.225  1.00 10.51 ? 152 LEU A CG  1 
ATOM   671 C CD1 . LEU A 1 80  ? -5.322  2.166   -4.637  1.00 11.56 ? 152 LEU A CD1 1 
ATOM   672 C CD2 . LEU A 1 80  ? -5.038  1.658   -2.211  1.00 16.74 ? 152 LEU A CD2 1 
ATOM   673 N N   . VAL A 1 81  ? -5.749  4.088   0.211   1.00 6.43  ? 153 VAL A N   1 
ATOM   674 C CA  . VAL A 1 81  ? -5.445  3.569   1.532   1.00 6.63  ? 153 VAL A CA  1 
ATOM   675 C C   . VAL A 1 81  ? -6.572  3.835   2.550   1.00 6.67  ? 153 VAL A C   1 
ATOM   676 O O   . VAL A 1 81  ? -6.922  2.982   3.301   1.00 5.93  ? 153 VAL A O   1 
ATOM   677 C CB  . VAL A 1 81  ? -4.048  4.073   2.063   1.00 6.24  ? 153 VAL A CB  1 
ATOM   678 C CG1 . VAL A 1 81  ? -3.856  3.698   3.533   1.00 6.76  ? 153 VAL A CG1 1 
ATOM   679 C CG2 . VAL A 1 81  ? -2.924  3.504   1.224   1.00 6.92  ? 153 VAL A CG2 1 
ATOM   680 N N   . GLU A 1 82  ? -7.110  5.051   2.529   1.00 6.35  ? 154 GLU A N   1 
ATOM   681 C CA  . GLU A 1 82  ? -8.245  5.401   3.372   1.00 6.65  ? 154 GLU A CA  1 
ATOM   682 C C   . GLU A 1 82  ? -9.388  4.405   3.201   1.00 6.58  ? 154 GLU A C   1 
ATOM   683 O O   . GLU A 1 82  ? -9.933  3.898   4.181   1.00 6.55  ? 154 GLU A O   1 
ATOM   684 C CB  . GLU A 1 82  ? -8.731  6.817   3.056   1.00 6.59  ? 154 GLU A CB  1 
ATOM   685 C CG  . GLU A 1 82  ? -10.006 7.213   3.783   1.00 7.99  ? 154 GLU A CG  1 
ATOM   686 C CD  . GLU A 1 82  ? -10.363 8.673   3.579   1.00 9.53  ? 154 GLU A CD  1 
ATOM   687 O OE1 . GLU A 1 82  ? -10.340 9.436   4.567   1.00 12.44 ? 154 GLU A OE1 1 
ATOM   688 O OE2 . GLU A 1 82  ? -10.668 9.057   2.430   1.00 10.01 ? 154 GLU A OE2 1 
ATOM   689 N N   . HIS A 1 83  ? -9.745  4.129   1.951   1.00 6.08  ? 155 HIS A N   1 
ATOM   690 C CA  . HIS A 1 83  ? -10.849 3.228   1.654   1.00 6.32  ? 155 HIS A CA  1 
ATOM   691 C C   . HIS A 1 83  ? -10.626 1.836   2.254   1.00 6.67  ? 155 HIS A C   1 
ATOM   692 O O   . HIS A 1 83  ? -11.472 1.325   2.870   1.00 7.13  ? 155 HIS A O   1 
ATOM   693 C CB  . HIS A 1 83  ? -11.009 3.142   0.140   1.00 6.74  ? 155 HIS A CB  1 
ATOM   694 C CG  . HIS A 1 83  ? -12.129 2.235   -0.279  1.00 8.14  ? 155 HIS A CG  1 
ATOM   695 N ND1 . HIS A 1 83  ? -13.457 2.584   -0.163  1.00 9.34  ? 155 HIS A ND1 1 
ATOM   696 C CD2 . HIS A 1 83  ? -12.117 0.983   -0.755  1.00 9.35  ? 155 HIS A CD2 1 
ATOM   697 C CE1 . HIS A 1 83  ? -14.211 1.595   -0.597  1.00 10.33 ? 155 HIS A CE1 1 
ATOM   698 N NE2 . HIS A 1 83  ? -13.424 0.624   -0.969  1.00 9.96  ? 155 HIS A NE2 1 
ATOM   699 N N   . TYR A 1 84  ? -9.456  1.256   2.012   1.00 5.94  ? 156 TYR A N   1 
ATOM   700 C CA  . TYR A 1 84  ? -9.181  -0.136  2.402   1.00 6.59  ? 156 TYR A CA  1 
ATOM   701 C C   . TYR A 1 84  ? -8.823  -0.250  3.883   1.00 6.53  ? 156 TYR A C   1 
ATOM   702 O O   . TYR A 1 84  ? -8.815  -1.293  4.394   1.00 6.57  ? 156 TYR A O   1 
ATOM   703 C CB  . TYR A 1 84  ? -8.053  -0.698  1.534   1.00 6.53  ? 156 TYR A CB  1 
ATOM   704 C CG  . TYR A 1 84  ? -8.553  -1.018  0.097   1.00 6.45  ? 156 TYR A CG  1 
ATOM   705 C CD1 . TYR A 1 84  ? -8.115  -0.315  -0.997  1.00 7.35  ? 156 TYR A CD1 1 
ATOM   706 C CD2 . TYR A 1 84  ? -9.458  -2.064  -0.119  1.00 6.50  ? 156 TYR A CD2 1 
ATOM   707 C CE1 . TYR A 1 84  ? -8.565  -0.649  -2.258  1.00 9.29  ? 156 TYR A CE1 1 
ATOM   708 C CE2 . TYR A 1 84  ? -9.879  -2.379  -1.375  1.00 8.05  ? 156 TYR A CE2 1 
ATOM   709 C CZ  . TYR A 1 84  ? -9.434  -1.654  -2.417  1.00 7.46  ? 156 TYR A CZ  1 
ATOM   710 O OH  . TYR A 1 84  ? -9.805  -1.935  -3.701  1.00 9.28  ? 156 TYR A OH  1 
ATOM   711 N N   . THR A 1 85  ? -8.579  0.903   4.539   1.00 8.43  ? 157 THR A N   1 
ATOM   712 C CA  . THR A 1 85  ? -8.440  0.927   5.994   1.00 9.72  ? 157 THR A CA  1 
ATOM   713 C C   . THR A 1 85  ? -9.781  0.603   6.640   1.00 10.67 ? 157 THR A C   1 
ATOM   714 O O   . THR A 1 85  ? -9.852  -0.116  7.639   1.00 11.25 ? 157 THR A O   1 
ATOM   715 C CB  . THR A 1 85  ? -7.916  2.295   6.491   1.00 9.81  ? 157 THR A CB  1 
ATOM   716 O OG1 . THR A 1 85  ? -6.558  2.453   6.076   1.00 10.38 ? 157 THR A OG1 1 
ATOM   717 C CG2 . THR A 1 85  ? -7.979  2.419   8.022   1.00 10.82 ? 157 THR A CG2 1 
ATOM   718 N N   . SER A 1 86  ? -10.870 1.062   6.024   1.00 11.80 ? 158 SER A N   1 
ATOM   719 C CA  A SER A 1 86  ? -12.173 0.945   6.666   0.50 13.61 ? 158 SER A CA  1 
ATOM   720 C CA  B SER A 1 86  ? -12.189 1.011   6.669   0.50 13.61 ? 158 SER A CA  1 
ATOM   721 C C   . SER A 1 86  ? -12.907 -0.260  6.320   1.00 14.20 ? 158 SER A C   1 
ATOM   722 O O   . SER A 1 86  ? -13.563 -0.794  7.140   1.00 15.22 ? 158 SER A O   1 
ATOM   723 C CB  A SER A 1 86  ? -12.932 2.203   6.477   0.50 14.28 ? 158 SER A CB  1 
ATOM   724 C CB  B SER A 1 86  ? -12.980 2.208   6.190   0.50 14.28 ? 158 SER A CB  1 
ATOM   725 O OG  A SER A 1 86  ? -12.493 2.941   7.600   0.50 17.27 ? 158 SER A OG  1 
ATOM   726 O OG  B SER A 1 86  ? -14.311 1.999   6.500   0.50 17.27 ? 158 SER A OG  1 
ATOM   727 N N   . ASP A 1 87  ? -12.769 -0.725  5.084   1.00 14.11 ? 159 ASP A N   1 
ATOM   728 C CA  A ASP A 1 87  ? -13.241 -2.044  4.755   0.50 15.04 ? 159 ASP A CA  1 
ATOM   729 C CA  B ASP A 1 87  ? -13.247 -2.032  4.673   0.50 15.04 ? 159 ASP A CA  1 
ATOM   730 C C   . ASP A 1 87  ? -12.462 -2.814  3.713   1.00 14.62 ? 159 ASP A C   1 
ATOM   731 O O   . ASP A 1 87  ? -11.820 -2.221  2.852   1.00 14.94 ? 159 ASP A O   1 
ATOM   732 C CB  A ASP A 1 87  ? -14.712 -1.952  4.462   0.50 15.64 ? 159 ASP A CB  1 
ATOM   733 C CB  B ASP A 1 87  ? -14.638 -1.824  4.086   0.50 15.64 ? 159 ASP A CB  1 
ATOM   734 C CG  A ASP A 1 87  ? -15.004 -1.610  3.120   0.50 16.76 ? 159 ASP A CG  1 
ATOM   735 C CG  B ASP A 1 87  ? -15.489 -0.917  4.939   0.50 16.76 ? 159 ASP A CG  1 
ATOM   736 O OD1 A ASP A 1 87  ? -14.919 -0.457  2.908   0.50 17.56 ? 159 ASP A OD1 1 
ATOM   737 O OD1 B ASP A 1 87  ? -16.239 -1.432  5.802   0.50 17.56 ? 159 ASP A OD1 1 
ATOM   738 O OD2 A ASP A 1 87  ? -15.406 -2.463  2.270   0.50 17.33 ? 159 ASP A OD2 1 
ATOM   739 O OD2 B ASP A 1 87  ? -15.370 0.315   4.775   0.50 17.33 ? 159 ASP A OD2 1 
ATOM   740 N N   . ALA A 1 88  ? -12.490 -4.098  3.848   1.00 13.97 ? 160 ALA A N   1 
ATOM   741 C CA  . ALA A 1 88  ? -11.672 -4.897  3.003   1.00 12.67 ? 160 ALA A CA  1 
ATOM   742 C C   . ALA A 1 88  ? -11.995 -4.691  1.519   1.00 11.99 ? 160 ALA A C   1 
ATOM   743 O O   . ALA A 1 88  ? -11.119 -4.723  0.689   1.00 11.72 ? 160 ALA A O   1 
ATOM   744 C CB  . ALA A 1 88  ? -11.714 -6.383  3.415   1.00 13.15 ? 160 ALA A CB  1 
ATOM   745 N N   . ASP A 1 89  ? -13.277 -4.536  1.196   1.00 10.37 ? 161 ASP A N   1 
ATOM   746 C CA  . ASP A 1 89  ? -13.779 -4.414  -0.184  1.00 9.80  ? 161 ASP A CA  1 
ATOM   747 C C   . ASP A 1 89  ? -13.031 -5.380  -1.076  1.00 8.71  ? 161 ASP A C   1 
ATOM   748 O O   . ASP A 1 89  ? -12.491 -4.981  -2.065  1.00 8.56  ? 161 ASP A O   1 
ATOM   749 C CB  . ASP A 1 89  ? -13.588 -2.979  -0.672  1.00 9.72  ? 161 ASP A CB  1 
ATOM   750 C CG  . ASP A 1 89  ? -14.503 -2.608  -1.825  1.00 10.62 ? 161 ASP A CG  1 
ATOM   751 O OD1 . ASP A 1 89  ? -14.535 -1.474  -2.199  1.00 11.74 ? 161 ASP A OD1 1 
ATOM   752 O OD2 . ASP A 1 89  ? -15.180 -3.470  -2.342  1.00 11.66 ? 161 ASP A OD2 1 
ATOM   753 N N   . GLY A 1 90  ? -13.067 -6.619  -0.704  1.00 8.83  ? 162 GLY A N   1 
ATOM   754 C CA  . GLY A 1 90  ? -12.475 -7.625  -1.546  1.00 9.65  ? 162 GLY A CA  1 
ATOM   755 C C   . GLY A 1 90  ? -10.984 -7.892  -1.382  1.00 9.33  ? 162 GLY A C   1 
ATOM   756 O O   . GLY A 1 90  ? -10.501 -8.838  -1.922  1.00 9.97  ? 162 GLY A O   1 
ATOM   757 N N   . LEU A 1 91  ? -10.271 -7.018  -0.655  1.00 9.25  ? 163 LEU A N   1 
ATOM   758 C CA  . LEU A 1 91  ? -8.849  -7.284  -0.302  1.00 9.13  ? 163 LEU A CA  1 
ATOM   759 C C   . LEU A 1 91  ? -8.819  -8.469  0.670   1.00 8.97  ? 163 LEU A C   1 
ATOM   760 O O   . LEU A 1 91  ? -9.796  -8.824  1.223   1.00 9.03  ? 163 LEU A O   1 
ATOM   761 C CB  . LEU A 1 91  ? -8.266  -6.042  0.424   1.00 9.88  ? 163 LEU A CB  1 
ATOM   762 C CG  . LEU A 1 91  ? -6.837  -5.702  -0.011  1.00 11.42 ? 163 LEU A CG  1 
ATOM   763 C CD1 . LEU A 1 91  ? -6.802  -5.297  -1.449  1.00 11.51 ? 163 LEU A CD1 1 
ATOM   764 C CD2 . LEU A 1 91  ? -6.438  -4.486  0.801   1.00 12.19 ? 163 LEU A CD2 1 
ATOM   765 N N   . CYS A 1 92  ? -7.658  -9.016  0.855   1.00 8.90  ? 164 CYS A N   1 
ATOM   766 C CA  . CYS A 1 92  ? -7.485  -10.078 1.858   0.50 7.49  ? 164 CYS A CA  1 
ATOM   767 C C   . CYS A 1 92  ? -7.683  -9.679  3.292   1.00 8.52  ? 164 CYS A C   1 
ATOM   768 O O   . CYS A 1 92  ? -8.124  -10.463 4.051   1.00 9.60  ? 164 CYS A O   1 
ATOM   769 C CB  . CYS A 1 92  ? -6.154  -10.800 1.666   0.50 7.10  ? 164 CYS A CB  1 
ATOM   770 S SG  . CYS A 1 92  ? -4.721  -9.683  1.850   0.50 4.64  ? 164 CYS A SG  1 
ATOM   771 N N   . THR A 1 93  ? -7.482  -8.436  3.585   1.00 8.55  ? 165 THR A N   1 
ATOM   772 C CA  . THR A 1 93  ? -7.733  -7.892  4.900   1.00 9.44  ? 165 THR A CA  1 
ATOM   773 C C   . THR A 1 93  ? -7.916  -6.347  4.735   1.00 9.11  ? 165 THR A C   1 
ATOM   774 O O   . THR A 1 93  ? -7.353  -5.800  3.869   1.00 8.08  ? 165 THR A O   1 
ATOM   775 C CB  . THR A 1 93  ? -6.523  -8.173  5.907   1.00 12.06 ? 165 THR A CB  1 
ATOM   776 O OG1 . THR A 1 93  ? -6.810  -7.450  7.149   1.00 8.16  ? 165 THR A OG1 1 
ATOM   777 C CG2 . THR A 1 93  ? -5.256  -7.643  5.416   1.00 14.78 ? 165 THR A CG2 1 
ATOM   778 N N   . ARG A 1 94  ? -8.643  -5.724  5.670   1.00 8.54  ? 166 ARG A N   1 
ATOM   779 C CA  . ARG A 1 94  ? -8.522  -4.291  5.917   1.00 9.11  ? 166 ARG A CA  1 
ATOM   780 C C   . ARG A 1 94  ? -7.071  -3.909  6.215   1.00 8.61  ? 166 ARG A C   1 
ATOM   781 O O   . ARG A 1 94  ? -6.278  -4.727  6.705   1.00 8.92  ? 166 ARG A O   1 
ATOM   782 C CB  . ARG A 1 94  ? -9.353  -3.883  7.135   1.00 9.69  ? 166 ARG A CB  1 
ATOM   783 C CG  . ARG A 1 94  ? -10.824 -3.683  6.891   1.00 11.35 ? 166 ARG A CG  1 
ATOM   784 C CD  . ARG A 1 94  ? -11.557 -3.418  8.206   1.00 11.40 ? 166 ARG A CD  1 
ATOM   785 N NE  . ARG A 1 94  ? -11.518 -4.578  9.097   1.00 14.63 ? 166 ARG A NE  1 
ATOM   786 C CZ  . ARG A 1 94  ? -10.844 -4.645  10.246  1.00 15.33 ? 166 ARG A CZ  1 
ATOM   787 N NH1 . ARG A 1 94  ? -10.147 -3.606  10.686  1.00 16.16 ? 166 ARG A NH1 1 
ATOM   788 N NH2 . ARG A 1 94  ? -10.876 -5.762  10.966  1.00 17.31 ? 166 ARG A NH2 1 
ATOM   789 N N   . LEU A 1 95  ? -6.731  -2.683  5.918   1.00 8.44  ? 167 LEU A N   1 
ATOM   790 C CA  . LEU A 1 95  ? -5.457  -2.144  6.275   1.00 8.57  ? 167 LEU A CA  1 
ATOM   791 C C   . LEU A 1 95  ? -5.546  -1.577  7.683   1.00 9.40  ? 167 LEU A C   1 
ATOM   792 O O   . LEU A 1 95  ? -5.886  -0.447  7.871   1.00 10.36 ? 167 LEU A O   1 
ATOM   793 C CB  . LEU A 1 95  ? -5.061  -1.064  5.266   1.00 8.26  ? 167 LEU A CB  1 
ATOM   794 C CG  . LEU A 1 95  ? -5.097  -1.496  3.802   1.00 6.87  ? 167 LEU A CG  1 
ATOM   795 C CD1 . LEU A 1 95  ? -4.663  -0.327  2.865   1.00 7.11  ? 167 LEU A CD1 1 
ATOM   796 C CD2 . LEU A 1 95  ? -4.211  -2.720  3.500   1.00 7.17  ? 167 LEU A CD2 1 
ATOM   797 N N   . ILE A 1 96  ? -5.155  -2.390  8.628   1.00 9.59  ? 168 ILE A N   1 
ATOM   798 C CA  . ILE A 1 96  ? -5.455  -2.163  10.042  1.00 10.71 ? 168 ILE A CA  1 
ATOM   799 C C   . ILE A 1 96  ? -4.402  -1.315  10.739  1.00 10.68 ? 168 ILE A C   1 
ATOM   800 O O   . ILE A 1 96  ? -4.735  -0.395  11.500  1.00 11.32 ? 168 ILE A O   1 
ATOM   801 C CB  . ILE A 1 96  ? -5.626  -3.511  10.800  1.00 10.82 ? 168 ILE A CB  1 
ATOM   802 C CG1 . ILE A 1 96  ? -6.781  -4.315  10.200  1.00 10.99 ? 168 ILE A CG1 1 
ATOM   803 C CG2 . ILE A 1 96  ? -5.836  -3.264  12.303  1.00 12.18 ? 168 ILE A CG2 1 
ATOM   804 C CD1 . ILE A 1 96  ? -6.932  -5.718  10.760  1.00 11.71 ? 168 ILE A CD1 1 
ATOM   805 N N   . LYS A 1 97  ? -3.135  -1.611  10.487  1.00 10.28 ? 169 LYS A N   1 
ATOM   806 C CA  . LYS A 1 97  ? -2.014  -1.032  11.245  1.00 10.70 ? 169 LYS A CA  1 
ATOM   807 C C   . LYS A 1 97  ? -0.859  -0.670  10.292  1.00 10.12 ? 169 LYS A C   1 
ATOM   808 O O   . LYS A 1 97  ? -0.265  -1.525  9.773   1.00 9.56  ? 169 LYS A O   1 
ATOM   809 C CB  . LYS A 1 97  ? -1.549  -2.031  12.273  1.00 11.81 ? 169 LYS A CB  1 
ATOM   810 C CG  . LYS A 1 97  ? -0.424  -1.587  13.152  1.00 13.95 ? 169 LYS A CG  1 
ATOM   811 C CD  . LYS A 1 97  ? -0.080  -2.777  14.140  1.00 18.55 ? 169 LYS A CD  1 
ATOM   812 C CE  . LYS A 1 97  ? 0.582   -2.424  15.505  1.00 20.96 ? 169 LYS A CE  1 
ATOM   813 N NZ  . LYS A 1 97  ? 0.833   -3.758  16.160  1.00 22.23 ? 169 LYS A NZ  1 
ATOM   814 N N   . PRO A 1 98  ? -0.561  0.593   10.127  1.00 9.47  ? 170 PRO A N   1 
ATOM   815 C CA  . PRO A 1 98  ? 0.653   0.946   9.374   1.00 9.80  ? 170 PRO A CA  1 
ATOM   816 C C   . PRO A 1 98  ? 1.913   0.376   10.015  1.00 9.36  ? 170 PRO A C   1 
ATOM   817 O O   . PRO A 1 98  ? 2.075   0.467   11.197  1.00 9.50  ? 170 PRO A O   1 
ATOM   818 C CB  . PRO A 1 98  ? 0.663   2.467   9.455   1.00 10.16 ? 170 PRO A CB  1 
ATOM   819 C CG  . PRO A 1 98  ? -0.711  2.855   9.691   1.00 11.23 ? 170 PRO A CG  1 
ATOM   820 C CD  . PRO A 1 98  ? -1.258  1.824   10.563  1.00 10.03 ? 170 PRO A CD  1 
ATOM   821 N N   . LYS A 1 99  ? 2.784   -0.156  9.200   1.00 9.46  ? 171 LYS A N   1 
ATOM   822 C CA  . LYS A 1 99  ? 4.173   -0.317  9.607   1.00 9.99  ? 171 LYS A CA  1 
ATOM   823 C C   . LYS A 1 99  ? 4.855   0.996   9.410   1.00 10.74 ? 171 LYS A C   1 
ATOM   824 O O   . LYS A 1 99  ? 4.997   1.463   8.306   1.00 10.40 ? 171 LYS A O   1 
ATOM   825 C CB  . LYS A 1 99  ? 4.839   -1.388  8.732   1.00 9.89  ? 171 LYS A CB  1 
ATOM   826 C CG  . LYS A 1 99  ? 6.333   -1.637  9.028   1.00 10.70 ? 171 LYS A CG  1 
ATOM   827 C CD  . LYS A 1 99  ? 6.572   -2.255  10.396  1.00 14.12 ? 171 LYS A CD  1 
ATOM   828 C CE  . LYS A 1 99  ? 8.070   -2.161  10.683  1.00 14.48 ? 171 LYS A CE  1 
ATOM   829 N NZ  . LYS A 1 99  ? 8.421   -2.758  12.007  1.00 19.38 ? 171 LYS A NZ  1 
ATOM   830 N N   . VAL A 1 100 ? 5.173   1.616   10.522  1.00 11.94 ? 172 VAL A N   1 
ATOM   831 C CA  . VAL A 1 100 ? 5.521   3.009   10.497  1.00 13.68 ? 172 VAL A CA  1 
ATOM   832 C C   . VAL A 1 100 ? 6.873   3.240   9.918   1.00 14.33 ? 172 VAL A C   1 
ATOM   833 O O   . VAL A 1 100 ? 7.798   2.659   10.338  1.00 14.18 ? 172 VAL A O   1 
ATOM   834 C CB  . VAL A 1 100 ? 5.365   3.652   11.863  1.00 13.75 ? 172 VAL A CB  1 
ATOM   835 C CG1 . VAL A 1 100 ? 5.874   5.112   11.812  1.00 14.97 ? 172 VAL A CG1 1 
ATOM   836 C CG2 . VAL A 1 100 ? 3.929   3.630   12.239  1.00 13.90 ? 172 VAL A CG2 1 
ATOM   837 N N   . MET A 1 101 ? 6.906   4.047   8.916   1.00 15.63 ? 173 MET A N   1 
ATOM   838 C CA  . MET A 1 101 ? 8.122   4.521   8.265   1.00 17.04 ? 173 MET A CA  1 
ATOM   839 C C   . MET A 1 101 ? 9.139   5.147   9.211   1.00 17.84 ? 173 MET A C   1 
ATOM   840 O O   . MET A 1 101 ? 8.786   5.969   9.959   1.00 17.98 ? 173 MET A O   1 
ATOM   841 C CB  . MET A 1 101 ? 7.694   5.531   7.182   1.00 16.92 ? 173 MET A CB  1 
ATOM   842 C CG  . MET A 1 101 ? 8.782   6.318   6.452   1.00 17.48 ? 173 MET A CG  1 
ATOM   843 S SD  . MET A 1 101 ? 10.001  5.277   5.664   1.00 18.25 ? 173 MET A SD  1 
ATOM   844 C CE  . MET A 1 101 ? 10.846  6.422   4.612   1.00 18.11 ? 173 MET A CE  1 
ATOM   845 N N   . GLU A 1 102 ? 10.345  4.678   9.162   1.00 18.99 ? 174 GLU A N   1 
ATOM   846 C CA  . GLU A 1 102 ? 11.408  5.233   10.036  1.00 20.31 ? 174 GLU A CA  1 
ATOM   847 C C   . GLU A 1 102 ? 12.570  5.778   9.203   1.00 20.42 ? 174 GLU A C   1 
ATOM   848 O O   . GLU A 1 102 ? 12.571  5.662   7.955   1.00 20.90 ? 174 GLU A O   1 
ATOM   849 C CB  . GLU A 1 102 ? 11.908  4.136   10.971  1.00 20.37 ? 174 GLU A CB  1 
ATOM   850 C CG  . GLU A 1 102 ? 10.954  3.717   12.025  1.00 21.68 ? 174 GLU A CG  1 
ATOM   851 C CD  . GLU A 1 102 ? 11.508  2.590   12.868  1.00 21.58 ? 174 GLU A CD  1 
ATOM   852 O OE1 . GLU A 1 102 ? 10.823  2.051   13.704  1.00 24.18 ? 174 GLU A OE1 1 
ATOM   853 O OE2 . GLU A 1 102 ? 12.608  2.185   12.661  1.00 24.20 ? 174 GLU A OE2 1 
HETATM 854 O O   . HOH B 2 .   ? 16.407  -4.976  4.774   1.00 11.13 ? 179 HOH A O   1 
HETATM 855 O O   . HOH B 2 .   ? 5.434   -0.959  -7.336  1.00 9.44  ? 180 HOH A O   1 
HETATM 856 O O   . HOH B 2 .   ? -4.596  8.221   3.363   1.00 10.83 ? 181 HOH A O   1 
HETATM 857 O O   . HOH B 2 .   ? 5.745   9.025   -5.019  1.00 10.47 ? 182 HOH A O   1 
HETATM 858 O O   . HOH B 2 .   ? 5.531   -13.433 2.786   1.00 16.24 ? 183 HOH A O   1 
HETATM 859 O O   . HOH B 2 .   ? 5.076   -5.223  -6.902  1.00 12.45 ? 184 HOH A O   1 
HETATM 860 O O   . HOH B 2 .   ? -10.599 4.991   6.721   1.00 9.93  ? 185 HOH A O   1 
HETATM 861 O O   . HOH B 2 .   ? -8.773  -0.561  -6.006  1.00 7.95  ? 186 HOH A O   1 
HETATM 862 O O   . HOH B 2 .   ? -4.157  6.986   5.741   1.00 9.38  ? 187 HOH A O   1 
HETATM 863 O O   . HOH B 2 .   ? -0.357  -12.296 8.501   1.00 8.44  ? 188 HOH A O   1 
HETATM 864 O O   . HOH B 2 .   ? -10.578 -11.415 0.205   1.00 8.05  ? 189 HOH A O   1 
HETATM 865 O O   . HOH B 2 .   ? -15.007 -7.344  1.329   1.00 8.79  ? 190 HOH A O   1 
HETATM 866 O O   . HOH B 2 .   ? -2.907  6.906   -16.708 1.00 10.86 ? 191 HOH A O   1 
HETATM 867 O O   . HOH B 2 .   ? 17.989  -4.491  2.607   1.00 9.67  ? 192 HOH A O   1 
HETATM 868 O O   . HOH B 2 .   ? 1.978   1.197   -10.140 1.00 7.29  ? 193 HOH A O   1 
HETATM 869 O O   . HOH B 2 .   ? -16.556 0.055   -3.306  1.00 22.63 ? 194 HOH A O   1 
HETATM 870 O O   . HOH B 2 .   ? 5.101   -7.482  13.017  1.00 19.11 ? 195 HOH A O   1 
HETATM 871 O O   . HOH B 2 .   ? 3.738   -10.664 7.026   1.00 9.92  ? 196 HOH A O   1 
HETATM 872 O O   . HOH B 2 .   ? 13.754  -10.134 2.303   1.00 13.11 ? 197 HOH A O   1 
HETATM 873 O O   . HOH B 2 .   ? 12.909  -6.909  -5.983  1.00 18.93 ? 198 HOH A O   1 
HETATM 874 O O   . HOH B 2 .   ? -10.422 -4.634  -3.957  1.00 9.83  ? 199 HOH A O   1 
HETATM 875 O O   . HOH B 2 .   ? -4.626  10.348  -17.992 1.00 19.00 ? 200 HOH A O   1 
HETATM 876 O O   . HOH B 2 .   ? 12.574  -12.126 0.908   1.00 16.04 ? 201 HOH A O   1 
HETATM 877 O O   . HOH B 2 .   ? 4.947   -12.745 -0.180  1.00 16.71 ? 202 HOH A O   1 
HETATM 878 O O   . HOH B 2 .   ? -5.129  -13.688 3.310   1.00 9.95  ? 203 HOH A O   1 
HETATM 879 O O   . HOH B 2 .   ? 11.749  -4.750  -5.650  1.00 10.78 ? 204 HOH A O   1 
HETATM 880 O O   . HOH B 2 .   ? 9.237   -7.073  -7.244  1.00 15.90 ? 205 HOH A O   1 
HETATM 881 O O   . HOH B 2 .   ? -3.200  -5.146  -7.645  1.00 12.69 ? 206 HOH A O   1 
HETATM 882 O O   . HOH B 2 .   ? -4.616  1.856   9.145   1.00 18.20 ? 207 HOH A O   1 
HETATM 883 O O   . HOH B 2 .   ? -5.497  14.235  -5.770  1.00 14.48 ? 208 HOH A O   1 
HETATM 884 O O   . HOH B 2 .   ? -9.264  -3.703  13.657  1.00 25.25 ? 209 HOH A O   1 
HETATM 885 O O   . HOH B 2 .   ? 16.360  -6.737  -3.796  1.00 15.17 ? 210 HOH A O   1 
HETATM 886 O O   . HOH B 2 .   ? 10.002  5.761   -8.622  1.00 12.89 ? 211 HOH A O   1 
HETATM 887 O O   . HOH B 2 .   ? 7.804   -11.415 5.211   1.00 13.19 ? 212 HOH A O   1 
HETATM 888 O O   . HOH B 2 .   ? 13.667  -14.626 -3.134  1.00 22.67 ? 213 HOH A O   1 
HETATM 889 O O   . HOH B 2 .   ? -7.199  -11.716 6.401   1.00 14.54 ? 214 HOH A O   1 
HETATM 890 O O   . HOH B 2 .   ? -4.320  -8.729  13.282  1.00 20.28 ? 215 HOH A O   1 
HETATM 891 O O   . HOH B 2 .   ? -11.641 -11.207 -2.435  1.00 9.76  ? 216 HOH A O   1 
HETATM 892 O O   . HOH B 2 .   ? -5.953  10.879  -10.499 1.00 13.27 ? 217 HOH A O   1 
HETATM 893 O O   . HOH B 2 .   ? -8.347  -12.973 -0.620  1.00 16.64 ? 218 HOH A O   1 
HETATM 894 O O   . HOH B 2 .   ? -13.402 -4.554  -14.032 1.00 22.52 ? 219 HOH A O   1 
HETATM 895 O O   . HOH B 2 .   ? 11.419  2.262   8.070   1.00 19.25 ? 220 HOH A O   1 
HETATM 896 O O   . HOH B 2 .   ? 6.256   9.074   6.181   1.00 18.10 ? 221 HOH A O   1 
HETATM 897 O O   . HOH B 2 .   ? -2.904  -17.123 2.281   1.00 17.82 ? 222 HOH A O   1 
HETATM 898 O O   . HOH B 2 .   ? 3.378   -7.034  -8.175  1.00 18.99 ? 223 HOH A O   1 
HETATM 899 O O   . HOH B 2 .   ? 18.244  -3.206  -2.235  1.00 13.01 ? 224 HOH A O   1 
HETATM 900 O O   . HOH B 2 .   ? 8.460   9.590   -7.345  1.00 14.83 ? 225 HOH A O   1 
HETATM 901 O O   . HOH B 2 .   ? 5.402   -12.718 6.148   1.00 14.08 ? 226 HOH A O   1 
HETATM 902 O O   . HOH B 2 .   ? -14.174 -5.258  5.884   1.00 16.58 ? 227 HOH A O   1 
HETATM 903 O O   . HOH B 2 .   ? -8.710  -6.901  -4.535  1.00 15.74 ? 228 HOH A O   1 
HETATM 904 O O   . HOH B 2 .   ? 6.020   -15.402 6.775   1.00 23.20 ? 229 HOH A O   1 
HETATM 905 O O   . HOH B 2 .   ? 9.838   0.710   9.407   1.00 17.91 ? 230 HOH A O   1 
HETATM 906 O O   . HOH B 2 .   ? -7.431  0.391   11.759  1.00 18.06 ? 231 HOH A O   1 
HETATM 907 O O   . HOH B 2 .   ? 8.286   -11.791 -1.775  1.00 24.69 ? 232 HOH A O   1 
HETATM 908 O O   . HOH B 2 .   ? -9.274  10.713  -16.812 1.00 19.89 ? 233 HOH A O   1 
HETATM 909 O O   . HOH B 2 .   ? -4.457  8.972   7.751   1.00 15.50 ? 234 HOH A O   1 
HETATM 910 O O   . HOH B 2 .   ? 14.928  -8.140  -7.694  1.00 27.67 ? 235 HOH A O   1 
HETATM 911 O O   . HOH B 2 .   ? -6.678  -7.078  -6.413  1.00 13.55 ? 236 HOH A O   1 
HETATM 912 O O   . HOH B 2 .   ? 0.144   -7.048  -7.707  1.00 21.05 ? 237 HOH A O   1 
HETATM 913 O O   . HOH B 2 .   ? 10.858  9.921   -8.577  1.00 19.82 ? 238 HOH A O   1 
HETATM 914 O O   . HOH B 2 .   ? 15.942  0.212   -1.733  1.00 21.40 ? 239 HOH A O   1 
HETATM 915 O O   . HOH B 2 .   ? -7.483  -14.009 1.849   1.00 11.78 ? 240 HOH A O   1 
HETATM 916 O O   . HOH B 2 .   ? 17.025  -9.280  -3.864  1.00 13.57 ? 241 HOH A O   1 
HETATM 917 O O   . HOH B 2 .   ? 14.944  -1.663  4.375   1.00 16.21 ? 242 HOH A O   1 
HETATM 918 O O   . HOH B 2 .   ? 14.534  -4.132  7.745   1.00 21.79 ? 243 HOH A O   1 
HETATM 919 O O   . HOH B 2 .   ? -10.030 -12.582 -4.059  1.00 17.96 ? 244 HOH A O   1 
HETATM 920 O O   . HOH B 2 .   ? 13.847  -3.900  5.153   1.00 11.73 ? 245 HOH A O   1 
HETATM 921 O O   . HOH B 2 .   ? -8.150  8.641   6.278   1.00 13.72 ? 246 HOH A O   1 
HETATM 922 O O   . HOH B 2 .   ? -7.635  -13.864 7.941   1.00 15.85 ? 247 HOH A O   1 
HETATM 923 O O   . HOH B 2 .   ? -5.517  10.883  3.672   1.00 18.17 ? 248 HOH A O   1 
HETATM 924 O O   . HOH B 2 .   ? -4.929  -16.619 9.748   1.00 17.25 ? 249 HOH A O   1 
HETATM 925 O O   . HOH B 2 .   ? -15.472 -5.300  3.236   1.00 18.61 ? 250 HOH A O   1 
HETATM 926 O O   . HOH B 2 .   ? 0.943   -11.230 -3.437  1.00 20.22 ? 251 HOH A O   1 
HETATM 927 O O   . HOH B 2 .   ? 16.624  -5.260  -1.536  1.00 9.06  ? 252 HOH A O   1 
HETATM 928 O O   . HOH B 2 .   ? 11.477  1.786   5.334   1.00 12.79 ? 253 HOH A O   1 
HETATM 929 O O   . HOH B 2 .   ? -9.155  -0.977  10.032  1.00 16.37 ? 254 HOH A O   1 
HETATM 930 O O   . HOH B 2 .   ? -1.453  9.187   -5.782  1.00 16.58 ? 255 HOH A O   1 
HETATM 931 O O   . HOH B 2 .   ? 12.924  -12.190 -4.082  1.00 11.93 ? 256 HOH A O   1 
HETATM 932 O O   . HOH B 2 .   ? -5.846  5.045   6.567   1.00 11.87 ? 257 HOH A O   1 
HETATM 933 O O   . HOH B 2 .   ? -8.489  -9.080  8.511   1.00 20.85 ? 258 HOH A O   1 
HETATM 934 O O   . HOH B 2 .   ? 12.047  0.416   -5.223  1.00 14.77 ? 259 HOH A O   1 
HETATM 935 O O   . HOH B 2 .   ? -16.584 0.100   -7.892  1.00 16.76 ? 260 HOH A O   1 
HETATM 936 O O   . HOH B 2 .   ? 17.518  -6.568  0.783   1.00 14.47 ? 261 HOH A O   1 
HETATM 937 O O   . HOH B 2 .   ? 12.189  23.950  4.062   1.00 16.33 ? 262 HOH A O   1 
HETATM 938 O O   . HOH B 2 .   ? -3.159  15.176  -4.429  1.00 22.71 ? 263 HOH A O   1 
HETATM 939 O O   . HOH B 2 .   ? 1.084   17.294  -1.022  1.00 9.29  ? 264 HOH A O   1 
HETATM 940 O O   . HOH B 2 .   ? 10.595  22.843  6.038   1.00 19.45 ? 265 HOH A O   1 
HETATM 941 O O   . HOH B 2 .   ? 8.114   15.597  -0.252  1.00 17.71 ? 266 HOH A O   1 
HETATM 942 O O   . HOH B 2 .   ? -2.147  8.965   9.199   1.00 23.95 ? 267 HOH A O   1 
HETATM 943 O O   . HOH B 2 .   ? 16.587  -9.044  1.571   1.00 14.53 ? 268 HOH A O   1 
HETATM 944 O O   . HOH B 2 .   ? 6.329   -5.562  -3.655  1.00 12.25 ? 269 HOH A O   1 
HETATM 945 O O   . HOH B 2 .   ? -10.349 -7.562  7.138   1.00 12.82 ? 270 HOH A O   1 
HETATM 946 O O   . HOH B 2 .   ? 9.192   8.433   -3.173  1.00 18.15 ? 271 HOH A O   1 
HETATM 947 O O   . HOH B 2 .   ? 11.616  7.328   -1.694  1.00 19.43 ? 272 HOH A O   1 
HETATM 948 O O   . HOH B 2 .   ? 11.954  3.972   3.609   1.00 19.90 ? 273 HOH A O   1 
HETATM 949 O O   . HOH B 2 .   ? 6.889   -6.896  -5.836  1.00 18.42 ? 274 HOH A O   1 
HETATM 950 O O   . HOH B 2 .   ? -3.494  8.131   -19.073 1.00 20.27 ? 275 HOH A O   1 
HETATM 951 O O   . HOH B 2 .   ? -16.304 -0.472  1.127   1.00 20.27 ? 276 HOH A O   1 
HETATM 952 O O   . HOH B 2 .   ? 11.015  23.644  8.128   1.00 16.37 ? 277 HOH A O   1 
HETATM 953 O O   . HOH B 2 .   ? 18.234  -0.601  -2.055  1.00 24.19 ? 278 HOH A O   1 
HETATM 954 O O   . HOH B 2 .   ? 11.368  7.189   -10.364 1.00 20.92 ? 279 HOH A O   1 
HETATM 955 O O   . HOH B 2 .   ? -8.060  -10.619 -4.989  1.00 19.74 ? 280 HOH A O   1 
HETATM 956 O O   . HOH B 2 .   ? 7.775   8.613   3.118   1.00 19.37 ? 281 HOH A O   1 
HETATM 957 O O   . HOH B 2 .   ? -3.646  4.373   8.251   1.00 19.66 ? 282 HOH A O   1 
HETATM 958 O O   . HOH B 2 .   ? 17.022  -10.034 -1.011  1.00 14.92 ? 283 HOH A O   1 
HETATM 959 O O   . HOH B 2 .   ? 14.600  0.705   -4.022  1.00 19.48 ? 284 HOH A O   1 
HETATM 960 O O   . HOH B 2 .   ? 5.277   0.266   13.139  1.00 22.74 ? 285 HOH A O   1 
HETATM 961 O O   . HOH B 2 .   ? -8.227  6.205   7.455   1.00 14.99 ? 286 HOH A O   1 
HETATM 962 O O   . HOH B 2 .   ? -0.787  8.048   -15.469 1.00 13.68 ? 287 HOH A O   1 
HETATM 963 O O   . HOH B 2 .   ? -1.846  6.172   9.168   1.00 22.21 ? 288 HOH A O   1 
HETATM 964 O O   . HOH B 2 .   ? -16.186 -6.327  -7.740  1.00 15.45 ? 289 HOH A O   1 
HETATM 965 O O   . HOH B 2 .   ? 10.891  -11.417 -2.515  1.00 21.81 ? 290 HOH A O   1 
HETATM 966 O O   . HOH B 2 .   ? -2.228  -10.061 -4.068  1.00 24.56 ? 291 HOH A O   1 
HETATM 967 O O   . HOH B 2 .   ? 8.968   14.419  3.295   1.00 24.55 ? 292 HOH A O   1 
HETATM 968 O O   . HOH B 2 .   ? 19.233  0.094   0.832   1.00 24.83 ? 293 HOH A O   1 
HETATM 969 O O   . HOH B 2 .   ? -12.363 8.763   -5.510  1.00 27.85 ? 294 HOH A O   1 
HETATM 970 O O   . HOH B 2 .   ? -2.564  -14.349 2.584   1.00 12.64 ? 295 HOH A O   1 
HETATM 971 O O   . HOH B 2 .   ? -4.605  -11.998 13.154  1.00 18.37 ? 296 HOH A O   1 
# 
loop_
_pdbx_poly_seq_scheme.asym_id 
_pdbx_poly_seq_scheme.entity_id 
_pdbx_poly_seq_scheme.seq_id 
_pdbx_poly_seq_scheme.mon_id 
_pdbx_poly_seq_scheme.ndb_seq_num 
_pdbx_poly_seq_scheme.pdb_seq_num 
_pdbx_poly_seq_scheme.auth_seq_num 
_pdbx_poly_seq_scheme.pdb_mon_id 
_pdbx_poly_seq_scheme.auth_mon_id 
_pdbx_poly_seq_scheme.pdb_strand_id 
_pdbx_poly_seq_scheme.pdb_ins_code 
_pdbx_poly_seq_scheme.hetero 
A 1 1   ALA 1   73  73  ALA ALA A . n 
A 1 2   GLY 2   74  74  GLY GLY A . n 
A 1 3   THR 3   75  75  THR THR A . n 
A 1 4   LYS 4   76  76  LYS LYS A . n 
A 1 5   LEU 5   77  77  LEU LEU A . n 
A 1 6   SER 6   78  78  SER SER A . n 
A 1 7   LEU 7   79  79  LEU LEU A . n 
A 1 8   MET 8   80  80  MET MET A . n 
A 1 9   PRO 9   81  81  PRO PRO A . n 
A 1 10  TRP 10  82  82  TRP TRP A . n 
A 1 11  PHE 11  83  83  PHE PHE A . n 
A 1 12  HIS 12  84  84  HIS HIS A . n 
A 1 13  GLY 13  85  85  GLY GLY A . n 
A 1 14  LYS 14  86  86  LYS LYS A . n 
A 1 15  ILE 15  87  87  ILE ILE A . n 
A 1 16  THR 16  88  88  THR THR A . n 
A 1 17  ARG 17  89  89  ARG ARG A . n 
A 1 18  GLU 18  90  90  GLU GLU A . n 
A 1 19  GLN 19  91  91  GLN GLN A . n 
A 1 20  ALA 20  92  92  ALA ALA A . n 
A 1 21  GLU 21  93  93  GLU GLU A . n 
A 1 22  ARG 22  94  94  ARG ARG A . n 
A 1 23  LEU 23  95  95  LEU LEU A . n 
A 1 24  LEU 24  96  96  LEU LEU A . n 
A 1 25  TYR 25  97  97  TYR TYR A . n 
A 1 26  PRO 26  98  98  PRO PRO A . n 
A 1 27  PRO 27  99  99  PRO PRO A . n 
A 1 28  GLU 28  100 100 GLU GLU A . n 
A 1 29  THR 29  101 101 THR THR A . n 
A 1 30  GLY 30  102 102 GLY GLY A . n 
A 1 31  LEU 31  103 103 LEU LEU A . n 
A 1 32  PHE 32  104 104 PHE PHE A . n 
A 1 33  LEU 33  105 105 LEU LEU A . n 
A 1 34  VAL 34  106 106 VAL VAL A . n 
A 1 35  ARG 35  107 107 ARG ARG A . n 
A 1 36  GLU 36  108 108 GLU GLU A . n 
A 1 37  SER 37  109 109 SER SER A . n 
A 1 38  THR 38  110 110 THR THR A . n 
A 1 39  ASN 39  111 111 ASN ASN A . n 
A 1 40  TYR 40  112 112 TYR TYR A . n 
A 1 41  PRO 41  113 113 PRO PRO A . n 
A 1 42  GLY 42  114 114 GLY GLY A . n 
A 1 43  ASP 43  115 115 ASP ASP A . n 
A 1 44  TYR 44  116 116 TYR TYR A . n 
A 1 45  THR 45  117 117 THR THR A . n 
A 1 46  LEU 46  118 118 LEU LEU A . n 
A 1 47  CYS 47  119 119 CYS CYS A . n 
A 1 48  VAL 48  120 120 VAL VAL A . n 
A 1 49  SER 49  121 121 SER SER A . n 
A 1 50  SER 50  122 122 SER SER A . n 
A 1 51  ASP 51  123 123 ASP ASP A . n 
A 1 52  GLY 52  124 124 GLY GLY A . n 
A 1 53  LYS 53  125 125 LYS LYS A . n 
A 1 54  VAL 54  126 126 VAL VAL A . n 
A 1 55  GLU 55  127 127 GLU GLU A . n 
A 1 56  HIS 56  128 128 HIS HIS A . n 
A 1 57  TYR 57  129 129 TYR TYR A . n 
A 1 58  ARG 58  130 130 ARG ARG A . n 
A 1 59  ILE 59  131 131 ILE ILE A . n 
A 1 60  MET 60  132 132 MET MET A . n 
A 1 61  TYR 61  133 133 TYR TYR A . n 
A 1 62  HIS 62  134 134 HIS HIS A . n 
A 1 63  ALA 63  135 135 ALA ALA A . n 
A 1 64  SER 64  136 136 SER SER A . n 
A 1 65  LYS 65  137 137 LYS LYS A . n 
A 1 66  LEU 66  138 138 LEU LEU A . n 
A 1 67  SER 67  139 139 SER SER A . n 
A 1 68  ILE 68  140 140 ILE ILE A . n 
A 1 69  ASP 69  141 141 ASP ASP A . n 
A 1 70  GLU 70  142 142 GLU GLU A . n 
A 1 71  GLU 71  143 143 GLU GLU A . n 
A 1 72  VAL 72  144 144 VAL VAL A . n 
A 1 73  TYR 73  145 145 TYR TYR A . n 
A 1 74  PHE 74  146 146 PHE PHE A . n 
A 1 75  GLU 75  147 147 GLU GLU A . n 
A 1 76  ASN 76  148 148 ASN ASN A . n 
A 1 77  LEU 77  149 149 LEU LEU A . n 
A 1 78  MET 78  150 150 MET MET A . n 
A 1 79  GLN 79  151 151 GLN GLN A . n 
A 1 80  LEU 80  152 152 LEU LEU A . n 
A 1 81  VAL 81  153 153 VAL VAL A . n 
A 1 82  GLU 82  154 154 GLU GLU A . n 
A 1 83  HIS 83  155 155 HIS HIS A . n 
A 1 84  TYR 84  156 156 TYR TYR A . n 
A 1 85  THR 85  157 157 THR THR A . n 
A 1 86  SER 86  158 158 SER SER A . n 
A 1 87  ASP 87  159 159 ASP ASP A . n 
A 1 88  ALA 88  160 160 ALA ALA A . n 
A 1 89  ASP 89  161 161 ASP ASP A . n 
A 1 90  GLY 90  162 162 GLY GLY A . n 
A 1 91  LEU 91  163 163 LEU LEU A . n 
A 1 92  CYS 92  164 164 CYS CYS A . n 
A 1 93  THR 93  165 165 THR THR A . n 
A 1 94  ARG 94  166 166 ARG ARG A . n 
A 1 95  LEU 95  167 167 LEU LEU A . n 
A 1 96  ILE 96  168 168 ILE ILE A . n 
A 1 97  LYS 97  169 169 LYS LYS A . n 
A 1 98  PRO 98  170 170 PRO PRO A . n 
A 1 99  LYS 99  171 171 LYS LYS A . n 
A 1 100 VAL 100 172 172 VAL VAL A . n 
A 1 101 MET 101 173 173 MET MET A . n 
A 1 102 GLU 102 174 174 GLU GLU A . n 
A 1 103 GLY 103 175 ?   ?   ?   A . n 
A 1 104 THR 104 176 ?   ?   ?   A . n 
A 1 105 VAL 105 177 ?   ?   ?   A . n 
A 1 106 ALA 106 178 ?   ?   ?   A . n 
# 
loop_
_pdbx_nonpoly_scheme.asym_id 
_pdbx_nonpoly_scheme.entity_id 
_pdbx_nonpoly_scheme.mon_id 
_pdbx_nonpoly_scheme.ndb_seq_num 
_pdbx_nonpoly_scheme.pdb_seq_num 
_pdbx_nonpoly_scheme.auth_seq_num 
_pdbx_nonpoly_scheme.pdb_mon_id 
_pdbx_nonpoly_scheme.auth_mon_id 
_pdbx_nonpoly_scheme.pdb_strand_id 
_pdbx_nonpoly_scheme.pdb_ins_code 
B 2 HOH 1   179 1   HOH HOH A . 
B 2 HOH 2   180 2   HOH HOH A . 
B 2 HOH 3   181 3   HOH HOH A . 
B 2 HOH 4   182 4   HOH HOH A . 
B 2 HOH 5   183 5   HOH HOH A . 
B 2 HOH 6   184 6   HOH HOH A . 
B 2 HOH 7   185 7   HOH HOH A . 
B 2 HOH 8   186 8   HOH HOH A . 
B 2 HOH 9   187 9   HOH HOH A . 
B 2 HOH 10  188 10  HOH HOH A . 
B 2 HOH 11  189 11  HOH HOH A . 
B 2 HOH 12  190 12  HOH HOH A . 
B 2 HOH 13  191 13  HOH HOH A . 
B 2 HOH 14  192 14  HOH HOH A . 
B 2 HOH 15  193 15  HOH HOH A . 
B 2 HOH 16  194 16  HOH HOH A . 
B 2 HOH 17  195 17  HOH HOH A . 
B 2 HOH 18  196 18  HOH HOH A . 
B 2 HOH 19  197 19  HOH HOH A . 
B 2 HOH 20  198 20  HOH HOH A . 
B 2 HOH 21  199 21  HOH HOH A . 
B 2 HOH 22  200 22  HOH HOH A . 
B 2 HOH 23  201 23  HOH HOH A . 
B 2 HOH 24  202 24  HOH HOH A . 
B 2 HOH 25  203 25  HOH HOH A . 
B 2 HOH 26  204 26  HOH HOH A . 
B 2 HOH 27  205 27  HOH HOH A . 
B 2 HOH 28  206 28  HOH HOH A . 
B 2 HOH 29  207 29  HOH HOH A . 
B 2 HOH 30  208 30  HOH HOH A . 
B 2 HOH 31  209 31  HOH HOH A . 
B 2 HOH 32  210 32  HOH HOH A . 
B 2 HOH 33  211 33  HOH HOH A . 
B 2 HOH 34  212 34  HOH HOH A . 
B 2 HOH 35  213 35  HOH HOH A . 
B 2 HOH 36  214 36  HOH HOH A . 
B 2 HOH 37  215 37  HOH HOH A . 
B 2 HOH 38  216 38  HOH HOH A . 
B 2 HOH 39  217 39  HOH HOH A . 
B 2 HOH 40  218 40  HOH HOH A . 
B 2 HOH 41  219 41  HOH HOH A . 
B 2 HOH 42  220 42  HOH HOH A . 
B 2 HOH 43  221 43  HOH HOH A . 
B 2 HOH 44  222 44  HOH HOH A . 
B 2 HOH 45  223 45  HOH HOH A . 
B 2 HOH 46  224 46  HOH HOH A . 
B 2 HOH 47  225 47  HOH HOH A . 
B 2 HOH 48  226 48  HOH HOH A . 
B 2 HOH 49  227 49  HOH HOH A . 
B 2 HOH 50  228 50  HOH HOH A . 
B 2 HOH 51  229 51  HOH HOH A . 
B 2 HOH 52  230 52  HOH HOH A . 
B 2 HOH 53  231 53  HOH HOH A . 
B 2 HOH 54  232 54  HOH HOH A . 
B 2 HOH 55  233 55  HOH HOH A . 
B 2 HOH 56  234 56  HOH HOH A . 
B 2 HOH 57  235 57  HOH HOH A . 
B 2 HOH 58  236 58  HOH HOH A . 
B 2 HOH 59  237 59  HOH HOH A . 
B 2 HOH 60  238 60  HOH HOH A . 
B 2 HOH 61  239 61  HOH HOH A . 
B 2 HOH 62  240 62  HOH HOH A . 
B 2 HOH 63  241 63  HOH HOH A . 
B 2 HOH 64  242 64  HOH HOH A . 
B 2 HOH 65  243 65  HOH HOH A . 
B 2 HOH 66  244 66  HOH HOH A . 
B 2 HOH 67  245 67  HOH HOH A . 
B 2 HOH 68  246 68  HOH HOH A . 
B 2 HOH 69  247 69  HOH HOH A . 
B 2 HOH 70  248 70  HOH HOH A . 
B 2 HOH 71  249 71  HOH HOH A . 
B 2 HOH 72  250 72  HOH HOH A . 
B 2 HOH 73  251 73  HOH HOH A . 
B 2 HOH 74  252 74  HOH HOH A . 
B 2 HOH 75  253 75  HOH HOH A . 
B 2 HOH 76  254 76  HOH HOH A . 
B 2 HOH 77  255 77  HOH HOH A . 
B 2 HOH 78  256 78  HOH HOH A . 
B 2 HOH 79  257 79  HOH HOH A . 
B 2 HOH 80  258 80  HOH HOH A . 
B 2 HOH 81  259 81  HOH HOH A . 
B 2 HOH 82  260 82  HOH HOH A . 
B 2 HOH 83  261 83  HOH HOH A . 
B 2 HOH 84  262 84  HOH HOH A . 
B 2 HOH 85  263 85  HOH HOH A . 
B 2 HOH 86  264 86  HOH HOH A . 
B 2 HOH 87  265 87  HOH HOH A . 
B 2 HOH 88  266 88  HOH HOH A . 
B 2 HOH 89  267 89  HOH HOH A . 
B 2 HOH 90  268 90  HOH HOH A . 
B 2 HOH 91  269 91  HOH HOH A . 
B 2 HOH 92  270 92  HOH HOH A . 
B 2 HOH 93  271 93  HOH HOH A . 
B 2 HOH 94  272 94  HOH HOH A . 
B 2 HOH 95  273 95  HOH HOH A . 
B 2 HOH 96  274 96  HOH HOH A . 
B 2 HOH 97  275 97  HOH HOH A . 
B 2 HOH 98  276 98  HOH HOH A . 
B 2 HOH 99  277 99  HOH HOH A . 
B 2 HOH 100 278 100 HOH HOH A . 
B 2 HOH 101 279 101 HOH HOH A . 
B 2 HOH 102 280 102 HOH HOH A . 
B 2 HOH 103 281 103 HOH HOH A . 
B 2 HOH 104 282 104 HOH HOH A . 
B 2 HOH 105 283 105 HOH HOH A . 
B 2 HOH 106 284 106 HOH HOH A . 
B 2 HOH 107 285 107 HOH HOH A . 
B 2 HOH 108 286 108 HOH HOH A . 
B 2 HOH 109 287 109 HOH HOH A . 
B 2 HOH 110 288 110 HOH HOH A . 
B 2 HOH 111 289 111 HOH HOH A . 
B 2 HOH 112 290 112 HOH HOH A . 
B 2 HOH 113 291 113 HOH HOH A . 
B 2 HOH 114 292 114 HOH HOH A . 
B 2 HOH 115 293 115 HOH HOH A . 
B 2 HOH 116 294 116 HOH HOH A . 
B 2 HOH 117 295 117 HOH HOH A . 
B 2 HOH 118 296 118 HOH HOH A . 
# 
_pdbx_struct_assembly.id                   1 
_pdbx_struct_assembly.details              author_and_software_defined_assembly 
_pdbx_struct_assembly.method_details       PISA 
_pdbx_struct_assembly.oligomeric_details   monomeric 
_pdbx_struct_assembly.oligomeric_count     1 
# 
_pdbx_struct_assembly_gen.assembly_id       1 
_pdbx_struct_assembly_gen.oper_expression   1 
_pdbx_struct_assembly_gen.asym_id_list      A,B 
# 
_pdbx_struct_oper_list.id                   1 
_pdbx_struct_oper_list.type                 'identity operation' 
_pdbx_struct_oper_list.name                 1_555 
_pdbx_struct_oper_list.symmetry_operation   x,y,z 
_pdbx_struct_oper_list.matrix[1][1]         1.0000000000 
_pdbx_struct_oper_list.matrix[1][2]         0.0000000000 
_pdbx_struct_oper_list.matrix[1][3]         0.0000000000 
_pdbx_struct_oper_list.vector[1]            0.0000000000 
_pdbx_struct_oper_list.matrix[2][1]         0.0000000000 
_pdbx_struct_oper_list.matrix[2][2]         1.0000000000 
_pdbx_struct_oper_list.matrix[2][3]         0.0000000000 
_pdbx_struct_oper_list.vector[2]            0.0000000000 
_pdbx_struct_oper_list.matrix[3][1]         0.0000000000 
_pdbx_struct_oper_list.matrix[3][2]         0.0000000000 
_pdbx_struct_oper_list.matrix[3][3]         1.0000000000 
_pdbx_struct_oper_list.vector[3]            0.0000000000 
# 
loop_
_pdbx_audit_revision_history.ordinal 
_pdbx_audit_revision_history.data_content_type 
_pdbx_audit_revision_history.major_revision 
_pdbx_audit_revision_history.minor_revision 
_pdbx_audit_revision_history.revision_date 
1 'Structure model' 1 0 2009-11-10 
2 'Structure model' 1 1 2011-07-13 
3 'Structure model' 1 2 2016-07-20 
4 'Structure model' 1 3 2016-12-14 
5 'Structure model' 1 4 2021-10-20 
6 'Structure model' 1 5 2023-08-30 
# 
_pdbx_audit_revision_details.ordinal             1 
_pdbx_audit_revision_details.revision_ordinal    1 
_pdbx_audit_revision_details.data_content_type   'Structure model' 
_pdbx_audit_revision_details.provider            repository 
_pdbx_audit_revision_details.type                'Initial release' 
_pdbx_audit_revision_details.description         ? 
_pdbx_audit_revision_details.details             ? 
# 
loop_
_pdbx_audit_revision_group.ordinal 
_pdbx_audit_revision_group.revision_ordinal 
_pdbx_audit_revision_group.data_content_type 
_pdbx_audit_revision_group.group 
1 2 'Structure model' 'Version format compliance' 
2 3 'Structure model' 'Database references'       
3 4 'Structure model' 'Database references'       
4 5 'Structure model' 'Database references'       
5 6 'Structure model' 'Data collection'           
6 6 'Structure model' 'Refinement description'    
# 
loop_
_pdbx_audit_revision_category.ordinal 
_pdbx_audit_revision_category.revision_ordinal 
_pdbx_audit_revision_category.data_content_type 
_pdbx_audit_revision_category.category 
1 5 'Structure model' database_2                    
2 5 'Structure model' struct_ref_seq_dif            
3 6 'Structure model' chem_comp_atom                
4 6 'Structure model' chem_comp_bond                
5 6 'Structure model' pdbx_initial_refinement_model 
# 
loop_
_pdbx_audit_revision_item.ordinal 
_pdbx_audit_revision_item.revision_ordinal 
_pdbx_audit_revision_item.data_content_type 
_pdbx_audit_revision_item.item 
1 5 'Structure model' '_database_2.pdbx_DOI'                
2 5 'Structure model' '_database_2.pdbx_database_accession' 
3 5 'Structure model' '_struct_ref_seq_dif.details'         
# 
loop_
_software.name 
_software.classification 
_software.version 
_software.citation_id 
_software.pdbx_ordinal 
MAR345dtb 'data collection' .        ? 1 
AMoRE     phasing           .        ? 2 
REFMAC    refinement        5.2.0019 ? 3 
HKL-2000  'data reduction'  .        ? 4 
HKL-2000  'data scaling'    .        ? 5 
# 
loop_
_pdbx_validate_rmsd_bond.id 
_pdbx_validate_rmsd_bond.PDB_model_num 
_pdbx_validate_rmsd_bond.auth_atom_id_1 
_pdbx_validate_rmsd_bond.auth_asym_id_1 
_pdbx_validate_rmsd_bond.auth_comp_id_1 
_pdbx_validate_rmsd_bond.auth_seq_id_1 
_pdbx_validate_rmsd_bond.PDB_ins_code_1 
_pdbx_validate_rmsd_bond.label_alt_id_1 
_pdbx_validate_rmsd_bond.auth_atom_id_2 
_pdbx_validate_rmsd_bond.auth_asym_id_2 
_pdbx_validate_rmsd_bond.auth_comp_id_2 
_pdbx_validate_rmsd_bond.auth_seq_id_2 
_pdbx_validate_rmsd_bond.PDB_ins_code_2 
_pdbx_validate_rmsd_bond.label_alt_id_2 
_pdbx_validate_rmsd_bond.bond_value 
_pdbx_validate_rmsd_bond.bond_target_value 
_pdbx_validate_rmsd_bond.bond_deviation 
_pdbx_validate_rmsd_bond.bond_standard_deviation 
_pdbx_validate_rmsd_bond.linker_flag 
1 1 CD  A GLU 100 ? ? OE1 A GLU 100 ? ? 1.152 1.252 -0.100 0.011 N 
2 1 CD  A GLU 108 ? ? OE2 A GLU 108 ? ? 1.179 1.252 -0.073 0.011 N 
3 1 CE2 A TYR 112 ? ? CD2 A TYR 112 ? ? 1.278 1.389 -0.111 0.015 N 
# 
loop_
_pdbx_validate_torsion.id 
_pdbx_validate_torsion.PDB_model_num 
_pdbx_validate_torsion.auth_comp_id 
_pdbx_validate_torsion.auth_asym_id 
_pdbx_validate_torsion.auth_seq_id 
_pdbx_validate_torsion.PDB_ins_code 
_pdbx_validate_torsion.label_alt_id 
_pdbx_validate_torsion.phi 
_pdbx_validate_torsion.psi 
1 1 LEU A 96  ? ? -98.05 40.51 
2 1 SER A 136 ? ? 72.44  -2.91 
3 1 SER A 136 ? ? 72.19  -1.83 
# 
_pdbx_validate_main_chain_plane.id                       1 
_pdbx_validate_main_chain_plane.PDB_model_num            1 
_pdbx_validate_main_chain_plane.auth_comp_id             LYS 
_pdbx_validate_main_chain_plane.auth_asym_id             A 
_pdbx_validate_main_chain_plane.auth_seq_id              86 
_pdbx_validate_main_chain_plane.PDB_ins_code             ? 
_pdbx_validate_main_chain_plane.label_alt_id             B 
_pdbx_validate_main_chain_plane.improper_torsion_angle   -10.79 
# 
loop_
_pdbx_unobs_or_zero_occ_residues.id 
_pdbx_unobs_or_zero_occ_residues.PDB_model_num 
_pdbx_unobs_or_zero_occ_residues.polymer_flag 
_pdbx_unobs_or_zero_occ_residues.occupancy_flag 
_pdbx_unobs_or_zero_occ_residues.auth_asym_id 
_pdbx_unobs_or_zero_occ_residues.auth_comp_id 
_pdbx_unobs_or_zero_occ_residues.auth_seq_id 
_pdbx_unobs_or_zero_occ_residues.PDB_ins_code 
_pdbx_unobs_or_zero_occ_residues.label_asym_id 
_pdbx_unobs_or_zero_occ_residues.label_comp_id 
_pdbx_unobs_or_zero_occ_residues.label_seq_id 
1 1 Y 1 A GLY 175 ? A GLY 103 
2 1 Y 1 A THR 176 ? A THR 104 
3 1 Y 1 A VAL 177 ? A VAL 105 
4 1 Y 1 A ALA 178 ? A ALA 106 
# 
loop_
_chem_comp_atom.comp_id 
_chem_comp_atom.atom_id 
_chem_comp_atom.type_symbol 
_chem_comp_atom.pdbx_aromatic_flag 
_chem_comp_atom.pdbx_stereo_config 
_chem_comp_atom.pdbx_ordinal 
ALA N    N N N 1   
ALA CA   C N S 2   
ALA C    C N N 3   
ALA O    O N N 4   
ALA CB   C N N 5   
ALA OXT  O N N 6   
ALA H    H N N 7   
ALA H2   H N N 8   
ALA HA   H N N 9   
ALA HB1  H N N 10  
ALA HB2  H N N 11  
ALA HB3  H N N 12  
ALA HXT  H N N 13  
ARG N    N N N 14  
ARG CA   C N S 15  
ARG C    C N N 16  
ARG O    O N N 17  
ARG CB   C N N 18  
ARG CG   C N N 19  
ARG CD   C N N 20  
ARG NE   N N N 21  
ARG CZ   C N N 22  
ARG NH1  N N N 23  
ARG NH2  N N N 24  
ARG OXT  O N N 25  
ARG H    H N N 26  
ARG H2   H N N 27  
ARG HA   H N N 28  
ARG HB2  H N N 29  
ARG HB3  H N N 30  
ARG HG2  H N N 31  
ARG HG3  H N N 32  
ARG HD2  H N N 33  
ARG HD3  H N N 34  
ARG HE   H N N 35  
ARG HH11 H N N 36  
ARG HH12 H N N 37  
ARG HH21 H N N 38  
ARG HH22 H N N 39  
ARG HXT  H N N 40  
ASN N    N N N 41  
ASN CA   C N S 42  
ASN C    C N N 43  
ASN O    O N N 44  
ASN CB   C N N 45  
ASN CG   C N N 46  
ASN OD1  O N N 47  
ASN ND2  N N N 48  
ASN OXT  O N N 49  
ASN H    H N N 50  
ASN H2   H N N 51  
ASN HA   H N N 52  
ASN HB2  H N N 53  
ASN HB3  H N N 54  
ASN HD21 H N N 55  
ASN HD22 H N N 56  
ASN HXT  H N N 57  
ASP N    N N N 58  
ASP CA   C N S 59  
ASP C    C N N 60  
ASP O    O N N 61  
ASP CB   C N N 62  
ASP CG   C N N 63  
ASP OD1  O N N 64  
ASP OD2  O N N 65  
ASP OXT  O N N 66  
ASP H    H N N 67  
ASP H2   H N N 68  
ASP HA   H N N 69  
ASP HB2  H N N 70  
ASP HB3  H N N 71  
ASP HD2  H N N 72  
ASP HXT  H N N 73  
CYS N    N N N 74  
CYS CA   C N R 75  
CYS C    C N N 76  
CYS O    O N N 77  
CYS CB   C N N 78  
CYS SG   S N N 79  
CYS OXT  O N N 80  
CYS H    H N N 81  
CYS H2   H N N 82  
CYS HA   H N N 83  
CYS HB2  H N N 84  
CYS HB3  H N N 85  
CYS HG   H N N 86  
CYS HXT  H N N 87  
GLN N    N N N 88  
GLN CA   C N S 89  
GLN C    C N N 90  
GLN O    O N N 91  
GLN CB   C N N 92  
GLN CG   C N N 93  
GLN CD   C N N 94  
GLN OE1  O N N 95  
GLN NE2  N N N 96  
GLN OXT  O N N 97  
GLN H    H N N 98  
GLN H2   H N N 99  
GLN HA   H N N 100 
GLN HB2  H N N 101 
GLN HB3  H N N 102 
GLN HG2  H N N 103 
GLN HG3  H N N 104 
GLN HE21 H N N 105 
GLN HE22 H N N 106 
GLN HXT  H N N 107 
GLU N    N N N 108 
GLU CA   C N S 109 
GLU C    C N N 110 
GLU O    O N N 111 
GLU CB   C N N 112 
GLU CG   C N N 113 
GLU CD   C N N 114 
GLU OE1  O N N 115 
GLU OE2  O N N 116 
GLU OXT  O N N 117 
GLU H    H N N 118 
GLU H2   H N N 119 
GLU HA   H N N 120 
GLU HB2  H N N 121 
GLU HB3  H N N 122 
GLU HG2  H N N 123 
GLU HG3  H N N 124 
GLU HE2  H N N 125 
GLU HXT  H N N 126 
GLY N    N N N 127 
GLY CA   C N N 128 
GLY C    C N N 129 
GLY O    O N N 130 
GLY OXT  O N N 131 
GLY H    H N N 132 
GLY H2   H N N 133 
GLY HA2  H N N 134 
GLY HA3  H N N 135 
GLY HXT  H N N 136 
HIS N    N N N 137 
HIS CA   C N S 138 
HIS C    C N N 139 
HIS O    O N N 140 
HIS CB   C N N 141 
HIS CG   C Y N 142 
HIS ND1  N Y N 143 
HIS CD2  C Y N 144 
HIS CE1  C Y N 145 
HIS NE2  N Y N 146 
HIS OXT  O N N 147 
HIS H    H N N 148 
HIS H2   H N N 149 
HIS HA   H N N 150 
HIS HB2  H N N 151 
HIS HB3  H N N 152 
HIS HD1  H N N 153 
HIS HD2  H N N 154 
HIS HE1  H N N 155 
HIS HE2  H N N 156 
HIS HXT  H N N 157 
HOH O    O N N 158 
HOH H1   H N N 159 
HOH H2   H N N 160 
ILE N    N N N 161 
ILE CA   C N S 162 
ILE C    C N N 163 
ILE O    O N N 164 
ILE CB   C N S 165 
ILE CG1  C N N 166 
ILE CG2  C N N 167 
ILE CD1  C N N 168 
ILE OXT  O N N 169 
ILE H    H N N 170 
ILE H2   H N N 171 
ILE HA   H N N 172 
ILE HB   H N N 173 
ILE HG12 H N N 174 
ILE HG13 H N N 175 
ILE HG21 H N N 176 
ILE HG22 H N N 177 
ILE HG23 H N N 178 
ILE HD11 H N N 179 
ILE HD12 H N N 180 
ILE HD13 H N N 181 
ILE HXT  H N N 182 
LEU N    N N N 183 
LEU CA   C N S 184 
LEU C    C N N 185 
LEU O    O N N 186 
LEU CB   C N N 187 
LEU CG   C N N 188 
LEU CD1  C N N 189 
LEU CD2  C N N 190 
LEU OXT  O N N 191 
LEU H    H N N 192 
LEU H2   H N N 193 
LEU HA   H N N 194 
LEU HB2  H N N 195 
LEU HB3  H N N 196 
LEU HG   H N N 197 
LEU HD11 H N N 198 
LEU HD12 H N N 199 
LEU HD13 H N N 200 
LEU HD21 H N N 201 
LEU HD22 H N N 202 
LEU HD23 H N N 203 
LEU HXT  H N N 204 
LYS N    N N N 205 
LYS CA   C N S 206 
LYS C    C N N 207 
LYS O    O N N 208 
LYS CB   C N N 209 
LYS CG   C N N 210 
LYS CD   C N N 211 
LYS CE   C N N 212 
LYS NZ   N N N 213 
LYS OXT  O N N 214 
LYS H    H N N 215 
LYS H2   H N N 216 
LYS HA   H N N 217 
LYS HB2  H N N 218 
LYS HB3  H N N 219 
LYS HG2  H N N 220 
LYS HG3  H N N 221 
LYS HD2  H N N 222 
LYS HD3  H N N 223 
LYS HE2  H N N 224 
LYS HE3  H N N 225 
LYS HZ1  H N N 226 
LYS HZ2  H N N 227 
LYS HZ3  H N N 228 
LYS HXT  H N N 229 
MET N    N N N 230 
MET CA   C N S 231 
MET C    C N N 232 
MET O    O N N 233 
MET CB   C N N 234 
MET CG   C N N 235 
MET SD   S N N 236 
MET CE   C N N 237 
MET OXT  O N N 238 
MET H    H N N 239 
MET H2   H N N 240 
MET HA   H N N 241 
MET HB2  H N N 242 
MET HB3  H N N 243 
MET HG2  H N N 244 
MET HG3  H N N 245 
MET HE1  H N N 246 
MET HE2  H N N 247 
MET HE3  H N N 248 
MET HXT  H N N 249 
PHE N    N N N 250 
PHE CA   C N S 251 
PHE C    C N N 252 
PHE O    O N N 253 
PHE CB   C N N 254 
PHE CG   C Y N 255 
PHE CD1  C Y N 256 
PHE CD2  C Y N 257 
PHE CE1  C Y N 258 
PHE CE2  C Y N 259 
PHE CZ   C Y N 260 
PHE OXT  O N N 261 
PHE H    H N N 262 
PHE H2   H N N 263 
PHE HA   H N N 264 
PHE HB2  H N N 265 
PHE HB3  H N N 266 
PHE HD1  H N N 267 
PHE HD2  H N N 268 
PHE HE1  H N N 269 
PHE HE2  H N N 270 
PHE HZ   H N N 271 
PHE HXT  H N N 272 
PRO N    N N N 273 
PRO CA   C N S 274 
PRO C    C N N 275 
PRO O    O N N 276 
PRO CB   C N N 277 
PRO CG   C N N 278 
PRO CD   C N N 279 
PRO OXT  O N N 280 
PRO H    H N N 281 
PRO HA   H N N 282 
PRO HB2  H N N 283 
PRO HB3  H N N 284 
PRO HG2  H N N 285 
PRO HG3  H N N 286 
PRO HD2  H N N 287 
PRO HD3  H N N 288 
PRO HXT  H N N 289 
SER N    N N N 290 
SER CA   C N S 291 
SER C    C N N 292 
SER O    O N N 293 
SER CB   C N N 294 
SER OG   O N N 295 
SER OXT  O N N 296 
SER H    H N N 297 
SER H2   H N N 298 
SER HA   H N N 299 
SER HB2  H N N 300 
SER HB3  H N N 301 
SER HG   H N N 302 
SER HXT  H N N 303 
THR N    N N N 304 
THR CA   C N S 305 
THR C    C N N 306 
THR O    O N N 307 
THR CB   C N R 308 
THR OG1  O N N 309 
THR CG2  C N N 310 
THR OXT  O N N 311 
THR H    H N N 312 
THR H2   H N N 313 
THR HA   H N N 314 
THR HB   H N N 315 
THR HG1  H N N 316 
THR HG21 H N N 317 
THR HG22 H N N 318 
THR HG23 H N N 319 
THR HXT  H N N 320 
TRP N    N N N 321 
TRP CA   C N S 322 
TRP C    C N N 323 
TRP O    O N N 324 
TRP CB   C N N 325 
TRP CG   C Y N 326 
TRP CD1  C Y N 327 
TRP CD2  C Y N 328 
TRP NE1  N Y N 329 
TRP CE2  C Y N 330 
TRP CE3  C Y N 331 
TRP CZ2  C Y N 332 
TRP CZ3  C Y N 333 
TRP CH2  C Y N 334 
TRP OXT  O N N 335 
TRP H    H N N 336 
TRP H2   H N N 337 
TRP HA   H N N 338 
TRP HB2  H N N 339 
TRP HB3  H N N 340 
TRP HD1  H N N 341 
TRP HE1  H N N 342 
TRP HE3  H N N 343 
TRP HZ2  H N N 344 
TRP HZ3  H N N 345 
TRP HH2  H N N 346 
TRP HXT  H N N 347 
TYR N    N N N 348 
TYR CA   C N S 349 
TYR C    C N N 350 
TYR O    O N N 351 
TYR CB   C N N 352 
TYR CG   C Y N 353 
TYR CD1  C Y N 354 
TYR CD2  C Y N 355 
TYR CE1  C Y N 356 
TYR CE2  C Y N 357 
TYR CZ   C Y N 358 
TYR OH   O N N 359 
TYR OXT  O N N 360 
TYR H    H N N 361 
TYR H2   H N N 362 
TYR HA   H N N 363 
TYR HB2  H N N 364 
TYR HB3  H N N 365 
TYR HD1  H N N 366 
TYR HD2  H N N 367 
TYR HE1  H N N 368 
TYR HE2  H N N 369 
TYR HH   H N N 370 
TYR HXT  H N N 371 
VAL N    N N N 372 
VAL CA   C N S 373 
VAL C    C N N 374 
VAL O    O N N 375 
VAL CB   C N N 376 
VAL CG1  C N N 377 
VAL CG2  C N N 378 
VAL OXT  O N N 379 
VAL H    H N N 380 
VAL H2   H N N 381 
VAL HA   H N N 382 
VAL HB   H N N 383 
VAL HG11 H N N 384 
VAL HG12 H N N 385 
VAL HG13 H N N 386 
VAL HG21 H N N 387 
VAL HG22 H N N 388 
VAL HG23 H N N 389 
VAL HXT  H N N 390 
# 
loop_
_chem_comp_bond.comp_id 
_chem_comp_bond.atom_id_1 
_chem_comp_bond.atom_id_2 
_chem_comp_bond.value_order 
_chem_comp_bond.pdbx_aromatic_flag 
_chem_comp_bond.pdbx_stereo_config 
_chem_comp_bond.pdbx_ordinal 
ALA N   CA   sing N N 1   
ALA N   H    sing N N 2   
ALA N   H2   sing N N 3   
ALA CA  C    sing N N 4   
ALA CA  CB   sing N N 5   
ALA CA  HA   sing N N 6   
ALA C   O    doub N N 7   
ALA C   OXT  sing N N 8   
ALA CB  HB1  sing N N 9   
ALA CB  HB2  sing N N 10  
ALA CB  HB3  sing N N 11  
ALA OXT HXT  sing N N 12  
ARG N   CA   sing N N 13  
ARG N   H    sing N N 14  
ARG N   H2   sing N N 15  
ARG CA  C    sing N N 16  
ARG CA  CB   sing N N 17  
ARG CA  HA   sing N N 18  
ARG C   O    doub N N 19  
ARG C   OXT  sing N N 20  
ARG CB  CG   sing N N 21  
ARG CB  HB2  sing N N 22  
ARG CB  HB3  sing N N 23  
ARG CG  CD   sing N N 24  
ARG CG  HG2  sing N N 25  
ARG CG  HG3  sing N N 26  
ARG CD  NE   sing N N 27  
ARG CD  HD2  sing N N 28  
ARG CD  HD3  sing N N 29  
ARG NE  CZ   sing N N 30  
ARG NE  HE   sing N N 31  
ARG CZ  NH1  sing N N 32  
ARG CZ  NH2  doub N N 33  
ARG NH1 HH11 sing N N 34  
ARG NH1 HH12 sing N N 35  
ARG NH2 HH21 sing N N 36  
ARG NH2 HH22 sing N N 37  
ARG OXT HXT  sing N N 38  
ASN N   CA   sing N N 39  
ASN N   H    sing N N 40  
ASN N   H2   sing N N 41  
ASN CA  C    sing N N 42  
ASN CA  CB   sing N N 43  
ASN CA  HA   sing N N 44  
ASN C   O    doub N N 45  
ASN C   OXT  sing N N 46  
ASN CB  CG   sing N N 47  
ASN CB  HB2  sing N N 48  
ASN CB  HB3  sing N N 49  
ASN CG  OD1  doub N N 50  
ASN CG  ND2  sing N N 51  
ASN ND2 HD21 sing N N 52  
ASN ND2 HD22 sing N N 53  
ASN OXT HXT  sing N N 54  
ASP N   CA   sing N N 55  
ASP N   H    sing N N 56  
ASP N   H2   sing N N 57  
ASP CA  C    sing N N 58  
ASP CA  CB   sing N N 59  
ASP CA  HA   sing N N 60  
ASP C   O    doub N N 61  
ASP C   OXT  sing N N 62  
ASP CB  CG   sing N N 63  
ASP CB  HB2  sing N N 64  
ASP CB  HB3  sing N N 65  
ASP CG  OD1  doub N N 66  
ASP CG  OD2  sing N N 67  
ASP OD2 HD2  sing N N 68  
ASP OXT HXT  sing N N 69  
CYS N   CA   sing N N 70  
CYS N   H    sing N N 71  
CYS N   H2   sing N N 72  
CYS CA  C    sing N N 73  
CYS CA  CB   sing N N 74  
CYS CA  HA   sing N N 75  
CYS C   O    doub N N 76  
CYS C   OXT  sing N N 77  
CYS CB  SG   sing N N 78  
CYS CB  HB2  sing N N 79  
CYS CB  HB3  sing N N 80  
CYS SG  HG   sing N N 81  
CYS OXT HXT  sing N N 82  
GLN N   CA   sing N N 83  
GLN N   H    sing N N 84  
GLN N   H2   sing N N 85  
GLN CA  C    sing N N 86  
GLN CA  CB   sing N N 87  
GLN CA  HA   sing N N 88  
GLN C   O    doub N N 89  
GLN C   OXT  sing N N 90  
GLN CB  CG   sing N N 91  
GLN CB  HB2  sing N N 92  
GLN CB  HB3  sing N N 93  
GLN CG  CD   sing N N 94  
GLN CG  HG2  sing N N 95  
GLN CG  HG3  sing N N 96  
GLN CD  OE1  doub N N 97  
GLN CD  NE2  sing N N 98  
GLN NE2 HE21 sing N N 99  
GLN NE2 HE22 sing N N 100 
GLN OXT HXT  sing N N 101 
GLU N   CA   sing N N 102 
GLU N   H    sing N N 103 
GLU N   H2   sing N N 104 
GLU CA  C    sing N N 105 
GLU CA  CB   sing N N 106 
GLU CA  HA   sing N N 107 
GLU C   O    doub N N 108 
GLU C   OXT  sing N N 109 
GLU CB  CG   sing N N 110 
GLU CB  HB2  sing N N 111 
GLU CB  HB3  sing N N 112 
GLU CG  CD   sing N N 113 
GLU CG  HG2  sing N N 114 
GLU CG  HG3  sing N N 115 
GLU CD  OE1  doub N N 116 
GLU CD  OE2  sing N N 117 
GLU OE2 HE2  sing N N 118 
GLU OXT HXT  sing N N 119 
GLY N   CA   sing N N 120 
GLY N   H    sing N N 121 
GLY N   H2   sing N N 122 
GLY CA  C    sing N N 123 
GLY CA  HA2  sing N N 124 
GLY CA  HA3  sing N N 125 
GLY C   O    doub N N 126 
GLY C   OXT  sing N N 127 
GLY OXT HXT  sing N N 128 
HIS N   CA   sing N N 129 
HIS N   H    sing N N 130 
HIS N   H2   sing N N 131 
HIS CA  C    sing N N 132 
HIS CA  CB   sing N N 133 
HIS CA  HA   sing N N 134 
HIS C   O    doub N N 135 
HIS C   OXT  sing N N 136 
HIS CB  CG   sing N N 137 
HIS CB  HB2  sing N N 138 
HIS CB  HB3  sing N N 139 
HIS CG  ND1  sing Y N 140 
HIS CG  CD2  doub Y N 141 
HIS ND1 CE1  doub Y N 142 
HIS ND1 HD1  sing N N 143 
HIS CD2 NE2  sing Y N 144 
HIS CD2 HD2  sing N N 145 
HIS CE1 NE2  sing Y N 146 
HIS CE1 HE1  sing N N 147 
HIS NE2 HE2  sing N N 148 
HIS OXT HXT  sing N N 149 
HOH O   H1   sing N N 150 
HOH O   H2   sing N N 151 
ILE N   CA   sing N N 152 
ILE N   H    sing N N 153 
ILE N   H2   sing N N 154 
ILE CA  C    sing N N 155 
ILE CA  CB   sing N N 156 
ILE CA  HA   sing N N 157 
ILE C   O    doub N N 158 
ILE C   OXT  sing N N 159 
ILE CB  CG1  sing N N 160 
ILE CB  CG2  sing N N 161 
ILE CB  HB   sing N N 162 
ILE CG1 CD1  sing N N 163 
ILE CG1 HG12 sing N N 164 
ILE CG1 HG13 sing N N 165 
ILE CG2 HG21 sing N N 166 
ILE CG2 HG22 sing N N 167 
ILE CG2 HG23 sing N N 168 
ILE CD1 HD11 sing N N 169 
ILE CD1 HD12 sing N N 170 
ILE CD1 HD13 sing N N 171 
ILE OXT HXT  sing N N 172 
LEU N   CA   sing N N 173 
LEU N   H    sing N N 174 
LEU N   H2   sing N N 175 
LEU CA  C    sing N N 176 
LEU CA  CB   sing N N 177 
LEU CA  HA   sing N N 178 
LEU C   O    doub N N 179 
LEU C   OXT  sing N N 180 
LEU CB  CG   sing N N 181 
LEU CB  HB2  sing N N 182 
LEU CB  HB3  sing N N 183 
LEU CG  CD1  sing N N 184 
LEU CG  CD2  sing N N 185 
LEU CG  HG   sing N N 186 
LEU CD1 HD11 sing N N 187 
LEU CD1 HD12 sing N N 188 
LEU CD1 HD13 sing N N 189 
LEU CD2 HD21 sing N N 190 
LEU CD2 HD22 sing N N 191 
LEU CD2 HD23 sing N N 192 
LEU OXT HXT  sing N N 193 
LYS N   CA   sing N N 194 
LYS N   H    sing N N 195 
LYS N   H2   sing N N 196 
LYS CA  C    sing N N 197 
LYS CA  CB   sing N N 198 
LYS CA  HA   sing N N 199 
LYS C   O    doub N N 200 
LYS C   OXT  sing N N 201 
LYS CB  CG   sing N N 202 
LYS CB  HB2  sing N N 203 
LYS CB  HB3  sing N N 204 
LYS CG  CD   sing N N 205 
LYS CG  HG2  sing N N 206 
LYS CG  HG3  sing N N 207 
LYS CD  CE   sing N N 208 
LYS CD  HD2  sing N N 209 
LYS CD  HD3  sing N N 210 
LYS CE  NZ   sing N N 211 
LYS CE  HE2  sing N N 212 
LYS CE  HE3  sing N N 213 
LYS NZ  HZ1  sing N N 214 
LYS NZ  HZ2  sing N N 215 
LYS NZ  HZ3  sing N N 216 
LYS OXT HXT  sing N N 217 
MET N   CA   sing N N 218 
MET N   H    sing N N 219 
MET N   H2   sing N N 220 
MET CA  C    sing N N 221 
MET CA  CB   sing N N 222 
MET CA  HA   sing N N 223 
MET C   O    doub N N 224 
MET C   OXT  sing N N 225 
MET CB  CG   sing N N 226 
MET CB  HB2  sing N N 227 
MET CB  HB3  sing N N 228 
MET CG  SD   sing N N 229 
MET CG  HG2  sing N N 230 
MET CG  HG3  sing N N 231 
MET SD  CE   sing N N 232 
MET CE  HE1  sing N N 233 
MET CE  HE2  sing N N 234 
MET CE  HE3  sing N N 235 
MET OXT HXT  sing N N 236 
PHE N   CA   sing N N 237 
PHE N   H    sing N N 238 
PHE N   H2   sing N N 239 
PHE CA  C    sing N N 240 
PHE CA  CB   sing N N 241 
PHE CA  HA   sing N N 242 
PHE C   O    doub N N 243 
PHE C   OXT  sing N N 244 
PHE CB  CG   sing N N 245 
PHE CB  HB2  sing N N 246 
PHE CB  HB3  sing N N 247 
PHE CG  CD1  doub Y N 248 
PHE CG  CD2  sing Y N 249 
PHE CD1 CE1  sing Y N 250 
PHE CD1 HD1  sing N N 251 
PHE CD2 CE2  doub Y N 252 
PHE CD2 HD2  sing N N 253 
PHE CE1 CZ   doub Y N 254 
PHE CE1 HE1  sing N N 255 
PHE CE2 CZ   sing Y N 256 
PHE CE2 HE2  sing N N 257 
PHE CZ  HZ   sing N N 258 
PHE OXT HXT  sing N N 259 
PRO N   CA   sing N N 260 
PRO N   CD   sing N N 261 
PRO N   H    sing N N 262 
PRO CA  C    sing N N 263 
PRO CA  CB   sing N N 264 
PRO CA  HA   sing N N 265 
PRO C   O    doub N N 266 
PRO C   OXT  sing N N 267 
PRO CB  CG   sing N N 268 
PRO CB  HB2  sing N N 269 
PRO CB  HB3  sing N N 270 
PRO CG  CD   sing N N 271 
PRO CG  HG2  sing N N 272 
PRO CG  HG3  sing N N 273 
PRO CD  HD2  sing N N 274 
PRO CD  HD3  sing N N 275 
PRO OXT HXT  sing N N 276 
SER N   CA   sing N N 277 
SER N   H    sing N N 278 
SER N   H2   sing N N 279 
SER CA  C    sing N N 280 
SER CA  CB   sing N N 281 
SER CA  HA   sing N N 282 
SER C   O    doub N N 283 
SER C   OXT  sing N N 284 
SER CB  OG   sing N N 285 
SER CB  HB2  sing N N 286 
SER CB  HB3  sing N N 287 
SER OG  HG   sing N N 288 
SER OXT HXT  sing N N 289 
THR N   CA   sing N N 290 
THR N   H    sing N N 291 
THR N   H2   sing N N 292 
THR CA  C    sing N N 293 
THR CA  CB   sing N N 294 
THR CA  HA   sing N N 295 
THR C   O    doub N N 296 
THR C   OXT  sing N N 297 
THR CB  OG1  sing N N 298 
THR CB  CG2  sing N N 299 
THR CB  HB   sing N N 300 
THR OG1 HG1  sing N N 301 
THR CG2 HG21 sing N N 302 
THR CG2 HG22 sing N N 303 
THR CG2 HG23 sing N N 304 
THR OXT HXT  sing N N 305 
TRP N   CA   sing N N 306 
TRP N   H    sing N N 307 
TRP N   H2   sing N N 308 
TRP CA  C    sing N N 309 
TRP CA  CB   sing N N 310 
TRP CA  HA   sing N N 311 
TRP C   O    doub N N 312 
TRP C   OXT  sing N N 313 
TRP CB  CG   sing N N 314 
TRP CB  HB2  sing N N 315 
TRP CB  HB3  sing N N 316 
TRP CG  CD1  doub Y N 317 
TRP CG  CD2  sing Y N 318 
TRP CD1 NE1  sing Y N 319 
TRP CD1 HD1  sing N N 320 
TRP CD2 CE2  doub Y N 321 
TRP CD2 CE3  sing Y N 322 
TRP NE1 CE2  sing Y N 323 
TRP NE1 HE1  sing N N 324 
TRP CE2 CZ2  sing Y N 325 
TRP CE3 CZ3  doub Y N 326 
TRP CE3 HE3  sing N N 327 
TRP CZ2 CH2  doub Y N 328 
TRP CZ2 HZ2  sing N N 329 
TRP CZ3 CH2  sing Y N 330 
TRP CZ3 HZ3  sing N N 331 
TRP CH2 HH2  sing N N 332 
TRP OXT HXT  sing N N 333 
TYR N   CA   sing N N 334 
TYR N   H    sing N N 335 
TYR N   H2   sing N N 336 
TYR CA  C    sing N N 337 
TYR CA  CB   sing N N 338 
TYR CA  HA   sing N N 339 
TYR C   O    doub N N 340 
TYR C   OXT  sing N N 341 
TYR CB  CG   sing N N 342 
TYR CB  HB2  sing N N 343 
TYR CB  HB3  sing N N 344 
TYR CG  CD1  doub Y N 345 
TYR CG  CD2  sing Y N 346 
TYR CD1 CE1  sing Y N 347 
TYR CD1 HD1  sing N N 348 
TYR CD2 CE2  doub Y N 349 
TYR CD2 HD2  sing N N 350 
TYR CE1 CZ   doub Y N 351 
TYR CE1 HE1  sing N N 352 
TYR CE2 CZ   sing Y N 353 
TYR CE2 HE2  sing N N 354 
TYR CZ  OH   sing N N 355 
TYR OH  HH   sing N N 356 
TYR OXT HXT  sing N N 357 
VAL N   CA   sing N N 358 
VAL N   H    sing N N 359 
VAL N   H2   sing N N 360 
VAL CA  C    sing N N 361 
VAL CA  CB   sing N N 362 
VAL CA  HA   sing N N 363 
VAL C   O    doub N N 364 
VAL C   OXT  sing N N 365 
VAL CB  CG1  sing N N 366 
VAL CB  CG2  sing N N 367 
VAL CB  HB   sing N N 368 
VAL CG1 HG11 sing N N 369 
VAL CG1 HG12 sing N N 370 
VAL CG1 HG13 sing N N 371 
VAL CG2 HG21 sing N N 372 
VAL CG2 HG22 sing N N 373 
VAL CG2 HG23 sing N N 374 
VAL OXT HXT  sing N N 375 
# 
_pdbx_entity_nonpoly.entity_id   2 
_pdbx_entity_nonpoly.name        water 
_pdbx_entity_nonpoly.comp_id     HOH 
# 
_pdbx_initial_refinement_model.id               1 
_pdbx_initial_refinement_model.entity_id_list   ? 
_pdbx_initial_refinement_model.type             'experimental model' 
_pdbx_initial_refinement_model.source_name      PDB 
_pdbx_initial_refinement_model.accession_code   3EAC 
_pdbx_initial_refinement_model.details          ? 
# 
